data_7JRR
# 
_entry.id   7JRR 
# 
_audit_conform.dict_name       mmcif_pdbx.dic 
_audit_conform.dict_version    5.380 
_audit_conform.dict_location   http://mmcif.pdb.org/dictionaries/ascii/mmcif_pdbx.dic 
# 
loop_
_database_2.database_id 
_database_2.database_code 
_database_2.pdbx_database_accession 
_database_2.pdbx_DOI 
PDB   7JRR         pdb_00007jrr 10.2210/pdb7jrr/pdb 
WWPDB D_1000250945 ?            ?                   
# 
_pdbx_database_status.status_code                     REL 
_pdbx_database_status.status_code_sf                  REL 
_pdbx_database_status.status_code_mr                  ? 
_pdbx_database_status.entry_id                        7JRR 
_pdbx_database_status.recvd_initial_deposition_date   2020-08-12 
_pdbx_database_status.SG_entry                        N 
_pdbx_database_status.deposit_site                    RCSB 
_pdbx_database_status.process_site                    RCSB 
_pdbx_database_status.status_code_cs                  ? 
_pdbx_database_status.status_code_nmr_data            ? 
_pdbx_database_status.methods_development_category    ? 
_pdbx_database_status.pdb_format_compatible           Y 
# 
loop_
_audit_author.name 
_audit_author.pdbx_ordinal 
_audit_author.identifier_ORCID 
'Liu, D.'          1 0000-0002-0708-7466 
'Shao, Y.'         2 0000-0003-3663-1325 
'Piccirilli, J.A.' 3 0000-0002-0541-6270 
'Weizmann, Y.'     4 0000-0002-3467-990X 
# 
_citation.abstract                  ? 
_citation.abstract_id_CAS           ? 
_citation.book_id_ISBN              ? 
_citation.book_publisher            ? 
_citation.book_publisher_city       ? 
_citation.book_title                ? 
_citation.coordinate_linkage        ? 
_citation.country                   US 
_citation.database_id_Medline       ? 
_citation.details                   ? 
_citation.id                        primary 
_citation.journal_abbrev            'Sci Adv' 
_citation.journal_id_ASTM           ? 
_citation.journal_id_CSD            ? 
_citation.journal_id_ISSN           2375-2548 
_citation.journal_full              ? 
_citation.journal_issue             ? 
_citation.journal_volume            7 
_citation.language                  ? 
_citation.page_first                eabf4459 
_citation.page_last                 eabf4459 
_citation.title                     'Structures of artificially designed discrete RNA nanoarchitectures at near-atomic resolution.' 
_citation.year                      2021 
_citation.database_id_CSD           ? 
_citation.pdbx_database_id_DOI      10.1126/sciadv.abf4459 
_citation.pdbx_database_id_PubMed   34550747 
_citation.pdbx_database_id_patent   ? 
_citation.unpublished_flag          ? 
# 
loop_
_citation_author.citation_id 
_citation_author.name 
_citation_author.ordinal 
_citation_author.identifier_ORCID 
primary 'Liu, D.'          1 0000-0002-0708-7466 
primary 'Shao, Y.'         2 ?                   
primary 'Piccirilli, J.A.' 3 0000-0002-0541-6270 
primary 'Weizmann, Y.'     4 0000-0002-3467-990X 
# 
_cell.angle_alpha                  90.000 
_cell.angle_alpha_esd              ? 
_cell.angle_beta                   90.000 
_cell.angle_beta_esd               ? 
_cell.angle_gamma                  90.000 
_cell.angle_gamma_esd              ? 
_cell.entry_id                     7JRR 
_cell.details                      ? 
_cell.formula_units_Z              ? 
_cell.length_a                     40.219 
_cell.length_a_esd                 ? 
_cell.length_b                     40.219 
_cell.length_b_esd                 ? 
_cell.length_c                     202.430 
_cell.length_c_esd                 ? 
_cell.volume                       ? 
_cell.volume_esd                   ? 
_cell.Z_PDB                        8 
_cell.reciprocal_angle_alpha       ? 
_cell.reciprocal_angle_beta        ? 
_cell.reciprocal_angle_gamma       ? 
_cell.reciprocal_angle_alpha_esd   ? 
_cell.reciprocal_angle_beta_esd    ? 
_cell.reciprocal_angle_gamma_esd   ? 
_cell.reciprocal_length_a          ? 
_cell.reciprocal_length_b          ? 
_cell.reciprocal_length_c          ? 
_cell.reciprocal_length_a_esd      ? 
_cell.reciprocal_length_b_esd      ? 
_cell.reciprocal_length_c_esd      ? 
_cell.pdbx_unique_axis             ? 
# 
_symmetry.entry_id                         7JRR 
_symmetry.cell_setting                     ? 
_symmetry.Int_Tables_number                96 
_symmetry.space_group_name_Hall            ? 
_symmetry.space_group_name_H-M             'P 43 21 2' 
_symmetry.pdbx_full_space_group_name_H-M   ? 
# 
loop_
_entity.id 
_entity.type 
_entity.src_method 
_entity.pdbx_description 
_entity.formula_weight 
_entity.pdbx_number_of_molecules 
_entity.pdbx_ec 
_entity.pdbx_mutation 
_entity.pdbx_fragment 
_entity.details 
1 polymer     syn 'RNA (50-MER)'       16694.879 1  ? ? ? ? 
2 non-polymer syn 'MAGNESIUM ION'      24.305    2  ? ? ? ? 
3 non-polymer syn 'MANGANESE (II) ION' 54.938    6  ? ? ? ? 
4 water       nat water                18.015    46 ? ? ? ? 
# 
_entity_poly.entity_id                      1 
_entity_poly.type                           polyribonucleotide 
_entity_poly.nstd_linkage                   no 
_entity_poly.nstd_monomer                   yes 
_entity_poly.pdbx_seq_one_letter_code       '(GTP)GACGGGAGCUGAACCAUCCAGCGAAGAACGUCCCGACGGAUGGUUCGUCG' 
_entity_poly.pdbx_seq_one_letter_code_can   GGACGGGAGCUGAACCAUCCAGCGAAGAACGUCCCGACGGAUGGUUCGUCG 
_entity_poly.pdbx_strand_id                 A 
_entity_poly.pdbx_target_identifier         ? 
# 
loop_
_entity_poly_seq.entity_id 
_entity_poly_seq.num 
_entity_poly_seq.mon_id 
_entity_poly_seq.hetero 
1 1  GTP n 
1 2  G   n 
1 3  A   n 
1 4  C   n 
1 5  G   n 
1 6  G   n 
1 7  G   n 
1 8  A   n 
1 9  G   n 
1 10 C   n 
1 11 U   n 
1 12 G   n 
1 13 A   n 
1 14 A   n 
1 15 C   n 
1 16 C   n 
1 17 A   n 
1 18 U   n 
1 19 C   n 
1 20 C   n 
1 21 A   n 
1 22 G   n 
1 23 C   n 
1 24 G   n 
1 25 A   n 
1 26 A   n 
1 27 G   n 
1 28 A   n 
1 29 A   n 
1 30 C   n 
1 31 G   n 
1 32 U   n 
1 33 C   n 
1 34 C   n 
1 35 C   n 
1 36 G   n 
1 37 A   n 
1 38 C   n 
1 39 G   n 
1 40 G   n 
1 41 A   n 
1 42 U   n 
1 43 G   n 
1 44 G   n 
1 45 U   n 
1 46 U   n 
1 47 C   n 
1 48 G   n 
1 49 U   n 
1 50 C   n 
1 51 G   n 
# 
_pdbx_entity_src_syn.entity_id              1 
_pdbx_entity_src_syn.pdbx_src_id            1 
_pdbx_entity_src_syn.pdbx_alt_source_flag   sample 
_pdbx_entity_src_syn.pdbx_beg_seq_num       1 
_pdbx_entity_src_syn.pdbx_end_seq_num       51 
_pdbx_entity_src_syn.organism_scientific    'synthetic construct' 
_pdbx_entity_src_syn.organism_common_name   ? 
_pdbx_entity_src_syn.ncbi_taxonomy_id       32630 
_pdbx_entity_src_syn.details                ? 
# 
_struct_ref.id                         1 
_struct_ref.db_name                    PDB 
_struct_ref.db_code                    7JRR 
_struct_ref.pdbx_db_accession          7JRR 
_struct_ref.pdbx_db_isoform            ? 
_struct_ref.entity_id                  1 
_struct_ref.pdbx_seq_one_letter_code   ? 
_struct_ref.pdbx_align_begin           1 
# 
_struct_ref_seq.align_id                      1 
_struct_ref_seq.ref_id                        1 
_struct_ref_seq.pdbx_PDB_id_code              7JRR 
_struct_ref_seq.pdbx_strand_id                A 
_struct_ref_seq.seq_align_beg                 1 
_struct_ref_seq.pdbx_seq_align_beg_ins_code   ? 
_struct_ref_seq.seq_align_end                 51 
_struct_ref_seq.pdbx_seq_align_end_ins_code   ? 
_struct_ref_seq.pdbx_db_accession             7JRR 
_struct_ref_seq.db_align_beg                  1 
_struct_ref_seq.pdbx_db_align_beg_ins_code    ? 
_struct_ref_seq.db_align_end                  51 
_struct_ref_seq.pdbx_db_align_end_ins_code    ? 
_struct_ref_seq.pdbx_auth_seq_align_beg       1 
_struct_ref_seq.pdbx_auth_seq_align_end       51 
# 
loop_
_chem_comp.id 
_chem_comp.type 
_chem_comp.mon_nstd_flag 
_chem_comp.name 
_chem_comp.pdbx_synonyms 
_chem_comp.formula 
_chem_comp.formula_weight 
A   'RNA linking' y "ADENOSINE-5'-MONOPHOSPHATE" ? 'C10 H14 N5 O7 P'   347.221 
C   'RNA linking' y "CYTIDINE-5'-MONOPHOSPHATE"  ? 'C9 H14 N3 O8 P'    323.197 
G   'RNA linking' y "GUANOSINE-5'-MONOPHOSPHATE" ? 'C10 H14 N5 O8 P'   363.221 
GTP non-polymer   n "GUANOSINE-5'-TRIPHOSPHATE"  ? 'C10 H16 N5 O14 P3' 523.180 
HOH non-polymer   . WATER                        ? 'H2 O'              18.015  
MG  non-polymer   . 'MAGNESIUM ION'              ? 'Mg 2'              24.305  
MN  non-polymer   . 'MANGANESE (II) ION'         ? 'Mn 2'              54.938  
U   'RNA linking' y "URIDINE-5'-MONOPHOSPHATE"   ? 'C9 H13 N2 O9 P'    324.181 
# 
_exptl.absorpt_coefficient_mu     ? 
_exptl.absorpt_correction_T_max   ? 
_exptl.absorpt_correction_T_min   ? 
_exptl.absorpt_correction_type    ? 
_exptl.absorpt_process_details    ? 
_exptl.entry_id                   7JRR 
_exptl.crystals_number            1 
_exptl.details                    ? 
_exptl.method                     'X-RAY DIFFRACTION' 
_exptl.method_details             ? 
# 
_exptl_crystal.colour                      ? 
_exptl_crystal.density_diffrn              ? 
_exptl_crystal.density_Matthews            2.45 
_exptl_crystal.density_method              ? 
_exptl_crystal.density_percent_sol         49.83 
_exptl_crystal.description                 ? 
_exptl_crystal.F_000                       ? 
_exptl_crystal.id                          1 
_exptl_crystal.preparation                 ? 
_exptl_crystal.size_max                    ? 
_exptl_crystal.size_mid                    ? 
_exptl_crystal.size_min                    ? 
_exptl_crystal.size_rad                    ? 
_exptl_crystal.colour_lustre               ? 
_exptl_crystal.colour_modifier             ? 
_exptl_crystal.colour_primary              ? 
_exptl_crystal.density_meas                ? 
_exptl_crystal.density_meas_esd            ? 
_exptl_crystal.density_meas_gt             ? 
_exptl_crystal.density_meas_lt             ? 
_exptl_crystal.density_meas_temp           ? 
_exptl_crystal.density_meas_temp_esd       ? 
_exptl_crystal.density_meas_temp_gt        ? 
_exptl_crystal.density_meas_temp_lt        ? 
_exptl_crystal.pdbx_crystal_image_url      ? 
_exptl_crystal.pdbx_crystal_image_format   ? 
_exptl_crystal.pdbx_mosaicity              ? 
_exptl_crystal.pdbx_mosaicity_esd          ? 
# 
_exptl_crystal_grow.apparatus       ? 
_exptl_crystal_grow.atmosphere      ? 
_exptl_crystal_grow.crystal_id      1 
_exptl_crystal_grow.details         ? 
_exptl_crystal_grow.method          'VAPOR DIFFUSION, HANGING DROP' 
_exptl_crystal_grow.method_ref      ? 
_exptl_crystal_grow.pH              7.0 
_exptl_crystal_grow.pressure        ? 
_exptl_crystal_grow.pressure_esd    ? 
_exptl_crystal_grow.seeding         ? 
_exptl_crystal_grow.seeding_ref     ? 
_exptl_crystal_grow.temp            295 
_exptl_crystal_grow.temp_details    ? 
_exptl_crystal_grow.temp_esd        ? 
_exptl_crystal_grow.time            ? 
_exptl_crystal_grow.pdbx_details    '50 mM HEPES pH 7.0, 20 of mM KCl, 5 mM of MnCl2, 35 % (v/v) MPD' 
_exptl_crystal_grow.pdbx_pH_range   ? 
# 
_diffrn.ambient_environment              ? 
_diffrn.ambient_temp                     100 
_diffrn.ambient_temp_details             ? 
_diffrn.ambient_temp_esd                 ? 
_diffrn.crystal_id                       1 
_diffrn.crystal_support                  ? 
_diffrn.crystal_treatment                ? 
_diffrn.details                          ? 
_diffrn.id                               1 
_diffrn.ambient_pressure                 ? 
_diffrn.ambient_pressure_esd             ? 
_diffrn.ambient_pressure_gt              ? 
_diffrn.ambient_pressure_lt              ? 
_diffrn.ambient_temp_gt                  ? 
_diffrn.ambient_temp_lt                  ? 
_diffrn.pdbx_serial_crystal_experiment   N 
# 
_diffrn_detector.details                      ? 
_diffrn_detector.detector                     PIXEL 
_diffrn_detector.diffrn_id                    1 
_diffrn_detector.type                         'PSI PILATUS 6M' 
_diffrn_detector.area_resol_mean              ? 
_diffrn_detector.dtime                        ? 
_diffrn_detector.pdbx_frames_total            ? 
_diffrn_detector.pdbx_collection_time_total   ? 
_diffrn_detector.pdbx_collection_date         2016-04-11 
_diffrn_detector.pdbx_frequency               ? 
# 
_diffrn_radiation.collimation                      ? 
_diffrn_radiation.diffrn_id                        1 
_diffrn_radiation.filter_edge                      ? 
_diffrn_radiation.inhomogeneity                    ? 
_diffrn_radiation.monochromator                    ? 
_diffrn_radiation.polarisn_norm                    ? 
_diffrn_radiation.polarisn_ratio                   ? 
_diffrn_radiation.probe                            ? 
_diffrn_radiation.type                             ? 
_diffrn_radiation.xray_symbol                      ? 
_diffrn_radiation.wavelength_id                    1 
_diffrn_radiation.pdbx_monochromatic_or_laue_m_l   M 
_diffrn_radiation.pdbx_wavelength_list             ? 
_diffrn_radiation.pdbx_wavelength                  ? 
_diffrn_radiation.pdbx_diffrn_protocol             'SINGLE WAVELENGTH' 
_diffrn_radiation.pdbx_analyzer                    ? 
_diffrn_radiation.pdbx_scattering_type             x-ray 
# 
_diffrn_radiation_wavelength.id           1 
_diffrn_radiation_wavelength.wavelength   0.97918 
_diffrn_radiation_wavelength.wt           1.0 
# 
_diffrn_source.current                     ? 
_diffrn_source.details                     ? 
_diffrn_source.diffrn_id                   1 
_diffrn_source.power                       ? 
_diffrn_source.size                        ? 
_diffrn_source.source                      SYNCHROTRON 
_diffrn_source.target                      ? 
_diffrn_source.type                        'APS BEAMLINE 24-ID-E' 
_diffrn_source.voltage                     ? 
_diffrn_source.take-off_angle              ? 
_diffrn_source.pdbx_wavelength_list        0.97918 
_diffrn_source.pdbx_wavelength             ? 
_diffrn_source.pdbx_synchrotron_beamline   24-ID-E 
_diffrn_source.pdbx_synchrotron_site       APS 
# 
_reflns.B_iso_Wilson_estimate                          47.85 
_reflns.entry_id                                       7JRR 
_reflns.data_reduction_details                         ? 
_reflns.data_reduction_method                          ? 
_reflns.d_resolution_high                              2.0879 
_reflns.d_resolution_low                               40.22 
_reflns.details                                        ? 
_reflns.limit_h_max                                    ? 
_reflns.limit_h_min                                    ? 
_reflns.limit_k_max                                    ? 
_reflns.limit_k_min                                    ? 
_reflns.limit_l_max                                    ? 
_reflns.limit_l_min                                    ? 
_reflns.number_all                                     ? 
_reflns.number_obs                                     10347 
_reflns.observed_criterion                             ? 
_reflns.observed_criterion_F_max                       ? 
_reflns.observed_criterion_F_min                       ? 
_reflns.observed_criterion_I_max                       ? 
_reflns.observed_criterion_I_min                       ? 
_reflns.observed_criterion_sigma_F                     ? 
_reflns.observed_criterion_sigma_I                     ? 
_reflns.percent_possible_obs                           96.8 
_reflns.R_free_details                                 ? 
_reflns.Rmerge_F_all                                   ? 
_reflns.Rmerge_F_obs                                   ? 
_reflns.Friedel_coverage                               ? 
_reflns.number_gt                                      ? 
_reflns.threshold_expression                           ? 
_reflns.pdbx_redundancy                                7.1 
_reflns.pdbx_Rmerge_I_obs                              ? 
_reflns.pdbx_Rmerge_I_all                              ? 
_reflns.pdbx_Rsym_value                                ? 
_reflns.pdbx_netI_over_av_sigmaI                       ? 
_reflns.pdbx_netI_over_sigmaI                          23.3 
_reflns.pdbx_res_netI_over_av_sigmaI_2                 ? 
_reflns.pdbx_res_netI_over_sigmaI_2                    ? 
_reflns.pdbx_chi_squared                               ? 
_reflns.pdbx_scaling_rejects                           ? 
_reflns.pdbx_d_res_high_opt                            ? 
_reflns.pdbx_d_res_low_opt                             ? 
_reflns.pdbx_d_res_opt_method                          ? 
_reflns.phase_calculation_details                      ? 
_reflns.pdbx_Rrim_I_all                                ? 
_reflns.pdbx_Rpim_I_all                                ? 
_reflns.pdbx_d_opt                                     ? 
_reflns.pdbx_number_measured_all                       ? 
_reflns.pdbx_diffrn_id                                 1 
_reflns.pdbx_ordinal                                   1 
_reflns.pdbx_CC_half                                   0.999 
_reflns.pdbx_CC_star                                   ? 
_reflns.pdbx_R_split                                   ? 
_reflns.pdbx_aniso_diffraction_limit_axis_1_ortho[1]   ? 
_reflns.pdbx_aniso_diffraction_limit_axis_1_ortho[2]   ? 
_reflns.pdbx_aniso_diffraction_limit_axis_1_ortho[3]   ? 
_reflns.pdbx_aniso_diffraction_limit_axis_2_ortho[1]   ? 
_reflns.pdbx_aniso_diffraction_limit_axis_2_ortho[2]   ? 
_reflns.pdbx_aniso_diffraction_limit_axis_2_ortho[3]   ? 
_reflns.pdbx_aniso_diffraction_limit_axis_3_ortho[1]   ? 
_reflns.pdbx_aniso_diffraction_limit_axis_3_ortho[2]   ? 
_reflns.pdbx_aniso_diffraction_limit_axis_3_ortho[3]   ? 
_reflns.pdbx_aniso_diffraction_limit_1                 ? 
_reflns.pdbx_aniso_diffraction_limit_2                 ? 
_reflns.pdbx_aniso_diffraction_limit_3                 ? 
_reflns.pdbx_aniso_B_tensor_eigenvector_1_ortho[1]     ? 
_reflns.pdbx_aniso_B_tensor_eigenvector_1_ortho[2]     ? 
_reflns.pdbx_aniso_B_tensor_eigenvector_1_ortho[3]     ? 
_reflns.pdbx_aniso_B_tensor_eigenvector_2_ortho[1]     ? 
_reflns.pdbx_aniso_B_tensor_eigenvector_2_ortho[2]     ? 
_reflns.pdbx_aniso_B_tensor_eigenvector_2_ortho[3]     ? 
_reflns.pdbx_aniso_B_tensor_eigenvector_3_ortho[1]     ? 
_reflns.pdbx_aniso_B_tensor_eigenvector_3_ortho[2]     ? 
_reflns.pdbx_aniso_B_tensor_eigenvector_3_ortho[3]     ? 
_reflns.pdbx_aniso_B_tensor_eigenvalue_1               ? 
_reflns.pdbx_aniso_B_tensor_eigenvalue_2               ? 
_reflns.pdbx_aniso_B_tensor_eigenvalue_3               ? 
_reflns.pdbx_orthogonalization_convention              ? 
_reflns.pdbx_percent_possible_ellipsoidal              ? 
_reflns.pdbx_percent_possible_spherical                ? 
_reflns.pdbx_percent_possible_ellipsoidal_anomalous    ? 
_reflns.pdbx_percent_possible_spherical_anomalous      ? 
_reflns.pdbx_redundancy_anomalous                      ? 
_reflns.pdbx_CC_half_anomalous                         ? 
_reflns.pdbx_absDiff_over_sigma_anomalous              ? 
_reflns.pdbx_percent_possible_anomalous                ? 
_reflns.pdbx_observed_signal_threshold                 ? 
_reflns.pdbx_signal_type                               ? 
_reflns.pdbx_signal_details                            ? 
_reflns.pdbx_signal_software_id                        ? 
# 
_reflns_shell.d_res_high                                    2.09 
_reflns_shell.d_res_low                                     2.15 
_reflns_shell.meanI_over_sigI_all                           ? 
_reflns_shell.meanI_over_sigI_obs                           0.9 
_reflns_shell.number_measured_all                           ? 
_reflns_shell.number_measured_obs                           ? 
_reflns_shell.number_possible                               ? 
_reflns_shell.number_unique_all                             ? 
_reflns_shell.number_unique_obs                             614 
_reflns_shell.percent_possible_all                          77.7 
_reflns_shell.percent_possible_obs                          ? 
_reflns_shell.Rmerge_F_all                                  ? 
_reflns_shell.Rmerge_F_obs                                  ? 
_reflns_shell.Rmerge_I_all                                  ? 
_reflns_shell.Rmerge_I_obs                                  1.052 
_reflns_shell.meanI_over_sigI_gt                            ? 
_reflns_shell.meanI_over_uI_all                             ? 
_reflns_shell.meanI_over_uI_gt                              ? 
_reflns_shell.number_measured_gt                            ? 
_reflns_shell.number_unique_gt                              ? 
_reflns_shell.percent_possible_gt                           ? 
_reflns_shell.Rmerge_F_gt                                   ? 
_reflns_shell.Rmerge_I_gt                                   ? 
_reflns_shell.pdbx_redundancy                               2.4 
_reflns_shell.pdbx_Rsym_value                               ? 
_reflns_shell.pdbx_chi_squared                              ? 
_reflns_shell.pdbx_netI_over_sigmaI_all                     ? 
_reflns_shell.pdbx_netI_over_sigmaI_obs                     ? 
_reflns_shell.pdbx_Rrim_I_all                               ? 
_reflns_shell.pdbx_Rpim_I_all                               ? 
_reflns_shell.pdbx_rejects                                  ? 
_reflns_shell.pdbx_ordinal                                  1 
_reflns_shell.pdbx_diffrn_id                                1 
_reflns_shell.pdbx_CC_half                                  0.3 
_reflns_shell.pdbx_CC_star                                  ? 
_reflns_shell.pdbx_R_split                                  ? 
_reflns_shell.pdbx_percent_possible_ellipsoidal             ? 
_reflns_shell.pdbx_percent_possible_spherical               ? 
_reflns_shell.pdbx_percent_possible_ellipsoidal_anomalous   ? 
_reflns_shell.pdbx_percent_possible_spherical_anomalous     ? 
_reflns_shell.pdbx_redundancy_anomalous                     ? 
_reflns_shell.pdbx_CC_half_anomalous                        ? 
_reflns_shell.pdbx_absDiff_over_sigma_anomalous             ? 
_reflns_shell.pdbx_percent_possible_anomalous               ? 
# 
_refine.aniso_B[1][1]                            ? 
_refine.aniso_B[1][2]                            ? 
_refine.aniso_B[1][3]                            ? 
_refine.aniso_B[2][2]                            ? 
_refine.aniso_B[2][3]                            ? 
_refine.aniso_B[3][3]                            ? 
_refine.B_iso_max                                109.310 
_refine.B_iso_mean                               57.7634 
_refine.B_iso_min                                27.630 
_refine.correlation_coeff_Fo_to_Fc               ? 
_refine.correlation_coeff_Fo_to_Fc_free          ? 
_refine.details                                  ? 
_refine.diff_density_max                         ? 
_refine.diff_density_max_esd                     ? 
_refine.diff_density_min                         ? 
_refine.diff_density_min_esd                     ? 
_refine.diff_density_rms                         ? 
_refine.diff_density_rms_esd                     ? 
_refine.entry_id                                 7JRR 
_refine.pdbx_refine_id                           'X-RAY DIFFRACTION' 
_refine.ls_abs_structure_details                 ? 
_refine.ls_abs_structure_Flack                   ? 
_refine.ls_abs_structure_Flack_esd               ? 
_refine.ls_abs_structure_Rogers                  ? 
_refine.ls_abs_structure_Rogers_esd              ? 
_refine.ls_d_res_high                            2.1600 
_refine.ls_d_res_low                             28.1630 
_refine.ls_extinction_coef                       ? 
_refine.ls_extinction_coef_esd                   ? 
_refine.ls_extinction_expression                 ? 
_refine.ls_extinction_method                     ? 
_refine.ls_goodness_of_fit_all                   ? 
_refine.ls_goodness_of_fit_all_esd               ? 
_refine.ls_goodness_of_fit_obs                   ? 
_refine.ls_goodness_of_fit_obs_esd               ? 
_refine.ls_hydrogen_treatment                    ? 
_refine.ls_matrix_type                           ? 
_refine.ls_number_constraints                    ? 
_refine.ls_number_parameters                     ? 
_refine.ls_number_reflns_all                     ? 
_refine.ls_number_reflns_obs                     9320 
_refine.ls_number_reflns_R_free                  932 
_refine.ls_number_reflns_R_work                  8388 
_refine.ls_number_restraints                     ? 
_refine.ls_percent_reflns_obs                    95.9700 
_refine.ls_percent_reflns_R_free                 10.0000 
_refine.ls_R_factor_all                          ? 
_refine.ls_R_factor_obs                          0.2295 
_refine.ls_R_factor_R_free                       0.2598 
_refine.ls_R_factor_R_free_error                 ? 
_refine.ls_R_factor_R_free_error_details         ? 
_refine.ls_R_factor_R_work                       0.2261 
_refine.ls_R_Fsqd_factor_obs                     ? 
_refine.ls_R_I_factor_obs                        ? 
_refine.ls_redundancy_reflns_all                 ? 
_refine.ls_redundancy_reflns_obs                 ? 
_refine.ls_restrained_S_all                      ? 
_refine.ls_restrained_S_obs                      ? 
_refine.ls_shift_over_esd_max                    ? 
_refine.ls_shift_over_esd_mean                   ? 
_refine.ls_structure_factor_coef                 ? 
_refine.ls_weighting_details                     ? 
_refine.ls_weighting_scheme                      ? 
_refine.ls_wR_factor_all                         ? 
_refine.ls_wR_factor_obs                         ? 
_refine.ls_wR_factor_R_free                      ? 
_refine.ls_wR_factor_R_work                      ? 
_refine.occupancy_max                            ? 
_refine.occupancy_min                            ? 
_refine.solvent_model_details                    'FLAT BULK SOLVENT MODEL' 
_refine.solvent_model_param_bsol                 ? 
_refine.solvent_model_param_ksol                 ? 
_refine.pdbx_R_complete                          ? 
_refine.ls_R_factor_gt                           ? 
_refine.ls_goodness_of_fit_gt                    ? 
_refine.ls_goodness_of_fit_ref                   ? 
_refine.ls_shift_over_su_max                     ? 
_refine.ls_shift_over_su_max_lt                  ? 
_refine.ls_shift_over_su_mean                    ? 
_refine.ls_shift_over_su_mean_lt                 ? 
_refine.pdbx_ls_sigma_I                          ? 
_refine.pdbx_ls_sigma_F                          0.000 
_refine.pdbx_ls_sigma_Fsqd                       ? 
_refine.pdbx_data_cutoff_high_absF               ? 
_refine.pdbx_data_cutoff_high_rms_absF           ? 
_refine.pdbx_data_cutoff_low_absF                ? 
_refine.pdbx_isotropic_thermal_model             ? 
_refine.pdbx_ls_cross_valid_method               THROUGHOUT 
_refine.pdbx_method_to_determine_struct          'MOLECULAR REPLACEMENT' 
_refine.pdbx_starting_model                      'PDB ID: 2NOK' 
_refine.pdbx_stereochemistry_target_values       ML 
_refine.pdbx_R_Free_selection_details            ? 
_refine.pdbx_stereochem_target_val_spec_case     ? 
_refine.pdbx_overall_ESU_R                       ? 
_refine.pdbx_overall_ESU_R_Free                  ? 
_refine.pdbx_solvent_vdw_probe_radii             1.1100 
_refine.pdbx_solvent_ion_probe_radii             ? 
_refine.pdbx_solvent_shrinkage_radii             0.9000 
_refine.pdbx_real_space_R                        ? 
_refine.pdbx_density_correlation                 ? 
_refine.pdbx_pd_number_of_powder_patterns        ? 
_refine.pdbx_pd_number_of_points                 ? 
_refine.pdbx_pd_meas_number_of_points            ? 
_refine.pdbx_pd_proc_ls_prof_R_factor            ? 
_refine.pdbx_pd_proc_ls_prof_wR_factor           ? 
_refine.pdbx_pd_Marquardt_correlation_coeff      ? 
_refine.pdbx_pd_Fsqrd_R_factor                   ? 
_refine.pdbx_pd_ls_matrix_band_width             ? 
_refine.pdbx_overall_phase_error                 29.0800 
_refine.pdbx_overall_SU_R_free_Cruickshank_DPI   ? 
_refine.pdbx_overall_SU_R_free_Blow_DPI          ? 
_refine.pdbx_overall_SU_R_Blow_DPI               ? 
_refine.pdbx_TLS_residual_ADP_flag               ? 
_refine.pdbx_diffrn_id                           1 
_refine.overall_SU_B                             ? 
_refine.overall_SU_ML                            0.2900 
_refine.overall_SU_R_Cruickshank_DPI             ? 
_refine.overall_SU_R_free                        ? 
_refine.overall_FOM_free_R_set                   ? 
_refine.overall_FOM_work_R_set                   ? 
_refine.pdbx_average_fsc_overall                 ? 
_refine.pdbx_average_fsc_work                    ? 
_refine.pdbx_average_fsc_free                    ? 
# 
_refine_hist.pdbx_refine_id                   'X-RAY DIFFRACTION' 
_refine_hist.cycle_id                         final 
_refine_hist.details                          ? 
_refine_hist.d_res_high                       2.1600 
_refine_hist.d_res_low                        28.1630 
_refine_hist.number_atoms_solvent             46 
_refine_hist.number_atoms_total               1193 
_refine_hist.number_reflns_all                ? 
_refine_hist.number_reflns_obs                ? 
_refine_hist.number_reflns_R_free             ? 
_refine_hist.number_reflns_R_work             ? 
_refine_hist.R_factor_all                     ? 
_refine_hist.R_factor_obs                     ? 
_refine_hist.R_factor_R_free                  ? 
_refine_hist.R_factor_R_work                  ? 
_refine_hist.pdbx_number_residues_total       50 
_refine_hist.pdbx_B_iso_mean_ligand           67.51 
_refine_hist.pdbx_B_iso_mean_solvent          51.14 
_refine_hist.pdbx_number_atoms_protein        0 
_refine_hist.pdbx_number_atoms_nucleic_acid   1107 
_refine_hist.pdbx_number_atoms_ligand         40 
_refine_hist.pdbx_number_atoms_lipid          ? 
_refine_hist.pdbx_number_atoms_carb           ? 
_refine_hist.pdbx_pseudo_atom_details         ? 
# 
loop_
_refine_ls_restr.pdbx_refine_id 
_refine_ls_restr.criterion 
_refine_ls_restr.dev_ideal 
_refine_ls_restr.dev_ideal_target 
_refine_ls_restr.number 
_refine_ls_restr.rejects 
_refine_ls_restr.type 
_refine_ls_restr.weight 
_refine_ls_restr.pdbx_restraint_function 
'X-RAY DIFFRACTION' ? 0.005  ? 1238 ? f_bond_d           ? ? 
'X-RAY DIFFRACTION' ? 1.237  ? 1929 ? f_angle_d          ? ? 
'X-RAY DIFFRACTION' ? 0.048  ? 254  ? f_chiral_restr     ? ? 
'X-RAY DIFFRACTION' ? 0.007  ? 51   ? f_plane_restr      ? ? 
'X-RAY DIFFRACTION' ? 14.628 ? 611  ? f_dihedral_angle_d ? ? 
# 
loop_
_refine_ls_shell.pdbx_refine_id 
_refine_ls_shell.d_res_high 
_refine_ls_shell.d_res_low 
_refine_ls_shell.number_reflns_all 
_refine_ls_shell.number_reflns_obs 
_refine_ls_shell.number_reflns_R_free 
_refine_ls_shell.number_reflns_R_work 
_refine_ls_shell.percent_reflns_obs 
_refine_ls_shell.percent_reflns_R_free 
_refine_ls_shell.R_factor_all 
_refine_ls_shell.R_factor_obs 
_refine_ls_shell.R_factor_R_free 
_refine_ls_shell.R_factor_R_free_error 
_refine_ls_shell.R_factor_R_work 
_refine_ls_shell.redundancy_reflns_all 
_refine_ls_shell.redundancy_reflns_obs 
_refine_ls_shell.wR_factor_all 
_refine_ls_shell.wR_factor_obs 
_refine_ls_shell.wR_factor_R_free 
_refine_ls_shell.wR_factor_R_work 
_refine_ls_shell.pdbx_R_complete 
_refine_ls_shell.pdbx_total_number_of_bins_used 
_refine_ls_shell.pdbx_phase_error 
_refine_ls_shell.pdbx_fsc_work 
_refine_ls_shell.pdbx_fsc_free 
'X-RAY DIFFRACTION' 2.1600 2.2739  . . 108 1003 82.0000  . . . 0.3575 0.0000 0.3585 . . . . . . . . . . . 
'X-RAY DIFFRACTION' 2.2739 2.4163  . . 129 1146 96.0000  . . . 0.3402 0.0000 0.3095 . . . . . . . . . . . 
'X-RAY DIFFRACTION' 2.4163 2.6027  . . 134 1193 98.0000  . . . 0.3468 0.0000 0.3045 . . . . . . . . . . . 
'X-RAY DIFFRACTION' 2.6027 2.8644  . . 137 1223 99.0000  . . . 0.3407 0.0000 0.3110 . . . . . . . . . . . 
'X-RAY DIFFRACTION' 2.8644 3.2784  . . 137 1231 100.0000 . . . 0.2926 0.0000 0.2395 . . . . . . . . . . . 
'X-RAY DIFFRACTION' 3.2784 4.1283  . . 140 1267 100.0000 . . . 0.2172 0.0000 0.1942 . . . . . . . . . . . 
'X-RAY DIFFRACTION' 4.1283 28.1630 . . 147 1325 96.0000  . . . 0.2289 0.0000 0.1919 . . . . . . . . . . . 
# 
_struct.entry_id                     7JRR 
_struct.title                        'Crystal structures of artificially designed homomeric RNA nanoarchitectures' 
_struct.pdbx_model_details           ? 
_struct.pdbx_formula_weight          ? 
_struct.pdbx_formula_weight_method   ? 
_struct.pdbx_model_type_details      ? 
_struct.pdbx_CASP_flag               N 
# 
_struct_keywords.entry_id        7JRR 
_struct_keywords.text            'nano structure, dimeric parallelogram, RNA' 
_struct_keywords.pdbx_keywords   RNA 
# 
loop_
_struct_asym.id 
_struct_asym.pdbx_blank_PDB_chainid_flag 
_struct_asym.pdbx_modified 
_struct_asym.entity_id 
_struct_asym.details 
A N N 1 ? 
B N N 2 ? 
C N N 3 ? 
D N N 3 ? 
E N N 3 ? 
F N N 3 ? 
G N N 3 ? 
H N N 3 ? 
I N N 2 ? 
J N N 4 ? 
# 
loop_
_struct_conn.id 
_struct_conn.conn_type_id 
_struct_conn.pdbx_leaving_atom_flag 
_struct_conn.pdbx_PDB_id 
_struct_conn.ptnr1_label_asym_id 
_struct_conn.ptnr1_label_comp_id 
_struct_conn.ptnr1_label_seq_id 
_struct_conn.ptnr1_label_atom_id 
_struct_conn.pdbx_ptnr1_label_alt_id 
_struct_conn.pdbx_ptnr1_PDB_ins_code 
_struct_conn.pdbx_ptnr1_standard_comp_id 
_struct_conn.ptnr1_symmetry 
_struct_conn.ptnr2_label_asym_id 
_struct_conn.ptnr2_label_comp_id 
_struct_conn.ptnr2_label_seq_id 
_struct_conn.ptnr2_label_atom_id 
_struct_conn.pdbx_ptnr2_label_alt_id 
_struct_conn.pdbx_ptnr2_PDB_ins_code 
_struct_conn.ptnr1_auth_asym_id 
_struct_conn.ptnr1_auth_comp_id 
_struct_conn.ptnr1_auth_seq_id 
_struct_conn.ptnr2_auth_asym_id 
_struct_conn.ptnr2_auth_comp_id 
_struct_conn.ptnr2_auth_seq_id 
_struct_conn.ptnr2_symmetry 
_struct_conn.pdbx_ptnr3_label_atom_id 
_struct_conn.pdbx_ptnr3_label_seq_id 
_struct_conn.pdbx_ptnr3_label_comp_id 
_struct_conn.pdbx_ptnr3_label_asym_id 
_struct_conn.pdbx_ptnr3_label_alt_id 
_struct_conn.pdbx_ptnr3_PDB_ins_code 
_struct_conn.details 
_struct_conn.pdbx_dist_value 
_struct_conn.pdbx_value_order 
_struct_conn.pdbx_role 
covale1  covale both ? A GTP 1  "O3'" ? ? ? 1_555 A G   2  P  ? ? A GTP 1   A G   2   1_555 ? ? ? ? ? ? ?             1.562 ? ? 
metalc1  metalc ?    ? A GTP 1  N7    ? ? ? 1_555 D MN  .  MN ? ? A GTP 1   A MN  103 1_555 ? ? ? ? ? ? ?             2.518 ? ? 
metalc2  metalc ?    ? A GTP 1  O3G   ? ? ? 1_555 G MN  .  MN ? ? A GTP 1   A MN  106 1_555 ? ? ? ? ? ? ?             2.782 ? ? 
metalc3  metalc ?    ? A G   7  OP2   ? ? ? 1_555 E MN  .  MN ? ? A G   7   A MN  104 1_555 ? ? ? ? ? ? ?             2.034 ? ? 
metalc4  metalc ?    ? A A   13 OP1   ? ? ? 1_555 C MN  .  MN ? ? A A   13  A MN  102 7_555 ? ? ? ? ? ? ?             2.238 ? ? 
metalc5  metalc ?    ? A G   39 OP2   ? ? ? 1_555 B MG  .  MG ? ? A G   39  A MG  101 1_555 ? ? ? ? ? ? ?             2.677 ? ? 
metalc6  metalc ?    ? A G   40 OP1   ? ? ? 1_555 C MN  .  MN ? ? A G   40  A MN  102 1_555 ? ? ? ? ? ? ?             2.078 ? ? 
metalc7  metalc ?    ? A A   41 OP1   ? ? ? 1_555 B MG  .  MG ? ? A A   41  A MG  101 1_555 ? ? ? ? ? ? ?             1.956 ? ? 
metalc8  metalc ?    ? C MN  .  MN    ? ? ? 1_555 J HOH .  O  ? ? A MN  102 A HOH 208 7_555 ? ? ? ? ? ? ?             2.010 ? ? 
metalc9  metalc ?    ? D MN  .  MN    ? ? ? 1_555 J HOH .  O  ? ? A MN  103 A HOH 209 1_555 ? ? ? ? ? ? ?             2.338 ? ? 
metalc10 metalc ?    ? E MN  .  MN    ? ? ? 1_555 J HOH .  O  ? ? A MN  104 A HOH 220 1_555 ? ? ? ? ? ? ?             2.014 ? ? 
metalc11 metalc ?    ? E MN  .  MN    ? ? ? 1_555 J HOH .  O  ? ? A MN  104 A HOH 223 5_444 ? ? ? ? ? ? ?             2.020 ? ? 
metalc12 metalc ?    ? H MN  .  MN    ? ? ? 1_555 J HOH .  O  ? ? A MN  107 A HOH 218 1_555 ? ? ? ? ? ? ?             2.327 ? ? 
metalc13 metalc ?    ? I MG  .  MG    ? ? ? 1_555 J HOH .  O  ? ? A MG  108 A HOH 216 5_454 ? ? ? ? ? ? ?             2.116 ? ? 
metalc14 metalc ?    ? I MG  .  MG    ? ? ? 1_555 J HOH .  O  ? ? A MG  108 A HOH 237 1_555 ? ? ? ? ? ? ?             1.882 ? ? 
metalc15 metalc ?    ? I MG  .  MG    ? ? ? 1_555 J HOH .  O  ? ? A MG  108 A HOH 246 1_555 ? ? ? ? ? ? ?             2.121 ? ? 
hydrog1  hydrog ?    ? A GTP 1  N1    ? ? ? 1_555 A C   34 N3 ? ? A GTP 1   A C   34  1_555 ? ? ? ? ? ? WATSON-CRICK  ?     ? ? 
hydrog2  hydrog ?    ? A GTP 1  N2    ? ? ? 1_555 A C   34 O2 ? ? A GTP 1   A C   34  1_555 ? ? ? ? ? ? WATSON-CRICK  ?     ? ? 
hydrog3  hydrog ?    ? A GTP 1  O6    ? ? ? 1_555 A C   34 N4 ? ? A GTP 1   A C   34  1_555 ? ? ? ? ? ? WATSON-CRICK  ?     ? ? 
hydrog4  hydrog ?    ? A G   2  N1    ? ? ? 1_555 A C   33 N3 ? ? A G   2   A C   33  1_555 ? ? ? ? ? ? WATSON-CRICK  ?     ? ? 
hydrog5  hydrog ?    ? A G   2  N2    ? ? ? 1_555 A C   33 O2 ? ? A G   2   A C   33  1_555 ? ? ? ? ? ? WATSON-CRICK  ?     ? ? 
hydrog6  hydrog ?    ? A G   2  O6    ? ? ? 1_555 A C   33 N4 ? ? A G   2   A C   33  1_555 ? ? ? ? ? ? WATSON-CRICK  ?     ? ? 
hydrog7  hydrog ?    ? A A   3  N1    ? ? ? 1_555 A U   32 N3 ? ? A A   3   A U   32  1_555 ? ? ? ? ? ? WATSON-CRICK  ?     ? ? 
hydrog8  hydrog ?    ? A A   3  N6    ? ? ? 1_555 A U   32 O4 ? ? A A   3   A U   32  1_555 ? ? ? ? ? ? WATSON-CRICK  ?     ? ? 
hydrog9  hydrog ?    ? A C   4  N3    ? ? ? 1_555 A G   31 N1 ? ? A C   4   A G   31  1_555 ? ? ? ? ? ? WATSON-CRICK  ?     ? ? 
hydrog10 hydrog ?    ? A C   4  N4    ? ? ? 1_555 A G   31 O6 ? ? A C   4   A G   31  1_555 ? ? ? ? ? ? WATSON-CRICK  ?     ? ? 
hydrog11 hydrog ?    ? A C   4  O2    ? ? ? 1_555 A G   31 N2 ? ? A C   4   A G   31  1_555 ? ? ? ? ? ? WATSON-CRICK  ?     ? ? 
hydrog12 hydrog ?    ? A G   5  N1    ? ? ? 1_555 A C   30 N3 ? ? A G   5   A C   30  1_555 ? ? ? ? ? ? WATSON-CRICK  ?     ? ? 
hydrog13 hydrog ?    ? A G   5  N2    ? ? ? 1_555 A C   30 O2 ? ? A G   5   A C   30  1_555 ? ? ? ? ? ? WATSON-CRICK  ?     ? ? 
hydrog14 hydrog ?    ? A G   5  O6    ? ? ? 1_555 A C   30 N4 ? ? A G   5   A C   30  1_555 ? ? ? ? ? ? WATSON-CRICK  ?     ? ? 
hydrog15 hydrog ?    ? A G   6  N2    ? ? ? 1_555 A A   29 N7 ? ? A G   6   A A   29  1_555 ? ? ? ? ? ? TYPE_11_PAIR  ?     ? ? 
hydrog16 hydrog ?    ? A G   6  N3    ? ? ? 1_555 A A   29 N6 ? ? A G   6   A A   29  1_555 ? ? ? ? ? ? TYPE_11_PAIR  ?     ? ? 
hydrog17 hydrog ?    ? A G   7  N2    ? ? ? 1_555 A A   28 N7 ? ? A G   7   A A   28  1_555 ? ? ? ? ? ? TYPE_11_PAIR  ?     ? ? 
hydrog18 hydrog ?    ? A G   7  N3    ? ? ? 1_555 A A   28 N6 ? ? A G   7   A A   28  1_555 ? ? ? ? ? ? TYPE_11_PAIR  ?     ? ? 
hydrog19 hydrog ?    ? A A   8  N3    ? ? ? 1_555 A G   24 N2 ? ? A A   8   A G   24  1_555 ? ? ? ? ? ? 'A-G MISPAIR' ?     ? ? 
hydrog20 hydrog ?    ? A A   8  N6    ? ? ? 1_555 A G   27 N3 ? ? A A   8   A G   27  1_555 ? ? ? ? ? ? TYPE_11_PAIR  ?     ? ? 
hydrog21 hydrog ?    ? A A   8  N7    ? ? ? 1_555 A G   27 N2 ? ? A A   8   A G   27  1_555 ? ? ? ? ? ? TYPE_11_PAIR  ?     ? ? 
hydrog22 hydrog ?    ? A G   9  N1    ? ? ? 1_555 A C   23 N3 ? ? A G   9   A C   23  1_555 ? ? ? ? ? ? WATSON-CRICK  ?     ? ? 
hydrog23 hydrog ?    ? A G   9  N2    ? ? ? 1_555 A C   23 O2 ? ? A G   9   A C   23  1_555 ? ? ? ? ? ? WATSON-CRICK  ?     ? ? 
hydrog24 hydrog ?    ? A G   9  O6    ? ? ? 1_555 A C   23 N4 ? ? A G   9   A C   23  1_555 ? ? ? ? ? ? WATSON-CRICK  ?     ? ? 
hydrog25 hydrog ?    ? A C   10 N3    ? ? ? 1_555 A G   22 N1 ? ? A C   10  A G   22  1_555 ? ? ? ? ? ? WATSON-CRICK  ?     ? ? 
hydrog26 hydrog ?    ? A C   10 N4    ? ? ? 1_555 A G   22 O6 ? ? A C   10  A G   22  1_555 ? ? ? ? ? ? WATSON-CRICK  ?     ? ? 
hydrog27 hydrog ?    ? A C   10 O2    ? ? ? 1_555 A G   22 N2 ? ? A C   10  A G   22  1_555 ? ? ? ? ? ? WATSON-CRICK  ?     ? ? 
hydrog28 hydrog ?    ? A U   11 N3    ? ? ? 1_555 A A   21 N1 ? ? A U   11  A A   21  1_555 ? ? ? ? ? ? WATSON-CRICK  ?     ? ? 
hydrog29 hydrog ?    ? A U   11 O4    ? ? ? 1_555 A A   21 N6 ? ? A U   11  A A   21  1_555 ? ? ? ? ? ? WATSON-CRICK  ?     ? ? 
hydrog30 hydrog ?    ? A G   12 N1    ? ? ? 1_555 A C   20 N3 ? ? A G   12  A C   20  1_555 ? ? ? ? ? ? WATSON-CRICK  ?     ? ? 
hydrog31 hydrog ?    ? A G   12 N2    ? ? ? 1_555 A C   20 O2 ? ? A G   12  A C   20  1_555 ? ? ? ? ? ? WATSON-CRICK  ?     ? ? 
hydrog32 hydrog ?    ? A G   12 O6    ? ? ? 1_555 A C   20 N4 ? ? A G   12  A C   20  1_555 ? ? ? ? ? ? WATSON-CRICK  ?     ? ? 
hydrog33 hydrog ?    ? A C   35 N3    ? ? ? 1_555 A G   51 N1 ? ? A C   35  A G   51  1_555 ? ? ? ? ? ? WATSON-CRICK  ?     ? ? 
hydrog34 hydrog ?    ? A C   35 N4    ? ? ? 1_555 A G   51 O6 ? ? A C   35  A G   51  1_555 ? ? ? ? ? ? WATSON-CRICK  ?     ? ? 
hydrog35 hydrog ?    ? A C   35 O2    ? ? ? 1_555 A G   51 N2 ? ? A C   35  A G   51  1_555 ? ? ? ? ? ? WATSON-CRICK  ?     ? ? 
hydrog36 hydrog ?    ? A G   36 N1    ? ? ? 1_555 A C   50 N3 ? ? A G   36  A C   50  1_555 ? ? ? ? ? ? WATSON-CRICK  ?     ? ? 
hydrog37 hydrog ?    ? A G   36 N2    ? ? ? 1_555 A C   50 O2 ? ? A G   36  A C   50  1_555 ? ? ? ? ? ? WATSON-CRICK  ?     ? ? 
hydrog38 hydrog ?    ? A G   36 O6    ? ? ? 1_555 A C   50 N4 ? ? A G   36  A C   50  1_555 ? ? ? ? ? ? WATSON-CRICK  ?     ? ? 
hydrog39 hydrog ?    ? A A   37 N1    ? ? ? 1_555 A U   49 N3 ? ? A A   37  A U   49  1_555 ? ? ? ? ? ? WATSON-CRICK  ?     ? ? 
hydrog40 hydrog ?    ? A A   37 N6    ? ? ? 1_555 A U   49 O4 ? ? A A   37  A U   49  1_555 ? ? ? ? ? ? WATSON-CRICK  ?     ? ? 
hydrog41 hydrog ?    ? A C   38 N3    ? ? ? 1_555 A G   48 N1 ? ? A C   38  A G   48  1_555 ? ? ? ? ? ? WATSON-CRICK  ?     ? ? 
hydrog42 hydrog ?    ? A C   38 N4    ? ? ? 1_555 A G   48 O6 ? ? A C   38  A G   48  1_555 ? ? ? ? ? ? WATSON-CRICK  ?     ? ? 
hydrog43 hydrog ?    ? A C   38 O2    ? ? ? 1_555 A G   48 N2 ? ? A C   38  A G   48  1_555 ? ? ? ? ? ? WATSON-CRICK  ?     ? ? 
hydrog44 hydrog ?    ? A G   39 N1    ? ? ? 1_555 A C   47 N3 ? ? A G   39  A C   47  1_555 ? ? ? ? ? ? WATSON-CRICK  ?     ? ? 
hydrog45 hydrog ?    ? A G   39 N2    ? ? ? 1_555 A C   47 O2 ? ? A G   39  A C   47  1_555 ? ? ? ? ? ? WATSON-CRICK  ?     ? ? 
hydrog46 hydrog ?    ? A G   39 O6    ? ? ? 1_555 A C   47 N4 ? ? A G   39  A C   47  1_555 ? ? ? ? ? ? WATSON-CRICK  ?     ? ? 
# 
loop_
_struct_conn_type.id 
_struct_conn_type.criteria 
_struct_conn_type.reference 
covale ? ? 
metalc ? ? 
hydrog ? ? 
# 
_atom_sites.entry_id                    7JRR 
_atom_sites.Cartn_transf_matrix[1][1]   ? 
_atom_sites.Cartn_transf_matrix[1][2]   ? 
_atom_sites.Cartn_transf_matrix[1][3]   ? 
_atom_sites.Cartn_transf_matrix[2][1]   ? 
_atom_sites.Cartn_transf_matrix[2][2]   ? 
_atom_sites.Cartn_transf_matrix[2][3]   ? 
_atom_sites.Cartn_transf_matrix[3][1]   ? 
_atom_sites.Cartn_transf_matrix[3][2]   ? 
_atom_sites.Cartn_transf_matrix[3][3]   ? 
_atom_sites.Cartn_transf_vector[1]      ? 
_atom_sites.Cartn_transf_vector[2]      ? 
_atom_sites.Cartn_transf_vector[3]      ? 
_atom_sites.fract_transf_matrix[1][1]   -0.00026826 
_atom_sites.fract_transf_matrix[1][2]   -0.00948869 
_atom_sites.fract_transf_matrix[1][3]   -0.02298067 
_atom_sites.fract_transf_matrix[2][1]   0.02173363 
_atom_sites.fract_transf_matrix[2][2]   -0.01125080 
_atom_sites.fract_transf_matrix[2][3]   0.00439174 
_atom_sites.fract_transf_matrix[3][1]   -0.00239899 
_atom_sites.fract_transf_matrix[3][2]   -0.00398157 
_atom_sites.fract_transf_matrix[3][3]   0.00167199 
_atom_sites.fract_transf_vector[1]      -0.008384 
_atom_sites.fract_transf_vector[2]      -0.003795 
_atom_sites.fract_transf_vector[3]      -0.074954 
_atom_sites.solution_primary            ? 
_atom_sites.solution_secondary          ? 
_atom_sites.solution_hydrogens          ? 
_atom_sites.special_details             ? 
# 
loop_
_atom_type.symbol 
C  
MG 
MN 
N  
O  
P  
# 
loop_
_atom_site.group_PDB 
_atom_site.id 
_atom_site.type_symbol 
_atom_site.label_atom_id 
_atom_site.label_alt_id 
_atom_site.label_comp_id 
_atom_site.label_asym_id 
_atom_site.label_entity_id 
_atom_site.label_seq_id 
_atom_site.pdbx_PDB_ins_code 
_atom_site.Cartn_x 
_atom_site.Cartn_y 
_atom_site.Cartn_z 
_atom_site.occupancy 
_atom_site.B_iso_or_equiv 
_atom_site.pdbx_formal_charge 
_atom_site.auth_seq_id 
_atom_site.auth_comp_id 
_atom_site.auth_asym_id 
_atom_site.auth_atom_id 
_atom_site.pdbx_PDB_model_num 
HETATM 1    P  PG    . GTP A 1 1  ? 2.855   4.821   -5.759  1.00 96.87  ? 1   GTP A PG    1 
HETATM 2    O  O1G   . GTP A 1 1  ? 2.545   6.148   -5.091  1.00 90.65  ? 1   GTP A O1G   1 
HETATM 3    O  O2G   . GTP A 1 1  ? 1.668   4.353   -6.586  1.00 76.75  ? 1   GTP A O2G   1 
HETATM 4    O  O3G   . GTP A 1 1  ? 4.093   4.952   -6.624  1.00 82.42  ? 1   GTP A O3G   1 
HETATM 5    O  O3B   . GTP A 1 1  ? 3.145   3.759   -4.585  1.00 90.41  ? 1   GTP A O3B   1 
HETATM 6    P  PB    . GTP A 1 1  ? 2.052   2.631   -4.229  1.00 98.63  ? 1   GTP A PB    1 
HETATM 7    O  O1B   . GTP A 1 1  ? 2.517   1.906   -2.979  1.00 89.79  ? 1   GTP A O1B   1 
HETATM 8    O  O2B   . GTP A 1 1  ? 0.677   3.249   -4.034  1.00 73.63  ? 1   GTP A O2B   1 
HETATM 9    O  O3A   . GTP A 1 1  ? 2.133   1.675   -5.543  1.00 90.49  ? 1   GTP A O3A   1 
HETATM 10   P  PA    . GTP A 1 1  ? 3.484   0.864   -5.953  1.00 84.98  ? 1   GTP A PA    1 
HETATM 11   O  O1A   . GTP A 1 1  ? 3.481   -0.511  -5.306  1.00 78.69  ? 1   GTP A O1A   1 
HETATM 12   O  O2A   . GTP A 1 1  ? 4.716   1.675   -5.613  1.00 84.87  ? 1   GTP A O2A   1 
HETATM 13   O  "O5'" . GTP A 1 1  ? 3.445   0.644   -7.547  1.00 78.03  ? 1   GTP A "O5'" 1 
HETATM 14   C  "C5'" . GTP A 1 1  ? 3.733   1.723   -8.396  1.00 69.57  ? 1   GTP A "C5'" 1 
HETATM 15   C  "C4'" . GTP A 1 1  ? 3.157   1.516   -9.792  1.00 65.25  ? 1   GTP A "C4'" 1 
HETATM 16   O  "O4'" . GTP A 1 1  ? 2.011   0.672   -9.784  1.00 59.47  ? 1   GTP A "O4'" 1 
HETATM 17   C  "C3'" . GTP A 1 1  ? 2.709   2.852   -10.372 1.00 63.80  ? 1   GTP A "C3'" 1 
HETATM 18   O  "O3'" . GTP A 1 1  ? 3.761   3.625   -10.967 1.00 68.56  ? 1   GTP A "O3'" 1 
HETATM 19   C  "C2'" . GTP A 1 1  ? 1.583   2.418   -11.296 1.00 60.41  ? 1   GTP A "C2'" 1 
HETATM 20   O  "O2'" . GTP A 1 1  ? 2.088   2.020   -12.546 1.00 56.07  ? 1   GTP A "O2'" 1 
HETATM 21   C  "C1'" . GTP A 1 1  ? 0.966   1.223   -10.568 1.00 52.47  ? 1   GTP A "C1'" 1 
HETATM 22   N  N9    . GTP A 1 1  ? -0.080  1.743   -9.657  1.00 47.38  ? 1   GTP A N9    1 
HETATM 23   C  C8    . GTP A 1 1  ? -0.188  1.513   -8.305  1.00 50.72  ? 1   GTP A C8    1 
HETATM 24   N  N7    . GTP A 1 1  ? -1.272  2.171   -7.827  1.00 48.46  ? 1   GTP A N7    1 
HETATM 25   C  C5    . GTP A 1 1  ? -1.862  2.821   -8.863  1.00 50.06  ? 1   GTP A C5    1 
HETATM 26   C  C6    . GTP A 1 1  ? -2.992  3.633   -8.961  1.00 49.30  ? 1   GTP A C6    1 
HETATM 27   O  O6    . GTP A 1 1  ? -3.675  3.888   -7.974  1.00 45.86  ? 1   GTP A O6    1 
HETATM 28   N  N1    . GTP A 1 1  ? -3.368  4.155   -10.178 1.00 45.61  ? 1   GTP A N1    1 
HETATM 29   C  C2    . GTP A 1 1  ? -2.615  3.885   -11.286 1.00 44.89  ? 1   GTP A C2    1 
HETATM 30   N  N2    . GTP A 1 1  ? -2.954  4.389   -12.466 1.00 48.60  ? 1   GTP A N2    1 
HETATM 31   N  N3    . GTP A 1 1  ? -1.504  3.085   -11.186 1.00 48.19  ? 1   GTP A N3    1 
HETATM 32   C  C4    . GTP A 1 1  ? -1.129  2.555   -10.007 1.00 43.20  ? 1   GTP A C4    1 
ATOM   33   P  P     . G   A 1 2  ? 4.487   5.006   -10.903 1.00 70.55  ? 2   G   A P     1 
ATOM   34   O  OP1   . G   A 1 2  ? 5.332   4.154   -11.783 1.00 75.78  ? 2   G   A OP1   1 
ATOM   35   O  OP2   . G   A 1 2  ? 4.199   4.594   -9.503  1.00 62.04  ? 2   G   A OP2   1 
ATOM   36   O  "O5'" . G   A 1 2  ? 3.157   5.419   -11.678 1.00 57.46  ? 2   G   A "O5'" 1 
ATOM   37   C  "C5'" . G   A 1 2  ? 3.135   5.465   -13.094 1.00 53.99  ? 2   G   A "C5'" 1 
ATOM   38   C  "C4'" . G   A 1 2  ? 2.062   6.395   -13.592 1.00 59.35  ? 2   G   A "C4'" 1 
ATOM   39   O  "O4'" . G   A 1 2  ? 0.756   5.832   -13.305 1.00 63.05  ? 2   G   A "O4'" 1 
ATOM   40   C  "C3'" . G   A 1 2  ? 2.027   7.768   -12.944 1.00 58.10  ? 2   G   A "C3'" 1 
ATOM   41   O  "O3'" . G   A 1 2  ? 2.953   8.663   -13.528 1.00 59.95  ? 2   G   A "O3'" 1 
ATOM   42   C  "C2'" . G   A 1 2  ? 0.578   8.186   -13.138 1.00 58.94  ? 2   G   A "C2'" 1 
ATOM   43   O  "O2'" . G   A 1 2  ? 0.364   8.628   -14.474 1.00 58.11  ? 2   G   A "O2'" 1 
ATOM   44   C  "C1'" . G   A 1 2  ? -0.143  6.854   -12.937 1.00 54.41  ? 2   G   A "C1'" 1 
ATOM   45   N  N9    . G   A 1 2  ? -0.518  6.631   -11.525 1.00 51.45  ? 2   G   A N9    1 
ATOM   46   C  C8    . G   A 1 2  ? 0.079   5.789   -10.619 1.00 54.26  ? 2   G   A C8    1 
ATOM   47   N  N7    . G   A 1 2  ? -0.472  5.801   -9.431  1.00 48.20  ? 2   G   A N7    1 
ATOM   48   C  C5    . G   A 1 2  ? -1.505  6.726   -9.575  1.00 51.19  ? 2   G   A C5    1 
ATOM   49   C  C6    . G   A 1 2  ? -2.479  7.182   -8.640  1.00 51.23  ? 2   G   A C6    1 
ATOM   50   O  O6    . G   A 1 2  ? -2.639  6.870   -7.451  1.00 52.06  ? 2   G   A O6    1 
ATOM   51   N  N1    . G   A 1 2  ? -3.336  8.112   -9.209  1.00 47.43  ? 2   G   A N1    1 
ATOM   52   C  C2    . G   A 1 2  ? -3.266  8.548   -10.502 1.00 48.62  ? 2   G   A C2    1 
ATOM   53   N  N2    . G   A 1 2  ? -4.178  9.454   -10.851 1.00 51.44  ? 2   G   A N2    1 
ATOM   54   N  N3    . G   A 1 2  ? -2.381  8.143   -11.388 1.00 48.30  ? 2   G   A N3    1 
ATOM   55   C  C4    . G   A 1 2  ? -1.542  7.237   -10.855 1.00 50.48  ? 2   G   A C4    1 
ATOM   56   P  P     . A   A 1 3  ? 3.601   9.841   -12.655 1.00 54.17  ? 3   A   A P     1 
ATOM   57   O  OP1   . A   A 1 3  ? 4.594   10.494  -13.540 1.00 64.56  ? 3   A   A OP1   1 
ATOM   58   O  OP2   . A   A 1 3  ? 3.980   9.360   -11.301 1.00 56.24  ? 3   A   A OP2   1 
ATOM   59   O  "O5'" . A   A 1 3  ? 2.390   10.845  -12.462 1.00 56.80  ? 3   A   A "O5'" 1 
ATOM   60   C  "C5'" . A   A 1 3  ? 1.846   11.537  -13.567 1.00 50.35  ? 3   A   A "C5'" 1 
ATOM   61   C  "C4'" . A   A 1 3  ? 0.752   12.455  -13.114 1.00 53.67  ? 3   A   A "C4'" 1 
ATOM   62   O  "O4'" . A   A 1 3  ? -0.403  11.684  -12.673 1.00 61.22  ? 3   A   A "O4'" 1 
ATOM   63   C  "C3'" . A   A 1 3  ? 1.087   13.315  -11.908 1.00 49.54  ? 3   A   A "C3'" 1 
ATOM   64   O  "O3'" . A   A 1 3  ? 1.885   14.439  -12.244 1.00 56.62  ? 3   A   A "O3'" 1 
ATOM   65   C  "C2'" . A   A 1 3  ? -0.296  13.673  -11.396 1.00 50.11  ? 3   A   A "C2'" 1 
ATOM   66   O  "O2'" . A   A 1 3  ? -0.885  14.628  -12.273 1.00 52.13  ? 3   A   A "O2'" 1 
ATOM   67   C  "C1'" . A   A 1 3  ? -1.022  12.341  -11.582 1.00 55.71  ? 3   A   A "C1'" 1 
ATOM   68   N  N9    . A   A 1 3  ? -0.905  11.479  -10.379 1.00 51.54  ? 3   A   A N9    1 
ATOM   69   C  C8    . A   A 1 3  ? -0.006  10.464  -10.182 1.00 48.33  ? 3   A   A C8    1 
ATOM   70   N  N7    . A   A 1 3  ? -0.116  9.873   -9.011  1.00 52.65  ? 3   A   A N7    1 
ATOM   71   C  C5    . A   A 1 3  ? -1.151  10.550  -8.385  1.00 41.81  ? 3   A   A C5    1 
ATOM   72   C  C6    . A   A 1 3  ? -1.737  10.400  -7.113  1.00 47.47  ? 3   A   A C6    1 
ATOM   73   N  N6    . A   A 1 3  ? -1.333  9.465   -6.234  1.00 42.46  ? 3   A   A N6    1 
ATOM   74   N  N1    . A   A 1 3  ? -2.761  11.241  -6.771  1.00 42.05  ? 3   A   A N1    1 
ATOM   75   C  C2    . A   A 1 3  ? -3.130  12.162  -7.677  1.00 48.50  ? 3   A   A C2    1 
ATOM   76   N  N3    . A   A 1 3  ? -2.649  12.400  -8.903  1.00 40.04  ? 3   A   A N3    1 
ATOM   77   C  C4    . A   A 1 3  ? -1.646  11.548  -9.207  1.00 46.22  ? 3   A   A C4    1 
ATOM   78   P  P     . C   A 1 4  ? 2.998   15.004  -11.228 1.00 56.08  ? 4   C   A P     1 
ATOM   79   O  OP1   . C   A 1 4  ? 3.846   15.934  -12.020 1.00 58.52  ? 4   C   A OP1   1 
ATOM   80   O  OP2   . C   A 1 4  ? 3.649   13.908  -10.463 1.00 59.33  ? 4   C   A OP2   1 
ATOM   81   O  "O5'" . C   A 1 4  ? 2.138   15.810  -10.159 1.00 47.69  ? 4   C   A "O5'" 1 
ATOM   82   C  "C5'" . C   A 1 4  ? 1.125   16.719  -10.569 1.00 51.99  ? 4   C   A "C5'" 1 
ATOM   83   C  "C4'" . C   A 1 4  ? 0.271   17.135  -9.404  1.00 41.51  ? 4   C   A "C4'" 1 
ATOM   84   O  "O4'" . C   A 1 4  ? -0.514  16.002  -8.962  1.00 51.32  ? 4   C   A "O4'" 1 
ATOM   85   C  "C3'" . C   A 1 4  ? 1.039   17.548  -8.169  1.00 48.69  ? 4   C   A "C3'" 1 
ATOM   86   O  "O3'" . C   A 1 4  ? 1.513   18.885  -8.251  1.00 45.56  ? 4   C   A "O3'" 1 
ATOM   87   C  "C2'" . C   A 1 4  ? 0.032   17.295  -7.046  1.00 44.02  ? 4   C   A "C2'" 1 
ATOM   88   O  "O2'" . C   A 1 4  ? -0.889  18.369  -6.949  1.00 47.35  ? 4   C   A "O2'" 1 
ATOM   89   C  "C1'" . C   A 1 4  ? -0.712  16.061  -7.569  1.00 40.83  ? 4   C   A "C1'" 1 
ATOM   90   N  N1    . C   A 1 4  ? -0.235  14.791  -6.967  1.00 40.45  ? 4   C   A N1    1 
ATOM   91   C  C2    . C   A 1 4  ? -0.783  14.387  -5.744  1.00 49.55  ? 4   C   A C2    1 
ATOM   92   O  O2    . C   A 1 4  ? -1.647  15.126  -5.221  1.00 47.88  ? 4   C   A O2    1 
ATOM   93   N  N3    . C   A 1 4  ? -0.376  13.215  -5.165  1.00 40.53  ? 4   C   A N3    1 
ATOM   94   C  C4    . C   A 1 4  ? 0.535   12.465  -5.768  1.00 38.48  ? 4   C   A C4    1 
ATOM   95   N  N4    . C   A 1 4  ? 0.910   11.344  -5.156  1.00 38.82  ? 4   C   A N4    1 
ATOM   96   C  C5    . C   A 1 4  ? 1.109   12.848  -7.014  1.00 45.58  ? 4   C   A C5    1 
ATOM   97   C  C6    . C   A 1 4  ? 0.701   14.000  -7.573  1.00 44.78  ? 4   C   A C6    1 
ATOM   98   P  P     . G   A 1 5  ? 2.747   19.369  -7.349  1.00 51.09  ? 5   G   A P     1 
ATOM   99   O  OP1   . G   A 1 5  ? 3.148   20.753  -7.736  1.00 59.94  ? 5   G   A OP1   1 
ATOM   100  O  OP2   . G   A 1 5  ? 3.774   18.298  -7.275  1.00 51.44  ? 5   G   A OP2   1 
ATOM   101  O  "O5'" . G   A 1 5  ? 2.087   19.513  -5.925  1.00 50.72  ? 5   G   A "O5'" 1 
ATOM   102  C  "C5'" . G   A 1 5  ? 2.722   19.011  -4.773  1.00 44.38  ? 5   G   A "C5'" 1 
ATOM   103  C  "C4'" . G   A 1 5  ? 1.699   18.799  -3.701  1.00 40.93  ? 5   G   A "C4'" 1 
ATOM   104  O  "O4'" . G   A 1 5  ? 0.924   17.604  -3.992  1.00 39.92  ? 5   G   A "O4'" 1 
ATOM   105  C  "C3'" . G   A 1 5  ? 2.258   18.562  -2.314  1.00 43.86  ? 5   G   A "C3'" 1 
ATOM   106  O  "O3'" . G   A 1 5  ? 2.565   19.781  -1.670  1.00 39.26  ? 5   G   A "O3'" 1 
ATOM   107  C  "C2'" . G   A 1 5  ? 1.141   17.776  -1.644  1.00 40.72  ? 5   G   A "C2'" 1 
ATOM   108  O  "O2'" . G   A 1 5  ? 0.086   18.649  -1.280  1.00 44.20  ? 5   G   A "O2'" 1 
ATOM   109  C  "C1'" . G   A 1 5  ? 0.646   16.912  -2.800  1.00 38.07  ? 5   G   A "C1'" 1 
ATOM   110  N  N9    . G   A 1 5  ? 1.303   15.590  -2.853  1.00 41.37  ? 5   G   A N9    1 
ATOM   111  C  C8    . G   A 1 5  ? 2.151   15.108  -3.824  1.00 37.76  ? 5   G   A C8    1 
ATOM   112  N  N7    . G   A 1 5  ? 2.539   13.880  -3.600  1.00 42.12  ? 5   G   A N7    1 
ATOM   113  C  C5    . G   A 1 5  ? 1.906   13.527  -2.411  1.00 40.05  ? 5   G   A C5    1 
ATOM   114  C  C6    . G   A 1 5  ? 1.928   12.319  -1.668  1.00 37.77  ? 5   G   A C6    1 
ATOM   115  O  O6    . G   A 1 5  ? 2.550   11.288  -1.920  1.00 38.33  ? 5   G   A O6    1 
ATOM   116  N  N1    . G   A 1 5  ? 1.128   12.374  -0.522  1.00 37.61  ? 5   G   A N1    1 
ATOM   117  C  C2    . G   A 1 5  ? 0.402   13.476  -0.135  1.00 42.66  ? 5   G   A C2    1 
ATOM   118  N  N2    . G   A 1 5  ? -0.314  13.355  1.006   1.00 37.48  ? 5   G   A N2    1 
ATOM   119  N  N3    . G   A 1 5  ? 0.358   14.608  -0.837  1.00 38.52  ? 5   G   A N3    1 
ATOM   120  C  C4    . G   A 1 5  ? 1.125   14.563  -1.949  1.00 41.59  ? 5   G   A C4    1 
ATOM   121  P  P     . G   A 1 6  ? 3.865   19.918  -0.747  1.00 32.47  ? 6   G   A P     1 
ATOM   122  O  OP1   . G   A 1 6  ? 3.650   21.123  0.102   1.00 36.47  ? 6   G   A OP1   1 
ATOM   123  O  OP2   . G   A 1 6  ? 5.062   19.807  -1.588  1.00 45.06  ? 6   G   A OP2   1 
ATOM   124  O  "O5'" . G   A 1 6  ? 3.712   18.700  0.281   1.00 33.14  ? 6   G   A "O5'" 1 
ATOM   125  C  "C5'" . G   A 1 6  ? 2.682   18.722  1.255   1.00 28.84  ? 6   G   A "C5'" 1 
ATOM   126  C  "C4'" . G   A 1 6  ? 2.655   17.457  2.069   1.00 32.12  ? 6   G   A "C4'" 1 
ATOM   127  O  "O4'" . G   A 1 6  ? 2.317   16.341  1.209   1.00 36.85  ? 6   G   A "O4'" 1 
ATOM   128  C  "C3'" . G   A 1 6  ? 3.984   17.083  2.704   1.00 33.30  ? 6   G   A "C3'" 1 
ATOM   129  O  "O3'" . G   A 1 6  ? 4.145   17.697  3.975   1.00 38.86  ? 6   G   A "O3'" 1 
ATOM   130  C  "C2'" . G   A 1 6  ? 3.934   15.559  2.768   1.00 31.68  ? 6   G   A "C2'" 1 
ATOM   131  O  "O2'" . G   A 1 6  ? 3.230   15.132  3.926   1.00 32.49  ? 6   G   A "O2'" 1 
ATOM   132  C  "C1'" . G   A 1 6  ? 3.095   15.214  1.541   1.00 35.81  ? 6   G   A "C1'" 1 
ATOM   133  N  N9    . G   A 1 6  ? 3.910   14.867  0.358   1.00 36.56  ? 6   G   A N9    1 
ATOM   134  C  C8    . G   A 1 6  ? 4.269   15.707  -0.668  1.00 35.00  ? 6   G   A C8    1 
ATOM   135  N  N7    . G   A 1 6  ? 4.974   15.112  -1.603  1.00 38.13  ? 6   G   A N7    1 
ATOM   136  C  C5    . G   A 1 6  ? 5.087   13.799  -1.152  1.00 38.98  ? 6   G   A C5    1 
ATOM   137  C  C6    . G   A 1 6  ? 5.736   12.669  -1.724  1.00 37.27  ? 6   G   A C6    1 
ATOM   138  O  O6    . G   A 1 6  ? 6.376   12.586  -2.783  1.00 39.82  ? 6   G   A O6    1 
ATOM   139  N  N1    . G   A 1 6  ? 5.585   11.533  -0.940  1.00 27.63  ? 6   G   A N1    1 
ATOM   140  C  C2    . G   A 1 6  ? 4.921   11.474  0.247   1.00 37.48  ? 6   G   A C2    1 
ATOM   141  N  N2    . G   A 1 6  ? 4.922   10.275  0.850   1.00 33.42  ? 6   G   A N2    1 
ATOM   142  N  N3    . G   A 1 6  ? 4.314   12.516  0.803   1.00 38.05  ? 6   G   A N3    1 
ATOM   143  C  C4    . G   A 1 6  ? 4.430   13.633  0.052   1.00 34.21  ? 6   G   A C4    1 
ATOM   144  P  P     . G   A 1 7  ? 5.587   18.253  4.424   1.00 37.16  ? 7   G   A P     1 
ATOM   145  O  OP1   . G   A 1 7  ? 5.424   19.066  5.651   1.00 35.15  ? 7   G   A OP1   1 
ATOM   146  O  OP2   . G   A 1 7  ? 6.294   18.782  3.248   1.00 29.01  ? 7   G   A OP2   1 
ATOM   147  O  "O5'" . G   A 1 7  ? 6.346   16.932  4.830   1.00 30.90  ? 7   G   A "O5'" 1 
ATOM   148  C  "C5'" . G   A 1 7  ? 5.808   16.079  5.823   1.00 30.54  ? 7   G   A "C5'" 1 
ATOM   149  C  "C4'" . G   A 1 7  ? 6.649   14.841  5.925   1.00 40.25  ? 7   G   A "C4'" 1 
ATOM   150  O  "O4'" . G   A 1 7  ? 6.708   14.203  4.619   1.00 39.58  ? 7   G   A "O4'" 1 
ATOM   151  C  "C3'" . G   A 1 7  ? 8.089   15.128  6.326   1.00 35.38  ? 7   G   A "C3'" 1 
ATOM   152  O  "O3'" . G   A 1 7  ? 8.570   14.067  7.110   1.00 39.99  ? 7   G   A "O3'" 1 
ATOM   153  C  "C2'" . G   A 1 7  ? 8.836   15.134  5.010   1.00 34.66  ? 7   G   A "C2'" 1 
ATOM   154  O  "O2'" . G   A 1 7  ? 10.200  14.775  5.148   1.00 37.90  ? 7   G   A "O2'" 1 
ATOM   155  C  "C1'" . G   A 1 7  ? 8.051   14.102  4.195   1.00 39.10  ? 7   G   A "C1'" 1 
ATOM   156  N  N9    . G   A 1 7  ? 8.146   14.358  2.754   1.00 32.97  ? 7   G   A N9    1 
ATOM   157  C  C8    . G   A 1 7  ? 8.264   15.615  2.214   1.00 38.37  ? 7   G   A C8    1 
ATOM   158  N  N7    . G   A 1 7  ? 8.392   15.614  0.916   1.00 38.55  ? 7   G   A N7    1 
ATOM   159  C  C5    . G   A 1 7  ? 8.379   14.271  0.580   1.00 37.46  ? 7   G   A C5    1 
ATOM   160  C  C6    . G   A 1 7  ? 8.499   13.672  -0.692  1.00 41.73  ? 7   G   A C6    1 
ATOM   161  O  O6    . G   A 1 7  ? 8.650   14.242  -1.788  1.00 40.43  ? 7   G   A O6    1 
ATOM   162  N  N1    . G   A 1 7  ? 8.446   12.289  -0.598  1.00 31.41  ? 7   G   A N1    1 
ATOM   163  C  C2    . G   A 1 7  ? 8.274   11.572  0.554   1.00 40.17  ? 7   G   A C2    1 
ATOM   164  N  N2    . G   A 1 7  ? 8.228   10.227  0.420   1.00 34.78  ? 7   G   A N2    1 
ATOM   165  N  N3    . G   A 1 7  ? 8.173   12.127  1.753   1.00 37.76  ? 7   G   A N3    1 
ATOM   166  C  C4    . G   A 1 7  ? 8.237   13.473  1.694   1.00 34.63  ? 7   G   A C4    1 
ATOM   167  P  P     . A   A 1 8  ? 9.290   14.416  8.490   1.00 49.15  ? 8   A   A P     1 
ATOM   168  O  OP1   . A   A 1 8  ? 8.330   15.053  9.420   1.00 47.44  ? 8   A   A OP1   1 
ATOM   169  O  OP2   . A   A 1 8  ? 10.562  15.086  8.112   1.00 39.89  ? 8   A   A OP2   1 
ATOM   170  O  "O5'" . A   A 1 8  ? 9.587   12.986  9.090   1.00 40.41  ? 8   A   A "O5'" 1 
ATOM   171  C  "C5'" . A   A 1 8  ? 8.584   12.220  9.729   1.00 35.56  ? 8   A   A "C5'" 1 
ATOM   172  C  "C4'" . A   A 1 8  ? 9.017   10.775  9.753   1.00 37.02  ? 8   A   A "C4'" 1 
ATOM   173  O  "O4'" . A   A 1 8  ? 8.908   10.254  8.396   1.00 37.60  ? 8   A   A "O4'" 1 
ATOM   174  C  "C3'" . A   A 1 8  ? 10.480  10.567  10.170  1.00 37.23  ? 8   A   A "C3'" 1 
ATOM   175  O  "O3'" . A   A 1 8  ? 10.641  9.299   10.796  1.00 36.70  ? 8   A   A "O3'" 1 
ATOM   176  C  "C2'" . A   A 1 8  ? 11.190  10.501  8.824   1.00 41.82  ? 8   A   A "C2'" 1 
ATOM   177  O  "O2'" . A   A 1 8  ? 12.441  9.849   8.831   1.00 40.75  ? 8   A   A "O2'" 1 
ATOM   178  C  "C1'" . A   A 1 8  ? 10.163  9.742   7.992   1.00 41.08  ? 8   A   A "C1'" 1 
ATOM   179  N  N9    . A   A 1 8  ? 10.382  9.908   6.558   1.00 39.50  ? 8   A   A N9    1 
ATOM   180  C  C8    . A   A 1 8  ? 10.367  11.054  5.805   1.00 35.61  ? 8   A   A C8    1 
ATOM   181  N  N7    . A   A 1 8  ? 10.686  10.850  4.559   1.00 36.96  ? 8   A   A N7    1 
ATOM   182  C  C5    . A   A 1 8  ? 10.972  9.498   4.482   1.00 34.08  ? 8   A   A C5    1 
ATOM   183  C  C6    . A   A 1 8  ? 11.384  8.658   3.433   1.00 35.50  ? 8   A   A C6    1 
ATOM   184  N  N6    . A   A 1 8  ? 11.620  9.076   2.183   1.00 34.59  ? 8   A   A N6    1 
ATOM   185  N  N1    . A   A 1 8  ? 11.581  7.348   3.717   1.00 30.64  ? 8   A   A N1    1 
ATOM   186  C  C2    . A   A 1 8  ? 11.371  6.928   4.960   1.00 31.00  ? 8   A   A C2    1 
ATOM   187  N  N3    . A   A 1 8  ? 10.979  7.613   6.022   1.00 34.89  ? 8   A   A N3    1 
ATOM   188  C  C4    . A   A 1 8  ? 10.797  8.907   5.715   1.00 39.19  ? 8   A   A C4    1 
ATOM   189  P  P     . G   A 1 9  ? 10.266  9.073   12.338  1.00 40.52  ? 9   G   A P     1 
ATOM   190  O  OP1   . G   A 1 9  ? 10.323  10.361  13.077  1.00 42.56  ? 9   G   A OP1   1 
ATOM   191  O  OP2   . G   A 1 9  ? 11.047  7.902   12.846  1.00 41.61  ? 9   G   A OP2   1 
ATOM   192  O  "O5'" . G   A 1 9  ? 8.769   8.550   12.236  1.00 39.26  ? 9   G   A "O5'" 1 
ATOM   193  C  "C5'" . G   A 1 9  ? 8.518   7.172   12.038  1.00 31.52  ? 9   G   A "C5'" 1 
ATOM   194  C  "C4'" . G   A 1 9  ? 8.053   6.888   10.633  1.00 38.77  ? 9   G   A "C4'" 1 
ATOM   195  O  "O4'" . G   A 1 9  ? 9.129   7.104   9.665   1.00 38.49  ? 9   G   A "O4'" 1 
ATOM   196  C  "C3'" . G   A 1 9  ? 7.611   5.452   10.393  1.00 38.49  ? 9   G   A "C3'" 1 
ATOM   197  O  "O3'" . G   A 1 9  ? 6.277   5.263   10.790  1.00 39.68  ? 9   G   A "O3'" 1 
ATOM   198  C  "C2'" . G   A 1 9  ? 7.824   5.281   8.899   1.00 39.68  ? 9   G   A "C2'" 1 
ATOM   199  O  "O2'" . G   A 1 9  ? 6.780   5.909   8.167   1.00 38.36  ? 9   G   A "O2'" 1 
ATOM   200  C  "C1'" . G   A 1 9  ? 9.118   6.071   8.698   1.00 39.98  ? 9   G   A "C1'" 1 
ATOM   201  N  N9    . G   A 1 9  ? 10.281  5.186   8.936   1.00 40.25  ? 9   G   A N9    1 
ATOM   202  C  C8    . G   A 1 9  ? 11.153  5.215   10.000  1.00 41.31  ? 9   G   A C8    1 
ATOM   203  N  N7    . G   A 1 9  ? 12.063  4.274   9.945   1.00 43.69  ? 9   G   A N7    1 
ATOM   204  C  C5    . G   A 1 9  ? 11.770  3.587   8.774   1.00 41.83  ? 9   G   A C5    1 
ATOM   205  C  C6    . G   A 1 9  ? 12.409  2.472   8.178   1.00 40.85  ? 9   G   A C6    1 
ATOM   206  O  O6    . G   A 1 9  ? 13.392  1.871   8.585   1.00 39.77  ? 9   G   A O6    1 
ATOM   207  N  N1    . G   A 1 9  ? 11.795  2.060   7.004   1.00 40.66  ? 9   G   A N1    1 
ATOM   208  C  C2    . G   A 1 9  ? 10.696  2.677   6.450   1.00 39.52  ? 9   G   A C2    1 
ATOM   209  N  N2    . G   A 1 9  ? 10.239  2.176   5.294   1.00 31.09  ? 9   G   A N2    1 
ATOM   210  N  N3    . G   A 1 9  ? 10.096  3.726   6.987   1.00 37.05  ? 9   G   A N3    1 
ATOM   211  C  C4    . G   A 1 9  ? 10.668  4.119   8.149   1.00 36.68  ? 9   G   A C4    1 
ATOM   212  P  P     . C   A 1 10 ? 5.758   3.856   11.338  1.00 41.82  ? 10  C   A P     1 
ATOM   213  O  OP1   . C   A 1 10 ? 4.372   4.191   11.756  1.00 46.86  ? 10  C   A OP1   1 
ATOM   214  O  OP2   . C   A 1 10 ? 6.694   3.261   12.309  1.00 47.93  ? 10  C   A OP2   1 
ATOM   215  O  "O5'" . C   A 1 10 ? 5.739   2.922   10.049  1.00 33.61  ? 10  C   A "O5'" 1 
ATOM   216  C  "C5'" . C   A 1 10 ? 4.804   3.146   9.016   1.00 33.26  ? 10  C   A "C5'" 1 
ATOM   217  C  "C4'" . C   A 1 10 ? 5.067   2.253   7.837   1.00 35.08  ? 10  C   A "C4'" 1 
ATOM   218  O  "O4'" . C   A 1 10 ? 6.444   2.397   7.431   1.00 38.86  ? 10  C   A "O4'" 1 
ATOM   219  C  "C3'" . C   A 1 10 ? 4.916   0.761   8.065   1.00 41.32  ? 10  C   A "C3'" 1 
ATOM   220  O  "O3'" . C   A 1 10 ? 3.571   0.329   8.028   1.00 42.41  ? 10  C   A "O3'" 1 
ATOM   221  C  "C2'" . C   A 1 10 ? 5.769   0.187   6.947   1.00 39.28  ? 10  C   A "C2'" 1 
ATOM   222  O  "O2'" . C   A 1 10 ? 5.099   0.298   5.699   1.00 39.99  ? 10  C   A "O2'" 1 
ATOM   223  C  "C1'" . C   A 1 10 ? 6.927   1.174   6.927   1.00 36.77  ? 10  C   A "C1'" 1 
ATOM   224  N  N1    . C   A 1 10 ? 8.074   0.740   7.757   1.00 36.17  ? 10  C   A N1    1 
ATOM   225  C  C2    . C   A 1 10 ? 8.888   -0.274  7.275   1.00 39.81  ? 10  C   A C2    1 
ATOM   226  O  O2    . C   A 1 10 ? 8.583   -0.778  6.176   1.00 40.34  ? 10  C   A O2    1 
ATOM   227  N  N3    . C   A 1 10 ? 9.966   -0.680  8.009   1.00 38.87  ? 10  C   A N3    1 
ATOM   228  C  C4    . C   A 1 10 ? 10.236  -0.094  9.182   1.00 40.44  ? 10  C   A C4    1 
ATOM   229  N  N4    . C   A 1 10 ? 11.305  -0.522  9.873   1.00 40.58  ? 10  C   A N4    1 
ATOM   230  C  C5    . C   A 1 10 ? 9.418   0.960   9.689   1.00 40.58  ? 10  C   A C5    1 
ATOM   231  C  C6    . C   A 1 10 ? 8.361   1.349   8.948   1.00 37.19  ? 10  C   A C6    1 
ATOM   232  P  P     . U   A 1 11 ? 3.046   -0.885  8.958   1.00 41.52  ? 11  U   A P     1 
ATOM   233  O  OP1   . U   A 1 11 ? 1.569   -0.788  8.944   1.00 49.20  ? 11  U   A OP1   1 
ATOM   234  O  OP2   . U   A 1 11 ? 3.698   -0.906  10.290  1.00 38.46  ? 11  U   A OP2   1 
ATOM   235  O  "O5'" . U   A 1 11 ? 3.526   -2.183  8.187   1.00 31.05  ? 11  U   A "O5'" 1 
ATOM   236  C  "C5'" . U   A 1 11 ? 3.263   -2.361  6.812   1.00 36.50  ? 11  U   A "C5'" 1 
ATOM   237  C  "C4'" . U   A 1 11 ? 4.001   -3.559  6.295   1.00 37.29  ? 11  U   A "C4'" 1 
ATOM   238  O  "O4'" . U   A 1 11 ? 5.416   -3.253  6.193   1.00 43.91  ? 11  U   A "O4'" 1 
ATOM   239  C  "C3'" . U   A 1 11 ? 3.963   -4.787  7.188   1.00 40.08  ? 11  U   A "C3'" 1 
ATOM   240  O  "O3'" . U   A 1 11 ? 2.753   -5.513  7.068   1.00 46.14  ? 11  U   A "O3'" 1 
ATOM   241  C  "C2'" . U   A 1 11 ? 5.191   -5.561  6.733   1.00 38.04  ? 11  U   A "C2'" 1 
ATOM   242  O  "O2'" . U   A 1 11 ? 4.935   -6.231  5.513   1.00 42.85  ? 11  U   A "O2'" 1 
ATOM   243  C  "C1'" . U   A 1 11 ? 6.177   -4.418  6.453   1.00 44.38  ? 11  U   A "C1'" 1 
ATOM   244  N  N1    . U   A 1 11 ? 7.045   -4.139  7.617   1.00 40.38  ? 11  U   A N1    1 
ATOM   245  C  C2    . U   A 1 11 ? 8.092   -4.997  7.906   1.00 42.67  ? 11  U   A C2    1 
ATOM   246  O  O2    . U   A 1 11 ? 8.352   -5.973  7.221   1.00 41.60  ? 11  U   A O2    1 
ATOM   247  N  N3    . U   A 1 11 ? 8.829   -4.641  9.017   1.00 42.60  ? 11  U   A N3    1 
ATOM   248  C  C4    . U   A 1 11 ? 8.599   -3.546  9.843   1.00 45.68  ? 11  U   A C4    1 
ATOM   249  O  O4    . U   A 1 11 ? 9.328   -3.333  10.814  1.00 46.91  ? 11  U   A O4    1 
ATOM   250  C  C5    . U   A 1 11 ? 7.478   -2.729  9.483   1.00 40.58  ? 11  U   A C5    1 
ATOM   251  C  C6    . U   A 1 11 ? 6.761   -3.051  8.410   1.00 38.34  ? 11  U   A C6    1 
ATOM   252  P  P     . G   A 1 12 ? 2.099   -6.209  8.359   1.00 52.27  ? 12  G   A P     1 
ATOM   253  O  OP1   . G   A 1 12 ? 0.698   -6.520  7.967   1.00 57.20  ? 12  G   A OP1   1 
ATOM   254  O  OP2   . G   A 1 12 ? 2.319   -5.444  9.620   1.00 50.46  ? 12  G   A OP2   1 
ATOM   255  O  "O5'" . G   A 1 12 ? 2.916   -7.563  8.436   1.00 46.60  ? 12  G   A "O5'" 1 
ATOM   256  C  "C5'" . G   A 1 12 ? 2.987   -8.390  7.287   1.00 48.33  ? 12  G   A "C5'" 1 
ATOM   257  C  "C4'" . G   A 1 12 ? 3.945   -9.526  7.491   1.00 47.63  ? 12  G   A "C4'" 1 
ATOM   258  O  "O4'" . G   A 1 12 ? 5.294   -9.004  7.529   1.00 53.39  ? 12  G   A "O4'" 1 
ATOM   259  C  "C3'" . G   A 1 12 ? 3.802   -10.295 8.797   1.00 47.70  ? 12  G   A "C3'" 1 
ATOM   260  O  "O3'" . G   A 1 12 ? 2.790   -11.300 8.741   1.00 58.23  ? 12  G   A "O3'" 1 
ATOM   261  C  "C2'" . G   A 1 12 ? 5.193   -10.880 8.977   1.00 51.54  ? 12  G   A "C2'" 1 
ATOM   262  O  "O2'" . G   A 1 12 ? 5.328   -12.028 8.153   1.00 42.86  ? 12  G   A "O2'" 1 
ATOM   263  C  "C1'" . G   A 1 12 ? 6.081   -9.767  8.415   1.00 42.86  ? 12  G   A "C1'" 1 
ATOM   264  N  N9    . G   A 1 12 ? 6.594   -8.872  9.471   1.00 39.64  ? 12  G   A N9    1 
ATOM   265  C  C8    . G   A 1 12 ? 6.007   -7.743  9.991   1.00 46.63  ? 12  G   A C8    1 
ATOM   266  N  N7    . G   A 1 12 ? 6.733   -7.165  10.925  1.00 47.44  ? 12  G   A N7    1 
ATOM   267  C  C5    . G   A 1 12 ? 7.864   -7.979  11.021  1.00 47.55  ? 12  G   A C5    1 
ATOM   268  C  C6    . G   A 1 12 ? 9.020   -7.887  11.853  1.00 48.39  ? 12  G   A C6    1 
ATOM   269  O  O6    . G   A 1 12 ? 9.291   -7.037  12.712  1.00 49.05  ? 12  G   A O6    1 
ATOM   270  N  N1    . G   A 1 12 ? 9.913   -8.922  11.615  1.00 39.65  ? 12  G   A N1    1 
ATOM   271  C  C2    . G   A 1 12 ? 9.735   -9.912  10.697  1.00 43.93  ? 12  G   A C2    1 
ATOM   272  N  N2    . G   A 1 12 ? 10.705  -10.833 10.614  1.00 49.29  ? 12  G   A N2    1 
ATOM   273  N  N3    . G   A 1 12 ? 8.672   -10.011 9.920   1.00 48.33  ? 12  G   A N3    1 
ATOM   274  C  C4    . G   A 1 12 ? 7.786   -9.023  10.136  1.00 42.10  ? 12  G   A C4    1 
ATOM   275  P  P     . A   A 1 13 ? 1.783   -11.563 9.977   1.00 55.26  ? 13  A   A P     1 
ATOM   276  O  OP1   . A   A 1 13 ? 2.545   -11.783 11.229  1.00 50.82  ? 13  A   A OP1   1 
ATOM   277  O  OP2   . A   A 1 13 ? 0.808   -12.566 9.487   1.00 69.85  ? 13  A   A OP2   1 
ATOM   278  O  "O5'" . A   A 1 13 ? 0.993   -10.195 10.185  1.00 57.03  ? 13  A   A "O5'" 1 
ATOM   279  C  "C5'" . A   A 1 13 ? -0.030  -9.793  9.288   1.00 56.74  ? 13  A   A "C5'" 1 
ATOM   280  C  "C4'" . A   A 1 13 ? -1.335  -9.591  10.014  1.00 57.06  ? 13  A   A "C4'" 1 
ATOM   281  O  "O4'" . A   A 1 13 ? -1.912  -10.877 10.348  1.00 62.18  ? 13  A   A "O4'" 1 
ATOM   282  C  "C3'" . A   A 1 13 ? -1.237  -8.874  11.352  1.00 62.04  ? 13  A   A "C3'" 1 
ATOM   283  O  "O3'" . A   A 1 13 ? -1.176  -7.473  11.232  1.00 58.24  ? 13  A   A "O3'" 1 
ATOM   284  C  "C2'" . A   A 1 13 ? -2.476  -9.355  12.088  1.00 63.67  ? 13  A   A "C2'" 1 
ATOM   285  O  "O2'" . A   A 1 13 ? -3.627  -8.639  11.682  1.00 59.21  ? 13  A   A "O2'" 1 
ATOM   286  C  "C1'" . A   A 1 13 ? -2.584  -10.795 11.595  1.00 62.67  ? 13  A   A "C1'" 1 
ATOM   287  N  N9    . A   A 1 13 ? -1.953  -11.718 12.555  1.00 64.97  ? 13  A   A N9    1 
ATOM   288  C  C8    . A   A 1 13 ? -0.857  -12.530 12.391  1.00 63.73  ? 13  A   A C8    1 
ATOM   289  N  N7    . A   A 1 13 ? -0.546  -13.212 13.470  1.00 64.98  ? 13  A   A N7    1 
ATOM   290  C  C5    . A   A 1 13 ? -1.500  -12.825 14.406  1.00 70.19  ? 13  A   A C5    1 
ATOM   291  C  C6    . A   A 1 13 ? -1.731  -13.192 15.744  1.00 73.84  ? 13  A   A C6    1 
ATOM   292  N  N6    . A   A 1 13 ? -0.986  -14.072 16.414  1.00 73.32  ? 13  A   A N6    1 
ATOM   293  N  N1    . A   A 1 13 ? -2.770  -12.617 16.386  1.00 76.22  ? 13  A   A N1    1 
ATOM   294  C  C2    . A   A 1 13 ? -3.535  -11.743 15.716  1.00 77.60  ? 13  A   A C2    1 
ATOM   295  N  N3    . A   A 1 13 ? -3.415  -11.309 14.463  1.00 74.68  ? 13  A   A N3    1 
ATOM   296  C  C4    . A   A 1 13 ? -2.369  -11.900 13.854  1.00 71.55  ? 13  A   A C4    1 
ATOM   297  P  P     . A   A 1 14 ? -0.526  -6.617  12.417  1.00 67.00  ? 14  A   A P     1 
ATOM   298  O  OP1   . A   A 1 14 ? -0.272  -5.241  11.903  1.00 73.95  ? 14  A   A OP1   1 
ATOM   299  O  OP2   . A   A 1 14 ? 0.608   -7.421  12.947  1.00 65.78  ? 14  A   A OP2   1 
ATOM   300  O  "O5'" . A   A 1 14 ? -1.659  -6.568  13.534  1.00 65.39  ? 14  A   A "O5'" 1 
ATOM   301  C  "C5'" . A   A 1 14 ? -2.834  -5.787  13.374  1.00 70.33  ? 14  A   A "C5'" 1 
ATOM   302  C  "C4'" . A   A 1 14 ? -3.543  -5.618  14.694  1.00 73.64  ? 14  A   A "C4'" 1 
ATOM   303  O  "O4'" . A   A 1 14 ? -4.046  -6.908  15.131  1.00 77.83  ? 14  A   A "O4'" 1 
ATOM   304  C  "C3'" . A   A 1 14 ? -2.653  -5.152  15.836  1.00 78.11  ? 14  A   A "C3'" 1 
ATOM   305  O  "O3'" . A   A 1 14 ? -2.515  -3.748  15.891  1.00 78.91  ? 14  A   A "O3'" 1 
ATOM   306  C  "C2'" . A   A 1 14 ? -3.320  -5.739  17.070  1.00 79.91  ? 14  A   A "C2'" 1 
ATOM   307  O  "O2'" . A   A 1 14 ? -4.402  -4.920  17.481  1.00 83.72  ? 14  A   A "O2'" 1 
ATOM   308  C  "C1'" . A   A 1 14 ? -3.874  -7.054  16.525  1.00 79.46  ? 14  A   A "C1'" 1 
ATOM   309  N  N9    . A   A 1 14 ? -2.972  -8.204  16.770  1.00 82.99  ? 14  A   A N9    1 
ATOM   310  C  C8    . A   A 1 14 ? -2.003  -8.713  15.938  1.00 78.08  ? 14  A   A C8    1 
ATOM   311  N  N7    . A   A 1 14 ? -1.369  -9.756  16.424  1.00 78.89  ? 14  A   A N7    1 
ATOM   312  C  C5    . A   A 1 14 ? -1.961  -9.961  17.666  1.00 84.12  ? 14  A   A C5    1 
ATOM   313  C  C6    . A   A 1 14 ? -1.751  -10.926 18.677  1.00 86.25  ? 14  A   A C6    1 
ATOM   314  N  N6    . A   A 1 14 ? -0.840  -11.906 18.618  1.00 82.52  ? 14  A   A N6    1 
ATOM   315  N  N1    . A   A 1 14 ? -2.515  -10.841 19.785  1.00 87.66  ? 14  A   A N1    1 
ATOM   316  C  C2    . A   A 1 14 ? -3.431  -9.866  19.860  1.00 86.31  ? 14  A   A C2    1 
ATOM   317  N  N3    . A   A 1 14 ? -3.729  -8.916  18.977  1.00 85.57  ? 14  A   A N3    1 
ATOM   318  C  C4    . A   A 1 14 ? -2.954  -9.018  17.885  1.00 84.04  ? 14  A   A C4    1 
ATOM   319  P  P     . C   A 1 15 ? -1.094  -3.119  16.282  1.00 82.95  ? 15  C   A P     1 
ATOM   320  O  OP1   . C   A 1 15 ? -1.053  -1.687  15.879  1.00 84.52  ? 15  C   A OP1   1 
ATOM   321  O  OP2   . C   A 1 15 ? -0.085  -4.071  15.745  1.00 79.10  ? 15  C   A OP2   1 
ATOM   322  O  "O5'" . C   A 1 15 ? -1.065  -3.202  17.871  1.00 82.35  ? 15  C   A "O5'" 1 
ATOM   323  C  "C5'" . C   A 1 15 ? -2.160  -2.739  18.645  1.00 84.34  ? 15  C   A "C5'" 1 
ATOM   324  C  "C4'" . C   A 1 15 ? -2.012  -3.119  20.096  1.00 84.42  ? 15  C   A "C4'" 1 
ATOM   325  O  "O4'" . C   A 1 15 ? -2.520  -4.462  20.319  1.00 87.01  ? 15  C   A "O4'" 1 
ATOM   326  C  "C3'" . C   A 1 15 ? -0.592  -3.183  20.635  1.00 85.75  ? 15  C   A "C3'" 1 
ATOM   327  O  "O3'" . C   A 1 15 ? -0.020  -1.916  20.910  1.00 88.03  ? 15  C   A "O3'" 1 
ATOM   328  C  "C2'" . C   A 1 15 ? -0.756  -4.069  21.862  1.00 88.10  ? 15  C   A "C2'" 1 
ATOM   329  O  "O2'" . C   A 1 15 ? -1.336  -3.345  22.937  1.00 93.07  ? 15  C   A "O2'" 1 
ATOM   330  C  "C1'" . C   A 1 15 ? -1.782  -5.085  21.354  1.00 86.92  ? 15  C   A "C1'" 1 
ATOM   331  N  N1    . C   A 1 15 ? -1.112  -6.292  20.821  1.00 88.05  ? 15  C   A N1    1 
ATOM   332  C  C2    . C   A 1 15 ? -0.703  -7.268  21.736  1.00 88.92  ? 15  C   A C2    1 
ATOM   333  O  O2    . C   A 1 15 ? -0.935  -7.095  22.942  1.00 95.58  ? 15  C   A O2    1 
ATOM   334  N  N3    . C   A 1 15 ? -0.072  -8.378  21.298  1.00 84.15  ? 15  C   A N3    1 
ATOM   335  C  C4    . C   A 1 15 ? 0.162   -8.528  19.998  1.00 85.32  ? 15  C   A C4    1 
ATOM   336  N  N4    . C   A 1 15 ? 0.793   -9.638  19.610  1.00 85.33  ? 15  C   A N4    1 
ATOM   337  C  C5    . C   A 1 15 ? -0.235  -7.549  19.041  1.00 85.26  ? 15  C   A C5    1 
ATOM   338  C  C6    . C   A 1 15 ? -0.861  -6.454  19.488  1.00 85.17  ? 15  C   A C6    1 
ATOM   339  P  P     . C   A 1 16 ? 1.568   -1.713  20.764  1.00 90.19  ? 16  C   A P     1 
ATOM   340  O  OP1   . C   A 1 16 ? 1.866   -0.253  20.711  1.00 90.82  ? 16  C   A OP1   1 
ATOM   341  O  OP2   . C   A 1 16 ? 2.039   -2.585  19.654  1.00 82.78  ? 16  C   A OP2   1 
ATOM   342  O  "O5'" . C   A 1 16 ? 2.152   -2.286  22.132  1.00 91.17  ? 16  C   A "O5'" 1 
ATOM   343  C  "C5'" . C   A 1 16 ? 1.749   -1.738  23.379  1.00 92.64  ? 16  C   A "C5'" 1 
ATOM   344  C  "C4'" . C   A 1 16 ? 2.415   -2.429  24.546  1.00 92.04  ? 16  C   A "C4'" 1 
ATOM   345  O  "O4'" . C   A 1 16 ? 1.796   -3.723  24.788  1.00 94.69  ? 16  C   A "O4'" 1 
ATOM   346  C  "C3'" . C   A 1 16 ? 3.886   -2.770  24.385  1.00 92.25  ? 16  C   A "C3'" 1 
ATOM   347  O  "O3'" . C   A 1 16 ? 4.764   -1.669  24.535  1.00 90.77  ? 16  C   A "O3'" 1 
ATOM   348  C  "C2'" . C   A 1 16 ? 4.074   -3.858  25.432  1.00 92.54  ? 16  C   A "C2'" 1 
ATOM   349  O  "O2'" . C   A 1 16 ? 4.125   -3.296  26.733  1.00 97.68  ? 16  C   A "O2'" 1 
ATOM   350  C  "C1'" . C   A 1 16 ? 2.764   -4.627  25.291  1.00 91.50  ? 16  C   A "C1'" 1 
ATOM   351  N  N1    . C   A 1 16 ? 2.913   -5.761  24.352  1.00 92.76  ? 16  C   A N1    1 
ATOM   352  C  C2    . C   A 1 16 ? 3.607   -6.908  24.771  1.00 92.49  ? 16  C   A C2    1 
ATOM   353  O  O2    . C   A 1 16 ? 4.070   -6.956  25.922  1.00 94.58  ? 16  C   A O2    1 
ATOM   354  N  N3    . C   A 1 16 ? 3.758   -7.945  23.915  1.00 87.91  ? 16  C   A N3    1 
ATOM   355  C  C4    . C   A 1 16 ? 3.254   -7.870  22.681  1.00 86.39  ? 16  C   A C4    1 
ATOM   356  N  N4    . C   A 1 16 ? 3.425   -8.912  21.864  1.00 85.01  ? 16  C   A N4    1 
ATOM   357  C  C5    . C   A 1 16 ? 2.551   -6.718  22.229  1.00 86.68  ? 16  C   A C5    1 
ATOM   358  C  C6    . C   A 1 16 ? 2.407   -5.698  23.084  1.00 90.50  ? 16  C   A C6    1 
ATOM   359  P  P     . A   A 1 17 ? 6.204   -1.711  23.813  1.00 109.31 ? 17  A   A P     1 
ATOM   360  O  OP1   . A   A 1 17 ? 6.985   -0.499  24.187  1.00 93.58  ? 17  A   A OP1   1 
ATOM   361  O  OP2   . A   A 1 17 ? 6.004   -2.010  22.368  1.00 99.31  ? 17  A   A OP2   1 
ATOM   362  O  "O5'" . A   A 1 17 ? 6.916   -2.965  24.489  1.00 92.47  ? 17  A   A "O5'" 1 
ATOM   363  C  "C5'" . A   A 1 17 ? 7.298   -2.915  25.852  1.00 85.86  ? 17  A   A "C5'" 1 
ATOM   364  C  "C4'" . A   A 1 17 ? 8.065   -4.141  26.256  1.00 88.93  ? 17  A   A "C4'" 1 
ATOM   365  O  "O4'" . A   A 1 17 ? 7.272   -5.338  26.033  1.00 94.55  ? 17  A   A "O4'" 1 
ATOM   366  C  "C3'" . A   A 1 17 ? 9.335   -4.424  25.484  1.00 87.93  ? 17  A   A "C3'" 1 
ATOM   367  O  "O3'" . A   A 1 17 ? 10.407  -3.567  25.826  1.00 83.32  ? 17  A   A "O3'" 1 
ATOM   368  C  "C2'" . A   A 1 17 ? 9.570   -5.898  25.798  1.00 88.31  ? 17  A   A "C2'" 1 
ATOM   369  O  "O2'" . A   A 1 17 ? 10.066  -6.057  27.121  1.00 86.60  ? 17  A   A "O2'" 1 
ATOM   370  C  "C1'" . A   A 1 17 ? 8.137   -6.431  25.773  1.00 87.76  ? 17  A   A "C1'" 1 
ATOM   371  N  N9    . A   A 1 17 ? 7.783   -7.047  24.479  1.00 83.58  ? 17  A   A N9    1 
ATOM   372  C  C8    . A   A 1 17 ? 7.061   -6.519  23.436  1.00 85.00  ? 17  A   A C8    1 
ATOM   373  N  N7    . A   A 1 17 ? 6.918   -7.341  22.421  1.00 80.05  ? 17  A   A N7    1 
ATOM   374  C  C5    . A   A 1 17 ? 7.584   -8.491  22.821  1.00 83.91  ? 17  A   A C5    1 
ATOM   375  C  C6    . A   A 1 17 ? 7.799   -9.748  22.199  1.00 84.52  ? 17  A   A C6    1 
ATOM   376  N  N6    . A   A 1 17 ? 7.339   -10.068 20.984  1.00 76.33  ? 17  A   A N6    1 
ATOM   377  N  N1    . A   A 1 17 ? 8.510   -10.682 22.882  1.00 79.09  ? 17  A   A N1    1 
ATOM   378  C  C2    . A   A 1 17 ? 8.971   -10.366 24.104  1.00 82.43  ? 17  A   A C2    1 
ATOM   379  N  N3    . A   A 1 17 ? 8.831   -9.229  24.792  1.00 86.02  ? 17  A   A N3    1 
ATOM   380  C  C4    . A   A 1 17 ? 8.121   -8.321  24.089  1.00 84.28  ? 17  A   A C4    1 
ATOM   381  P  P     . U   A 1 18 ? 11.376  -3.023  24.667  1.00 96.81  ? 18  U   A P     1 
ATOM   382  O  OP1   . U   A 1 18 ? 12.330  -2.050  25.265  1.00 97.91  ? 18  U   A OP1   1 
ATOM   383  O  OP2   . U   A 1 18 ? 10.547  -2.563  23.524  1.00 93.84  ? 18  U   A OP2   1 
ATOM   384  O  "O5'" . U   A 1 18 ? 12.171  -4.328  24.222  1.00 83.25  ? 18  U   A "O5'" 1 
ATOM   385  C  "C5'" . U   A 1 18 ? 13.015  -4.998  25.143  1.00 79.73  ? 18  U   A "C5'" 1 
ATOM   386  C  "C4'" . U   A 1 18 ? 13.497  -6.320  24.607  1.00 74.73  ? 18  U   A "C4'" 1 
ATOM   387  O  "O4'" . U   A 1 18 ? 12.366  -7.187  24.351  1.00 81.85  ? 18  U   A "O4'" 1 
ATOM   388  C  "C3'" . U   A 1 18 ? 14.229  -6.289  23.279  1.00 75.08  ? 18  U   A "C3'" 1 
ATOM   389  O  "O3'" . U   A 1 18 ? 15.576  -5.863  23.384  1.00 78.38  ? 18  U   A "O3'" 1 
ATOM   390  C  "C2'" . U   A 1 18 ? 14.082  -7.725  22.791  1.00 77.17  ? 18  U   A "C2'" 1 
ATOM   391  O  "O2'" . U   A 1 18 ? 15.027  -8.575  23.431  1.00 77.62  ? 18  U   A "O2'" 1 
ATOM   392  C  "C1'" . U   A 1 18 ? 12.679  -8.076  23.295  1.00 76.70  ? 18  U   A "C1'" 1 
ATOM   393  N  N1    . U   A 1 18 ? 11.654  -7.963  22.230  1.00 75.48  ? 18  U   A N1    1 
ATOM   394  C  C2    . U   A 1 18 ? 11.389  -9.123  21.522  1.00 76.17  ? 18  U   A C2    1 
ATOM   395  O  O2    . U   A 1 18 ? 11.953  -10.181 21.749  1.00 77.17  ? 18  U   A O2    1 
ATOM   396  N  N3    . U   A 1 18 ? 10.443  -9.015  20.538  1.00 73.14  ? 18  U   A N3    1 
ATOM   397  C  C4    . U   A 1 18 ? 9.754   -7.875  20.198  1.00 75.07  ? 18  U   A C4    1 
ATOM   398  O  O4    . U   A 1 18 ? 8.934   -7.946  19.283  1.00 75.24  ? 18  U   A O4    1 
ATOM   399  C  C5    . U   A 1 18 ? 10.080  -6.711  20.972  1.00 73.81  ? 18  U   A C5    1 
ATOM   400  C  C6    . U   A 1 18 ? 10.998  -6.788  21.941  1.00 75.32  ? 18  U   A C6    1 
ATOM   401  P  P     . C   A 1 19 ? 16.276  -5.134  22.136  1.00 74.66  ? 19  C   A P     1 
ATOM   402  O  OP1   . C   A 1 19 ? 17.756  -5.199  22.277  1.00 75.82  ? 19  C   A OP1   1 
ATOM   403  O  OP2   . C   A 1 19 ? 15.606  -3.816  21.984  1.00 79.42  ? 19  C   A OP2   1 
ATOM   404  O  "O5'" . C   A 1 19 ? 15.853  -6.039  20.897  1.00 68.83  ? 19  C   A "O5'" 1 
ATOM   405  C  "C5'" . C   A 1 19 ? 16.817  -6.534  19.992  1.00 66.95  ? 19  C   A "C5'" 1 
ATOM   406  C  "C4'" . C   A 1 19 ? 16.601  -7.993  19.697  1.00 62.60  ? 19  C   A "C4'" 1 
ATOM   407  O  "O4'" . C   A 1 19 ? 15.232  -8.371  19.974  1.00 62.49  ? 19  C   A "O4'" 1 
ATOM   408  C  "C3'" . C   A 1 19 ? 16.801  -8.393  18.251  1.00 62.76  ? 19  C   A "C3'" 1 
ATOM   409  O  "O3'" . C   A 1 19 ? 18.163  -8.554  17.915  1.00 56.16  ? 19  C   A "O3'" 1 
ATOM   410  C  "C2'" . C   A 1 19 ? 15.992  -9.676  18.133  1.00 58.20  ? 19  C   A "C2'" 1 
ATOM   411  O  "O2'" . C   A 1 19 ? 16.741  -10.773 18.619  1.00 60.23  ? 19  C   A "O2'" 1 
ATOM   412  C  "C1'" . C   A 1 19 ? 14.830  -9.400  19.092  1.00 60.54  ? 19  C   A "C1'" 1 
ATOM   413  N  N1    . C   A 1 19 ? 13.589  -8.982  18.388  1.00 64.03  ? 19  C   A N1    1 
ATOM   414  C  C2    . C   A 1 19 ? 12.887  -9.876  17.558  1.00 61.68  ? 19  C   A C2    1 
ATOM   415  O  O2    . C   A 1 19 ? 13.312  -11.026 17.395  1.00 59.05  ? 19  C   A O2    1 
ATOM   416  N  N3    . C   A 1 19 ? 11.756  -9.466  16.929  1.00 59.04  ? 19  C   A N3    1 
ATOM   417  C  C4    . C   A 1 19 ? 11.317  -8.221  17.113  1.00 60.16  ? 19  C   A C4    1 
ATOM   418  N  N4    . C   A 1 19 ? 10.204  -7.836  16.488  1.00 61.41  ? 19  C   A N4    1 
ATOM   419  C  C5    . C   A 1 19 ? 12.002  -7.295  17.949  1.00 65.81  ? 19  C   A C5    1 
ATOM   420  C  C6    . C   A 1 19 ? 13.114  -7.713  18.561  1.00 66.21  ? 19  C   A C6    1 
ATOM   421  P  P     . C   A 1 20 ? 18.648  -8.191  16.436  1.00 60.53  ? 20  C   A P     1 
ATOM   422  O  OP1   . C   A 1 20 ? 20.097  -8.459  16.262  1.00 57.48  ? 20  C   A OP1   1 
ATOM   423  O  OP2   . C   A 1 20 ? 18.099  -6.828  16.188  1.00 63.18  ? 20  C   A OP2   1 
ATOM   424  O  "O5'" . C   A 1 20 ? 17.866  -9.235  15.523  1.00 60.70  ? 20  C   A "O5'" 1 
ATOM   425  C  "C5'" . C   A 1 20 ? 18.241  -10.601 15.494  1.00 56.43  ? 20  C   A "C5'" 1 
ATOM   426  C  "C4'" . C   A 1 20 ? 17.359  -11.385 14.558  1.00 57.87  ? 20  C   A "C4'" 1 
ATOM   427  O  "O4'" . C   A 1 20 ? 15.988  -11.357 15.038  1.00 59.32  ? 20  C   A "O4'" 1 
ATOM   428  C  "C3'" . C   A 1 20 ? 17.245  -10.846 13.145  1.00 55.39  ? 20  C   A "C3'" 1 
ATOM   429  O  "O3'" . C   A 1 20 ? 18.349  -11.143 12.317  1.00 53.23  ? 20  C   A "O3'" 1 
ATOM   430  C  "C2'" . C   A 1 20 ? 15.943  -11.467 12.675  1.00 51.97  ? 20  C   A "C2'" 1 
ATOM   431  O  "O2'" . C   A 1 20 ? 16.129  -12.852 12.416  1.00 47.02  ? 20  C   A "O2'" 1 
ATOM   432  C  "C1'" . C   A 1 20 ? 15.099  -11.337 13.937  1.00 54.29  ? 20  C   A "C1'" 1 
ATOM   433  N  N1    . C   A 1 20 ? 14.307  -10.076 13.958  1.00 54.69  ? 20  C   A N1    1 
ATOM   434  C  C2    . C   A 1 20 ? 13.089  -10.061 13.263  1.00 51.53  ? 20  C   A C2    1 
ATOM   435  O  O2    . C   A 1 20 ? 12.733  -11.076 12.654  1.00 47.26  ? 20  C   A O2    1 
ATOM   436  N  N3    . C   A 1 20 ? 12.336  -8.941  13.242  1.00 50.95  ? 20  C   A N3    1 
ATOM   437  C  C4    . C   A 1 20 ? 12.729  -7.850  13.895  1.00 48.60  ? 20  C   A C4    1 
ATOM   438  N  N4    . C   A 1 20 ? 11.917  -6.791  13.839  1.00 40.40  ? 20  C   A N4    1 
ATOM   439  C  C5    . C   A 1 20 ? 13.960  -7.818  14.627  1.00 45.98  ? 20  C   A C5    1 
ATOM   440  C  C6    . C   A 1 20 ? 14.707  -8.940  14.621  1.00 56.42  ? 20  C   A C6    1 
ATOM   441  P  P     . A   A 1 21 ? 18.803  -10.060 11.220  1.00 54.76  ? 21  A   A P     1 
ATOM   442  O  OP1   . A   A 1 21 ? 20.079  -10.480 10.592  1.00 55.91  ? 21  A   A OP1   1 
ATOM   443  O  OP2   . A   A 1 21 ? 18.659  -8.706  11.828  1.00 50.84  ? 21  A   A OP2   1 
ATOM   444  O  "O5'" . A   A 1 21 ? 17.694  -10.207 10.105  1.00 53.56  ? 21  A   A "O5'" 1 
ATOM   445  C  "C5'" . A   A 1 21 ? 17.456  -11.465 9.501   1.00 52.73  ? 21  A   A "C5'" 1 
ATOM   446  C  "C4'" . A   A 1 21 ? 16.227  -11.408 8.642   1.00 48.81  ? 21  A   A "C4'" 1 
ATOM   447  O  "O4'" . A   A 1 21 ? 15.052  -11.183 9.468   1.00 53.07  ? 21  A   A "O4'" 1 
ATOM   448  C  "C3'" . A   A 1 21 ? 16.174  -10.264 7.650   1.00 48.13  ? 21  A   A "C3'" 1 
ATOM   449  O  "O3'" . A   A 1 21 ? 17.011  -10.464 6.525   1.00 50.50  ? 21  A   A "O3'" 1 
ATOM   450  C  "C2'" . A   A 1 21 ? 14.682  -10.194 7.345   1.00 49.05  ? 21  A   A "C2'" 1 
ATOM   451  O  "O2'" . A   A 1 21 ? 14.283  -11.276 6.512   1.00 53.03  ? 21  A   A "O2'" 1 
ATOM   452  C  "C1'" . A   A 1 21 ? 14.100  -10.432 8.739   1.00 50.01  ? 21  A   A "C1'" 1 
ATOM   453  N  N9    . A   A 1 21 ? 13.860  -9.165  9.453   1.00 50.12  ? 21  A   A N9    1 
ATOM   454  C  C8    . A   A 1 21 ? 14.666  -8.536  10.365  1.00 52.63  ? 21  A   A C8    1 
ATOM   455  N  N7    . A   A 1 21 ? 14.177  -7.406  10.827  1.00 53.39  ? 21  A   A N7    1 
ATOM   456  C  C5    . A   A 1 21 ? 12.965  -7.280  10.154  1.00 43.99  ? 21  A   A C5    1 
ATOM   457  C  C6    . A   A 1 21 ? 11.964  -6.300  10.188  1.00 45.00  ? 21  A   A C6    1 
ATOM   458  N  N6    . A   A 1 21 ? 12.011  -5.208  10.956  1.00 42.70  ? 21  A   A N6    1 
ATOM   459  N  N1    . A   A 1 21 ? 10.877  -6.485  9.408   1.00 46.57  ? 21  A   A N1    1 
ATOM   460  C  C2    . A   A 1 21 ? 10.824  -7.572  8.631   1.00 42.20  ? 21  A   A C2    1 
ATOM   461  N  N3    . A   A 1 21 ? 11.700  -8.563  8.510   1.00 49.47  ? 21  A   A N3    1 
ATOM   462  C  C4    . A   A 1 21 ? 12.758  -8.352  9.310   1.00 50.11  ? 21  A   A C4    1 
ATOM   463  P  P     . G   A 1 22 ? 17.762  -9.220  5.840   1.00 54.74  ? 22  G   A P     1 
ATOM   464  O  OP1   . G   A 1 22 ? 18.676  -9.751  4.811   1.00 49.91  ? 22  G   A OP1   1 
ATOM   465  O  OP2   . G   A 1 22 ? 18.259  -8.295  6.901   1.00 49.39  ? 22  G   A OP2   1 
ATOM   466  O  "O5'" . G   A 1 22 ? 16.582  -8.476  5.072   1.00 53.01  ? 22  G   A "O5'" 1 
ATOM   467  C  "C5'" . G   A 1 22 ? 15.846  -9.150  4.068   1.00 45.73  ? 22  G   A "C5'" 1 
ATOM   468  C  "C4'" . G   A 1 22 ? 14.577  -8.422  3.723   1.00 45.65  ? 22  G   A "C4'" 1 
ATOM   469  O  "O4'" . G   A 1 22 ? 13.726  -8.308  4.890   1.00 43.26  ? 22  G   A "O4'" 1 
ATOM   470  C  "C3'" . G   A 1 22 ? 14.721  -6.984  3.270   1.00 48.37  ? 22  G   A "C3'" 1 
ATOM   471  O  "O3'" . G   A 1 22 ? 15.199  -6.845  1.951   1.00 47.30  ? 22  G   A "O3'" 1 
ATOM   472  C  "C2'" . G   A 1 22 ? 13.314  -6.463  3.464   1.00 42.89  ? 22  G   A "C2'" 1 
ATOM   473  O  "O2'" . G   A 1 22 ? 12.459  -6.970  2.460   1.00 51.10  ? 22  G   A "O2'" 1 
ATOM   474  C  "C1'" . G   A 1 22 ? 12.935  -7.145  4.774   1.00 49.38  ? 22  G   A "C1'" 1 
ATOM   475  N  N9    . G   A 1 22 ? 13.185  -6.245  5.910   1.00 46.98  ? 22  G   A N9    1 
ATOM   476  C  C8    . G   A 1 22 ? 14.213  -6.212  6.820   1.00 43.42  ? 22  G   A C8    1 
ATOM   477  N  N7    . G   A 1 22 ? 14.075  -5.231  7.676   1.00 40.76  ? 22  G   A N7    1 
ATOM   478  C  C5    . G   A 1 22 ? 12.900  -4.597  7.293   1.00 40.37  ? 22  G   A C5    1 
ATOM   479  C  C6    . G   A 1 22 ? 12.239  -3.461  7.822   1.00 41.26  ? 22  G   A C6    1 
ATOM   480  O  O6    . G   A 1 22 ? 12.548  -2.761  8.790   1.00 35.94  ? 22  G   A O6    1 
ATOM   481  N  N1    . G   A 1 22 ? 11.085  -3.148  7.103   1.00 40.49  ? 22  G   A N1    1 
ATOM   482  C  C2    . G   A 1 22 ? 10.610  -3.829  6.015   1.00 44.06  ? 22  G   A C2    1 
ATOM   483  N  N2    . G   A 1 22 ? 9.474   -3.332  5.492   1.00 41.63  ? 22  G   A N2    1 
ATOM   484  N  N3    . G   A 1 22 ? 11.218  -4.894  5.501   1.00 42.26  ? 22  G   A N3    1 
ATOM   485  C  C4    . G   A 1 22 ? 12.346  -5.205  6.193   1.00 41.05  ? 22  G   A C4    1 
ATOM   486  P  P     . C   A 1 23 ? 16.104  -5.577  1.580   1.00 53.45  ? 23  C   A P     1 
ATOM   487  O  OP1   . C   A 1 23 ? 16.563  -5.776  0.182   1.00 53.50  ? 23  C   A OP1   1 
ATOM   488  O  OP2   . C   A 1 23 ? 17.051  -5.279  2.684   1.00 49.95  ? 23  C   A OP2   1 
ATOM   489  O  "O5'" . C   A 1 23 ? 15.086  -4.351  1.602   1.00 49.43  ? 23  C   A "O5'" 1 
ATOM   490  C  "C5'" . C   A 1 23 ? 14.046  -4.280  0.651   1.00 47.22  ? 23  C   A "C5'" 1 
ATOM   491  C  "C4'" . C   A 1 23 ? 13.076  -3.169  0.955   1.00 41.23  ? 23  C   A "C4'" 1 
ATOM   492  O  "O4'" . C   A 1 23 ? 12.438  -3.351  2.253   1.00 42.95  ? 23  C   A "O4'" 1 
ATOM   493  C  "C3'" . C   A 1 23 ? 13.617  -1.756  1.047   1.00 38.10  ? 23  C   A "C3'" 1 
ATOM   494  O  "O3'" . C   A 1 23 ? 14.001  -1.201  -0.204  1.00 40.54  ? 23  C   A "O3'" 1 
ATOM   495  C  "C2'" . C   A 1 23 ? 12.428  -1.059  1.671   1.00 38.75  ? 23  C   A "C2'" 1 
ATOM   496  O  "O2'" . C   A 1 23 ? 11.380  -1.020  0.717   1.00 40.68  ? 23  C   A "O2'" 1 
ATOM   497  C  "C1'" . C   A 1 23 ? 12.023  -2.085  2.736   1.00 41.93  ? 23  C   A "C1'" 1 
ATOM   498  N  N1    . C   A 1 23 ? 12.690  -1.759  4.017   1.00 37.41  ? 23  C   A N1    1 
ATOM   499  C  C2    . C   A 1 23 ? 12.146  -0.681  4.723   1.00 42.08  ? 23  C   A C2    1 
ATOM   500  O  O2    . C   A 1 23 ? 11.123  -0.113  4.281   1.00 35.83  ? 23  C   A O2    1 
ATOM   501  N  N3    . C   A 1 23 ? 12.727  -0.281  5.879   1.00 38.46  ? 23  C   A N3    1 
ATOM   502  C  C4    . C   A 1 23 ? 13.815  -0.891  6.325   1.00 40.98  ? 23  C   A C4    1 
ATOM   503  N  N4    . C   A 1 23 ? 14.328  -0.425  7.455   1.00 34.34  ? 23  C   A N4    1 
ATOM   504  C  C5    . C   A 1 23 ? 14.396  -1.986  5.630   1.00 35.43  ? 23  C   A C5    1 
ATOM   505  C  C6    . C   A 1 23 ? 13.817  -2.370  4.485   1.00 38.35  ? 23  C   A C6    1 
ATOM   506  P  P     . G   A 1 24 ? 15.174  -0.092  -0.318  1.00 41.72  ? 24  G   A P     1 
ATOM   507  O  OP1   . G   A 1 24 ? 15.323  0.155   -1.757  1.00 37.06  ? 24  G   A OP1   1 
ATOM   508  O  OP2   . G   A 1 24 ? 16.402  -0.451  0.431   1.00 46.04  ? 24  G   A OP2   1 
ATOM   509  O  "O5'" . G   A 1 24 ? 14.550  1.213   0.356   1.00 39.73  ? 24  G   A "O5'" 1 
ATOM   510  C  "C5'" . G   A 1 24 ? 13.362  1.796   -0.171  1.00 41.61  ? 24  G   A "C5'" 1 
ATOM   511  C  "C4'" . G   A 1 24 ? 12.907  2.994   0.625   1.00 33.22  ? 24  G   A "C4'" 1 
ATOM   512  O  "O4'" . G   A 1 24 ? 12.402  2.590   1.927   1.00 34.61  ? 24  G   A "O4'" 1 
ATOM   513  C  "C3'" . G   A 1 24 ? 13.984  4.008   0.961   1.00 31.97  ? 24  G   A "C3'" 1 
ATOM   514  O  "O3'" . G   A 1 24 ? 14.310  4.832   -0.138  1.00 34.77  ? 24  G   A "O3'" 1 
ATOM   515  C  "C2'" . G   A 1 24 ? 13.368  4.736   2.139   1.00 32.11  ? 24  G   A "C2'" 1 
ATOM   516  O  "O2'" . G   A 1 24 ? 12.313  5.593   1.717   1.00 33.33  ? 24  G   A "O2'" 1 
ATOM   517  C  "C1'" . G   A 1 24 ? 12.749  3.563   2.895   1.00 32.91  ? 24  G   A "C1'" 1 
ATOM   518  N  N9    . G   A 1 24 ? 13.755  3.005   3.810   1.00 35.58  ? 24  G   A N9    1 
ATOM   519  C  C8    . G   A 1 24 ? 14.605  1.931   3.618   1.00 33.73  ? 24  G   A C8    1 
ATOM   520  N  N7    . G   A 1 24 ? 15.433  1.755   4.620   1.00 35.57  ? 24  G   A N7    1 
ATOM   521  C  C5    . G   A 1 24 ? 15.137  2.770   5.517   1.00 34.79  ? 24  G   A C5    1 
ATOM   522  C  C6    . G   A 1 24 ? 15.697  3.099   6.777   1.00 34.87  ? 24  G   A C6    1 
ATOM   523  O  O6    . G   A 1 24 ? 16.601  2.540   7.405   1.00 37.89  ? 24  G   A O6    1 
ATOM   524  N  N1    . G   A 1 24 ? 15.088  4.218   7.339   1.00 42.06  ? 24  G   A N1    1 
ATOM   525  C  C2    . G   A 1 24 ? 14.074  4.942   6.759   1.00 39.87  ? 24  G   A C2    1 
ATOM   526  N  N2    . G   A 1 24 ? 13.624  5.994   7.468   1.00 33.67  ? 24  G   A N2    1 
ATOM   527  N  N3    . G   A 1 24 ? 13.555  4.650   5.570   1.00 35.63  ? 24  G   A N3    1 
ATOM   528  C  C4    . G   A 1 24 ? 14.114  3.561   5.018   1.00 37.42  ? 24  G   A C4    1 
ATOM   529  P  P     . A   A 1 25 ? 15.840  5.223   -0.444  1.00 39.83  ? 25  A   A P     1 
ATOM   530  O  OP1   . A   A 1 25 ? 16.250  4.602   -1.733  1.00 35.06  ? 25  A   A OP1   1 
ATOM   531  O  OP2   . A   A 1 25 ? 16.657  5.185   0.774   1.00 40.64  ? 25  A   A OP2   1 
ATOM   532  O  "O5'" . A   A 1 25 ? 15.735  6.784   -0.758  1.00 45.60  ? 25  A   A "O5'" 1 
ATOM   533  C  "C5'" . A   A 1 25 ? 15.239  7.706   0.206   1.00 35.94  ? 25  A   A "C5'" 1 
ATOM   534  C  "C4'" . A   A 1 25 ? 15.468  9.129   -0.254  1.00 42.92  ? 25  A   A "C4'" 1 
ATOM   535  O  "O4'" . A   A 1 25 ? 14.694  10.045  0.566   1.00 40.70  ? 25  A   A "O4'" 1 
ATOM   536  C  "C3'" . A   A 1 25 ? 16.918  9.616   -0.174  1.00 40.65  ? 25  A   A "C3'" 1 
ATOM   537  O  "O3'" . A   A 1 25 ? 17.167  10.512  -1.247  1.00 39.38  ? 25  A   A "O3'" 1 
ATOM   538  C  "C2'" . A   A 1 25 ? 16.922  10.425  1.111   1.00 44.56  ? 25  A   A "C2'" 1 
ATOM   539  O  "O2'" . A   A 1 25 ? 17.941  11.391  1.159   1.00 45.59  ? 25  A   A "O2'" 1 
ATOM   540  C  "C1'" . A   A 1 25 ? 15.548  11.065  1.029   1.00 44.34  ? 25  A   A "C1'" 1 
ATOM   541  N  N9    . A   A 1 25 ? 15.011  11.681  2.252   1.00 41.62  ? 25  A   A N9    1 
ATOM   542  C  C8    . A   A 1 25 ? 14.778  13.041  2.335   1.00 45.16  ? 25  A   A C8    1 
ATOM   543  N  N7    . A   A 1 25 ? 14.296  13.449  3.476   1.00 50.95  ? 25  A   A N7    1 
ATOM   544  C  C5    . A   A 1 25 ? 14.203  12.258  4.192   1.00 42.95  ? 25  A   A C5    1 
ATOM   545  C  C6    . A   A 1 25 ? 13.760  12.047  5.501   1.00 52.84  ? 25  A   A C6    1 
ATOM   546  N  N6    . A   A 1 25 ? 13.309  13.073  6.264   1.00 41.68  ? 25  A   A N6    1 
ATOM   547  N  N1    . A   A 1 25 ? 13.787  10.756  5.955   1.00 53.22  ? 25  A   A N1    1 
ATOM   548  C  C2    . A   A 1 25 ? 14.234  9.775   5.139   1.00 47.73  ? 25  A   A C2    1 
ATOM   549  N  N3    . A   A 1 25 ? 14.685  9.883   3.882   1.00 48.04  ? 25  A   A N3    1 
ATOM   550  C  C4    . A   A 1 25 ? 14.642  11.163  3.468   1.00 35.35  ? 25  A   A C4    1 
ATOM   551  P  P     . A   A 1 26 ? 18.419  10.291  -2.241  1.00 44.62  ? 26  A   A P     1 
ATOM   552  O  OP1   . A   A 1 26 ? 19.504  9.522   -1.581  1.00 44.02  ? 26  A   A OP1   1 
ATOM   553  O  OP2   . A   A 1 26 ? 18.643  11.616  -2.894  1.00 52.48  ? 26  A   A OP2   1 
ATOM   554  O  "O5'" . A   A 1 26 ? 17.841  9.375   -3.394  1.00 44.76  ? 26  A   A "O5'" 1 
ATOM   555  C  "C5'" . A   A 1 26 ? 16.957  9.912   -4.368  1.00 39.96  ? 26  A   A "C5'" 1 
ATOM   556  C  "C4'" . A   A 1 26 ? 16.396  8.814   -5.224  1.00 42.09  ? 26  A   A "C4'" 1 
ATOM   557  O  "O4'" . A   A 1 26 ? 17.499  8.188   -5.931  1.00 41.43  ? 26  A   A "O4'" 1 
ATOM   558  C  "C3'" . A   A 1 26 ? 15.701  7.694   -4.452  1.00 42.05  ? 26  A   A "C3'" 1 
ATOM   559  O  "O3'" . A   A 1 26 ? 14.669  7.127   -5.253  1.00 38.79  ? 26  A   A "O3'" 1 
ATOM   560  C  "C2'" . A   A 1 26 ? 16.814  6.666   -4.299  1.00 40.82  ? 26  A   A "C2'" 1 
ATOM   561  O  "O2'" . A   A 1 26 ? 16.364  5.351   -4.098  1.00 46.98  ? 26  A   A "O2'" 1 
ATOM   562  C  "C1'" . A   A 1 26 ? 17.538  6.811   -5.629  1.00 45.18  ? 26  A   A "C1'" 1 
ATOM   563  N  N9    . A   A 1 26 ? 18.937  6.386   -5.609  1.00 45.33  ? 26  A   A N9    1 
ATOM   564  C  C8    . A   A 1 26 ? 19.940  6.803   -4.765  1.00 43.95  ? 26  A   A C8    1 
ATOM   565  N  N7    . A   A 1 26 ? 21.106  6.245   -5.018  1.00 47.76  ? 26  A   A N7    1 
ATOM   566  C  C5    . A   A 1 26 ? 20.846  5.400   -6.088  1.00 45.75  ? 26  A   A C5    1 
ATOM   567  C  C6    . A   A 1 26 ? 21.667  4.521   -6.821  1.00 46.40  ? 26  A   A C6    1 
ATOM   568  N  N6    . A   A 1 26 ? 22.966  4.345   -6.560  1.00 47.45  ? 26  A   A N6    1 
ATOM   569  N  N1    . A   A 1 26 ? 21.105  3.847   -7.849  1.00 42.65  ? 26  A   A N1    1 
ATOM   570  C  C2    . A   A 1 26 ? 19.800  4.029   -8.114  1.00 46.07  ? 26  A   A C2    1 
ATOM   571  N  N3    . A   A 1 26 ? 18.922  4.823   -7.492  1.00 44.56  ? 26  A   A N3    1 
ATOM   572  C  C4    . A   A 1 26 ? 19.515  5.490   -6.477  1.00 47.06  ? 26  A   A C4    1 
ATOM   573  P  P     . G   A 1 27 ? 13.157  7.690   -5.204  1.00 42.49  ? 27  G   A P     1 
ATOM   574  O  OP1   . G   A 1 27 ? 12.324  6.592   -5.748  1.00 49.39  ? 27  G   A OP1   1 
ATOM   575  O  OP2   . G   A 1 27 ? 13.088  9.040   -5.800  1.00 47.58  ? 27  G   A OP2   1 
ATOM   576  O  "O5'" . G   A 1 27 ? 12.868  7.909   -3.653  1.00 41.38  ? 27  G   A "O5'" 1 
ATOM   577  C  "C5'" . G   A 1 27 ? 12.687  6.812   -2.767  1.00 40.11  ? 27  G   A "C5'" 1 
ATOM   578  C  "C4'" . G   A 1 27 ? 11.803  7.212   -1.620  1.00 40.29  ? 27  G   A "C4'" 1 
ATOM   579  O  "O4'" . G   A 1 27 ? 12.311  8.451   -1.040  1.00 37.62  ? 27  G   A "O4'" 1 
ATOM   580  C  "C3'" . G   A 1 27 ? 10.358  7.497   -2.014  1.00 38.98  ? 27  G   A "C3'" 1 
ATOM   581  O  "O3'" . G   A 1 27 ? 9.529   7.164   -0.919  1.00 39.20  ? 27  G   A "O3'" 1 
ATOM   582  C  "C2'" . G   A 1 27 ? 10.354  9.009   -2.182  1.00 36.56  ? 27  G   A "C2'" 1 
ATOM   583  O  "O2'" . G   A 1 27 ? 9.090   9.611   -2.044  1.00 44.43  ? 27  G   A "O2'" 1 
ATOM   584  C  "C1'" . G   A 1 27 ? 11.290  9.428   -1.057  1.00 41.90  ? 27  G   A "C1'" 1 
ATOM   585  N  N9    . G   A 1 27 ? 11.864  10.752  -1.261  1.00 42.81  ? 27  G   A N9    1 
ATOM   586  C  C8    . G   A 1 27 ? 12.433  11.181  -2.436  1.00 42.09  ? 27  G   A C8    1 
ATOM   587  N  N7    . G   A 1 27 ? 12.836  12.419  -2.384  1.00 42.77  ? 27  G   A N7    1 
ATOM   588  C  C5    . G   A 1 27 ? 12.485  12.839  -1.110  1.00 44.84  ? 27  G   A C5    1 
ATOM   589  C  C6    . G   A 1 27 ? 12.678  14.104  -0.494  1.00 46.96  ? 27  G   A C6    1 
ATOM   590  O  O6    . G   A 1 27 ? 13.200  15.094  -0.999  1.00 54.99  ? 27  G   A O6    1 
ATOM   591  N  N1    . G   A 1 27 ? 12.197  14.138  0.815   1.00 45.58  ? 27  G   A N1    1 
ATOM   592  C  C2    . G   A 1 27 ? 11.596  13.067  1.447   1.00 44.11  ? 27  G   A C2    1 
ATOM   593  N  N2    . G   A 1 27 ? 11.185  13.284  2.715   1.00 37.66  ? 27  G   A N2    1 
ATOM   594  N  N3    . G   A 1 27 ? 11.411  11.873  0.874   1.00 42.59  ? 27  G   A N3    1 
ATOM   595  C  C4    . G   A 1 27 ? 11.881  11.824  -0.392  1.00 40.64  ? 27  G   A C4    1 
ATOM   596  P  P     . A   A 1 28 ? 8.370   6.069   -1.085  1.00 43.43  ? 28  A   A P     1 
ATOM   597  O  OP1   . A   A 1 28 ? 8.788   5.040   -2.073  1.00 40.42  ? 28  A   A OP1   1 
ATOM   598  O  OP2   . A   A 1 28 ? 7.114   6.834   -1.317  1.00 44.33  ? 28  A   A OP2   1 
ATOM   599  O  "O5'" . A   A 1 28 ? 8.275   5.423   0.360   1.00 43.42  ? 28  A   A "O5'" 1 
ATOM   600  C  "C5'" . A   A 1 28 ? 9.200   4.446   0.813   1.00 35.05  ? 28  A   A "C5'" 1 
ATOM   601  C  "C4'" . A   A 1 28 ? 8.827   4.083   2.217   1.00 36.98  ? 28  A   A "C4'" 1 
ATOM   602  O  "O4'" . A   A 1 28 ? 9.392   5.060   3.128   1.00 34.16  ? 28  A   A "O4'" 1 
ATOM   603  C  "C3'" . A   A 1 28 ? 7.332   4.161   2.459   1.00 35.92  ? 28  A   A "C3'" 1 
ATOM   604  O  "O3'" . A   A 1 28 ? 6.666   2.969   2.060   1.00 47.75  ? 28  A   A "O3'" 1 
ATOM   605  C  "C2'" . A   A 1 28 ? 7.240   4.512   3.944   1.00 38.26  ? 28  A   A "C2'" 1 
ATOM   606  O  "O2'" . A   A 1 28 ? 7.405   3.375   4.762   1.00 45.73  ? 28  A   A "O2'" 1 
ATOM   607  C  "C1'" . A   A 1 28 ? 8.461   5.404   4.123   1.00 33.69  ? 28  A   A "C1'" 1 
ATOM   608  N  N9    . A   A 1 28 ? 8.135   6.819   3.910   1.00 34.35  ? 28  A   A N9    1 
ATOM   609  C  C8    . A   A 1 28 ? 8.378   7.521   2.758   1.00 37.83  ? 28  A   A C8    1 
ATOM   610  N  N7    . A   A 1 28 ? 7.994   8.773   2.830   1.00 40.32  ? 28  A   A N7    1 
ATOM   611  C  C5    . A   A 1 28 ? 7.452   8.874   4.107   1.00 36.75  ? 28  A   A C5    1 
ATOM   612  C  C6    . A   A 1 28 ? 6.872   9.949   4.780   1.00 35.38  ? 28  A   A C6    1 
ATOM   613  N  N6    . A   A 1 28 ? 6.733   11.161  4.227   1.00 33.20  ? 28  A   A N6    1 
ATOM   614  N  N1    . A   A 1 28 ? 6.441   9.736   6.035   1.00 38.69  ? 28  A   A N1    1 
ATOM   615  C  C2    . A   A 1 28 ? 6.580   8.519   6.569   1.00 39.54  ? 28  A   A C2    1 
ATOM   616  N  N3    . A   A 1 28 ? 7.100   7.412   6.026   1.00 35.48  ? 28  A   A N3    1 
ATOM   617  C  C4    . A   A 1 28 ? 7.534   7.678   4.783   1.00 33.85  ? 28  A   A C4    1 
ATOM   618  P  P     . A   A 1 29 ? 5.067   2.937   1.834   1.00 44.67  ? 29  A   A P     1 
ATOM   619  O  OP1   . A   A 1 29 ? 4.681   1.511   1.593   1.00 48.48  ? 29  A   A OP1   1 
ATOM   620  O  OP2   . A   A 1 29 ? 4.677   4.001   0.880   1.00 41.17  ? 29  A   A OP2   1 
ATOM   621  O  "O5'" . A   A 1 29 ? 4.517   3.304   3.267   1.00 43.52  ? 29  A   A "O5'" 1 
ATOM   622  C  "C5'" . A   A 1 29 ? 3.381   4.105   3.412   1.00 42.27  ? 29  A   A "C5'" 1 
ATOM   623  C  "C4'" . A   A 1 29 ? 3.262   4.571   4.827   1.00 43.04  ? 29  A   A "C4'" 1 
ATOM   624  O  "O4'" . A   A 1 29 ? 4.241   5.622   5.061   1.00 43.92  ? 29  A   A "O4'" 1 
ATOM   625  C  "C3'" . A   A 1 29 ? 1.928   5.214   5.128   1.00 35.18  ? 29  A   A "C3'" 1 
ATOM   626  O  "O3'" . A   A 1 29 ? 0.923   4.254   5.433   1.00 44.37  ? 29  A   A "O3'" 1 
ATOM   627  C  "C2'" . A   A 1 29 ? 2.256   6.229   6.227   1.00 39.78  ? 29  A   A "C2'" 1 
ATOM   628  O  "O2'" . A   A 1 29 ? 2.325   5.634   7.506   1.00 48.26  ? 29  A   A "O2'" 1 
ATOM   629  C  "C1'" . A   A 1 29 ? 3.670   6.659   5.837   1.00 42.57  ? 29  A   A "C1'" 1 
ATOM   630  N  N9    . A   A 1 29 ? 3.669   7.894   5.031   1.00 39.89  ? 29  A   A N9    1 
ATOM   631  C  C8    . A   A 1 29 ? 4.061   8.012   3.719   1.00 40.97  ? 29  A   A C8    1 
ATOM   632  N  N7    . A   A 1 29 ? 3.970   9.237   3.233   1.00 39.03  ? 29  A   A N7    1 
ATOM   633  C  C5    . A   A 1 29 ? 3.468   9.970   4.301   1.00 36.25  ? 29  A   A C5    1 
ATOM   634  C  C6    . A   A 1 29 ? 3.153   11.341  4.410   1.00 40.55  ? 29  A   A C6    1 
ATOM   635  N  N6    . A   A 1 29 ? 3.304   12.226  3.397   1.00 33.66  ? 29  A   A N6    1 
ATOM   636  N  N1    . A   A 1 29 ? 2.681   11.761  5.603   1.00 35.03  ? 29  A   A N1    1 
ATOM   637  C  C2    . A   A 1 29 ? 2.563   10.865  6.602   1.00 45.30  ? 29  A   A C2    1 
ATOM   638  N  N3    . A   A 1 29 ? 2.825   9.553   6.622   1.00 38.29  ? 29  A   A N3    1 
ATOM   639  C  C4    . A   A 1 29 ? 3.285   9.161   5.420   1.00 38.21  ? 29  A   A C4    1 
ATOM   640  P  P     . C   A 1 30 ? -0.389  4.136   4.489   1.00 43.59  ? 30  C   A P     1 
ATOM   641  O  OP1   . C   A 1 30 ? -1.357  3.208   5.122   1.00 51.50  ? 30  C   A OP1   1 
ATOM   642  O  OP2   . C   A 1 30 ? 0.025   3.914   3.079   1.00 41.60  ? 30  C   A OP2   1 
ATOM   643  O  "O5'" . C   A 1 30 ? -1.019  5.589   4.609   1.00 42.40  ? 30  C   A "O5'" 1 
ATOM   644  C  "C5'" . C   A 1 30 ? -1.209  6.163   5.891   1.00 38.51  ? 30  C   A "C5'" 1 
ATOM   645  C  "C4'" . C   A 1 30 ? -1.482  7.625   5.776   1.00 44.10  ? 30  C   A "C4'" 1 
ATOM   646  O  "O4'" . C   A 1 30 ? -0.266  8.344   5.439   1.00 45.86  ? 30  C   A "O4'" 1 
ATOM   647  C  "C3'" . C   A 1 30 ? -2.436  7.988   4.657   1.00 45.68  ? 30  C   A "C3'" 1 
ATOM   648  O  "O3'" . C   A 1 30 ? -3.787  7.751   5.005   1.00 47.77  ? 30  C   A "O3'" 1 
ATOM   649  C  "C2'" . C   A 1 30 ? -2.104  9.445   4.413   1.00 41.23  ? 30  C   A "C2'" 1 
ATOM   650  O  "O2'" . C   A 1 30 ? -2.657  10.252  5.439   1.00 43.93  ? 30  C   A "O2'" 1 
ATOM   651  C  "C1'" . C   A 1 30 ? -0.581  9.429   4.592   1.00 42.82  ? 30  C   A "C1'" 1 
ATOM   652  N  N1    . C   A 1 30 ? 0.119   9.256   3.299   1.00 37.39  ? 30  C   A N1    1 
ATOM   653  C  C2    . C   A 1 30 ? 0.336   10.408  2.562   1.00 36.09  ? 30  C   A C2    1 
ATOM   654  O  O2    . C   A 1 30 ? -0.076  11.457  3.068   1.00 41.11  ? 30  C   A O2    1 
ATOM   655  N  N3    . C   A 1 30 ? 0.964   10.355  1.360   1.00 33.94  ? 30  C   A N3    1 
ATOM   656  C  C4    . C   A 1 30 ? 1.368   9.168   0.901   1.00 38.84  ? 30  C   A C4    1 
ATOM   657  N  N4    . C   A 1 30 ? 1.989   9.125   -0.285  1.00 37.45  ? 30  C   A N4    1 
ATOM   658  C  C5    . C   A 1 30 ? 1.147   7.956   1.636   1.00 37.11  ? 30  C   A C5    1 
ATOM   659  C  C6    . C   A 1 30 ? 0.519   8.040   2.822   1.00 37.36  ? 30  C   A C6    1 
ATOM   660  P  P     . G   A 1 31 ? -4.827  7.334   3.868   1.00 43.47  ? 31  G   A P     1 
ATOM   661  O  OP1   . G   A 1 31 ? -6.025  6.848   4.590   1.00 50.86  ? 31  G   A OP1   1 
ATOM   662  O  OP2   . G   A 1 31 ? -4.177  6.552   2.792   1.00 39.08  ? 31  G   A OP2   1 
ATOM   663  O  "O5'" . G   A 1 31 ? -5.133  8.733   3.148   1.00 36.62  ? 31  G   A "O5'" 1 
ATOM   664  C  "C5'" . G   A 1 31 ? -5.686  9.802   3.885   1.00 35.34  ? 31  G   A "C5'" 1 
ATOM   665  C  "C4'" . G   A 1 31 ? -5.773  11.036  3.036   1.00 46.32  ? 31  G   A "C4'" 1 
ATOM   666  O  "O4'" . G   A 1 31 ? -4.446  11.520  2.724   1.00 40.90  ? 31  G   A "O4'" 1 
ATOM   667  C  "C3'" . G   A 1 31 ? -6.408  10.858  1.673   1.00 35.41  ? 31  G   A "C3'" 1 
ATOM   668  O  "O3'" . G   A 1 31 ? -7.816  10.778  1.765   1.00 48.23  ? 31  G   A "O3'" 1 
ATOM   669  C  "C2'" . G   A 1 31 ? -5.893  12.081  0.937   1.00 44.27  ? 31  G   A "C2'" 1 
ATOM   670  O  "O2'" . G   A 1 31 ? -6.544  13.248  1.420   1.00 42.61  ? 31  G   A "O2'" 1 
ATOM   671  C  "C1'" . G   A 1 31 ? -4.458  12.139  1.450   1.00 39.96  ? 31  G   A "C1'" 1 
ATOM   672  N  N9    . G   A 1 31 ? -3.501  11.460  0.552   1.00 39.56  ? 31  G   A N9    1 
ATOM   673  C  C8    . G   A 1 31 ? -2.984  10.187  0.672   1.00 37.04  ? 31  G   A C8    1 
ATOM   674  N  N7    . G   A 1 31 ? -2.149  9.896   -0.290  1.00 40.57  ? 31  G   A N7    1 
ATOM   675  C  C5    . G   A 1 31 ? -2.101  11.036  -1.095  1.00 37.60  ? 31  G   A C5    1 
ATOM   676  C  C6    . G   A 1 31 ? -1.377  11.339  -2.288  1.00 35.96  ? 31  G   A C6    1 
ATOM   677  O  O6    . G   A 1 31 ? -0.592  10.649  -2.928  1.00 37.53  ? 31  G   A O6    1 
ATOM   678  N  N1    . G   A 1 31 ? -1.636  12.609  -2.780  1.00 36.98  ? 31  G   A N1    1 
ATOM   679  C  C2    . G   A 1 31 ? -2.484  13.501  -2.192  1.00 37.54  ? 31  G   A C2    1 
ATOM   680  N  N2    . G   A 1 31 ? -2.604  14.680  -2.819  1.00 35.80  ? 31  G   A N2    1 
ATOM   681  N  N3    . G   A 1 31 ? -3.147  13.254  -1.071  1.00 38.03  ? 31  G   A N3    1 
ATOM   682  C  C4    . G   A 1 31 ? -2.935  12.008  -0.586  1.00 41.44  ? 31  G   A C4    1 
ATOM   683  P  P     . U   A 1 32 ? -8.681  10.014  0.651   1.00 39.31  ? 32  U   A P     1 
ATOM   684  O  OP1   . U   A 1 32 ? -10.053 9.976   1.210   1.00 47.68  ? 32  U   A OP1   1 
ATOM   685  O  OP2   . U   A 1 32 ? -8.046  8.765   0.170   1.00 42.55  ? 32  U   A OP2   1 
ATOM   686  O  "O5'" . U   A 1 32 ? -8.584  11.021  -0.578  1.00 40.09  ? 32  U   A "O5'" 1 
ATOM   687  C  "C5'" . U   A 1 32 ? -9.051  12.354  -0.458  1.00 44.21  ? 32  U   A "C5'" 1 
ATOM   688  C  "C4'" . U   A 1 32 ? -8.818  13.124  -1.730  1.00 40.98  ? 32  U   A "C4'" 1 
ATOM   689  O  "O4'" . U   A 1 32 ? -7.407  13.461  -1.872  1.00 44.14  ? 32  U   A "O4'" 1 
ATOM   690  C  "C3'" . U   A 1 32 ? -9.148  12.386  -3.013  1.00 45.58  ? 32  U   A "C3'" 1 
ATOM   691  O  "O3'" . U   A 1 32 ? -10.537 12.390  -3.305  1.00 50.21  ? 32  U   A "O3'" 1 
ATOM   692  C  "C2'" . U   A 1 32 ? -8.311  13.140  -4.032  1.00 49.44  ? 32  U   A "C2'" 1 
ATOM   693  O  "O2'" . U   A 1 32 ? -8.914  14.388  -4.310  1.00 51.97  ? 32  U   A "O2'" 1 
ATOM   694  C  "C1'" . U   A 1 32 ? -7.035  13.399  -3.234  1.00 41.84  ? 32  U   A "C1'" 1 
ATOM   695  N  N1    . U   A 1 32 ? -6.052  12.299  -3.415  1.00 42.74  ? 32  U   A N1    1 
ATOM   696  C  C2    . U   A 1 32 ? -5.235  12.291  -4.534  1.00 47.95  ? 32  U   A C2    1 
ATOM   697  O  O2    . U   A 1 32 ? -5.259  13.161  -5.389  1.00 47.64  ? 32  U   A O2    1 
ATOM   698  N  N3    . U   A 1 32 ? -4.373  11.215  -4.619  1.00 44.25  ? 32  U   A N3    1 
ATOM   699  C  C4    . U   A 1 32 ? -4.252  10.177  -3.715  1.00 42.58  ? 32  U   A C4    1 
ATOM   700  O  O4    . U   A 1 32 ? -3.438  9.273   -3.906  1.00 44.34  ? 32  U   A O4    1 
ATOM   701  C  C5    . U   A 1 32 ? -5.133  10.250  -2.598  1.00 40.88  ? 32  U   A C5    1 
ATOM   702  C  C6    . U   A 1 32 ? -5.972  11.274  -2.504  1.00 39.00  ? 32  U   A C6    1 
ATOM   703  P  P     . C   A 1 33 ? -11.201 11.244  -4.214  1.00 49.24  ? 33  C   A P     1 
ATOM   704  O  OP1   . C   A 1 33 ? -12.649 11.556  -4.291  1.00 58.02  ? 33  C   A OP1   1 
ATOM   705  O  OP2   . C   A 1 33 ? -10.757 9.917   -3.724  1.00 44.26  ? 33  C   A OP2   1 
ATOM   706  O  "O5'" . C   A 1 33 ? -10.551 11.443  -5.655  1.00 49.32  ? 33  C   A "O5'" 1 
ATOM   707  C  "C5'" . C   A 1 33 ? -10.798 12.607  -6.421  1.00 48.82  ? 33  C   A "C5'" 1 
ATOM   708  C  "C4'" . C   A 1 33 ? -9.994  12.585  -7.695  1.00 56.26  ? 33  C   A "C4'" 1 
ATOM   709  O  "O4'" . C   A 1 33 ? -8.576  12.685  -7.386  1.00 56.88  ? 33  C   A "O4'" 1 
ATOM   710  C  "C3'" . C   A 1 33 ? -10.098 11.315  -8.529  1.00 53.76  ? 33  C   A "C3'" 1 
ATOM   711  O  "O3'" . C   A 1 33 ? -11.256 11.270  -9.340  1.00 62.51  ? 33  C   A "O3'" 1 
ATOM   712  C  "C2'" . C   A 1 33 ? -8.808  11.338  -9.331  1.00 50.31  ? 33  C   A "C2'" 1 
ATOM   713  O  "O2'" . C   A 1 33 ? -8.907  12.239  -10.420 1.00 58.99  ? 33  C   A "O2'" 1 
ATOM   714  C  "C1'" . C   A 1 33 ? -7.828  11.916  -8.309  1.00 54.43  ? 33  C   A "C1'" 1 
ATOM   715  N  N1    . C   A 1 33 ? -7.130  10.831  -7.584  1.00 48.92  ? 33  C   A N1    1 
ATOM   716  C  C2    . C   A 1 33 ? -5.991  10.318  -8.189  1.00 52.29  ? 33  C   A C2    1 
ATOM   717  O  O2    . C   A 1 33 ? -5.643  10.841  -9.256  1.00 54.18  ? 33  C   A O2    1 
ATOM   718  N  N3    . C   A 1 33 ? -5.297  9.313   -7.605  1.00 47.96  ? 33  C   A N3    1 
ATOM   719  C  C4    . C   A 1 33 ? -5.734  8.818   -6.460  1.00 44.43  ? 33  C   A C4    1 
ATOM   720  N  N4    . C   A 1 33 ? -5.040  7.821   -5.912  1.00 45.84  ? 33  C   A N4    1 
ATOM   721  C  C5    . C   A 1 33 ? -6.912  9.302   -5.827  1.00 46.03  ? 33  C   A C5    1 
ATOM   722  C  C6    . C   A 1 33 ? -7.579  10.299  -6.417  1.00 48.65  ? 33  C   A C6    1 
ATOM   723  P  P     . C   A 1 34 ? -11.977 9.864   -9.651  1.00 59.95  ? 34  C   A P     1 
ATOM   724  O  OP1   . C   A 1 34 ? -13.264 10.197  -10.314 1.00 69.46  ? 34  C   A OP1   1 
ATOM   725  O  OP2   . C   A 1 34 ? -12.004 9.041   -8.413  1.00 58.33  ? 34  C   A OP2   1 
ATOM   726  O  "O5'" . C   A 1 34 ? -10.995 9.144   -10.685 1.00 50.92  ? 34  C   A "O5'" 1 
ATOM   727  C  "C5'" . C   A 1 34 ? -10.659 9.746   -11.925 1.00 54.06  ? 34  C   A "C5'" 1 
ATOM   728  C  "C4'" . C   A 1 34 ? -9.507  9.048   -12.623 1.00 55.66  ? 34  C   A "C4'" 1 
ATOM   729  O  "O4'" . C   A 1 34 ? -8.267  9.222   -11.878 1.00 54.17  ? 34  C   A "O4'" 1 
ATOM   730  C  "C3'" . C   A 1 34 ? -9.583  7.537   -12.817 1.00 57.87  ? 34  C   A "C3'" 1 
ATOM   731  O  "O3'" . C   A 1 34 ? -10.488 7.107   -13.827 1.00 62.06  ? 34  C   A "O3'" 1 
ATOM   732  C  "C2'" . C   A 1 34 ? -8.129  7.206   -13.130 1.00 56.26  ? 34  C   A "C2'" 1 
ATOM   733  O  "O2'" . C   A 1 34 ? -7.803  7.644   -14.441 1.00 53.16  ? 34  C   A "O2'" 1 
ATOM   734  C  "C1'" . C   A 1 34 ? -7.405  8.122   -12.135 1.00 56.89  ? 34  C   A "C1'" 1 
ATOM   735  N  N1    . C   A 1 34 ? -7.105  7.402   -10.866 1.00 49.98  ? 34  C   A N1    1 
ATOM   736  C  C2    . C   A 1 34 ? -5.992  6.556   -10.820 1.00 49.97  ? 34  C   A C2    1 
ATOM   737  O  O2    . C   A 1 34 ? -5.277  6.445   -11.822 1.00 54.55  ? 34  C   A O2    1 
ATOM   738  N  N3    . C   A 1 34 ? -5.706  5.873   -9.686  1.00 50.30  ? 34  C   A N3    1 
ATOM   739  C  C4    . C   A 1 34 ? -6.499  6.007   -8.620  1.00 49.12  ? 34  C   A C4    1 
ATOM   740  N  N4    . C   A 1 34 ? -6.181  5.317   -7.529  1.00 46.78  ? 34  C   A N4    1 
ATOM   741  C  C5    . C   A 1 34 ? -7.653  6.845   -8.631  1.00 50.17  ? 34  C   A C5    1 
ATOM   742  C  C6    . C   A 1 34 ? -7.911  7.518   -9.762  1.00 49.43  ? 34  C   A C6    1 
ATOM   743  P  P     . C   A 1 35 ? -11.173 5.646   -13.748 1.00 66.21  ? 35  C   A P     1 
ATOM   744  O  OP1   . C   A 1 35 ? -12.283 5.716   -14.733 1.00 69.82  ? 35  C   A OP1   1 
ATOM   745  O  OP2   . C   A 1 35 ? -11.393 5.225   -12.344 1.00 58.05  ? 35  C   A OP2   1 
ATOM   746  O  "O5'" . C   A 1 35 ? -10.053 4.617   -14.240 1.00 55.57  ? 35  C   A "O5'" 1 
ATOM   747  C  "C5'" . C   A 1 35 ? -9.350  4.844   -15.448 1.00 54.90  ? 35  C   A "C5'" 1 
ATOM   748  C  "C4'" . C   A 1 35 ? -8.161  3.925   -15.629 1.00 54.03  ? 35  C   A "C4'" 1 
ATOM   749  O  "O4'" . C   A 1 35 ? -7.064  4.281   -14.747 1.00 54.22  ? 35  C   A "O4'" 1 
ATOM   750  C  "C3'" . C   A 1 35 ? -8.330  2.444   -15.369 1.00 52.45  ? 35  C   A "C3'" 1 
ATOM   751  O  "O3'" . C   A 1 35 ? -9.092  1.769   -16.352 1.00 54.31  ? 35  C   A "O3'" 1 
ATOM   752  C  "C2'" . C   A 1 35 ? -6.878  1.998   -15.338 1.00 52.66  ? 35  C   A "C2'" 1 
ATOM   753  O  "O2'" . C   A 1 35 ? -6.341  2.032   -16.656 1.00 42.73  ? 35  C   A "O2'" 1 
ATOM   754  C  "C1'" . C   A 1 35 ? -6.249  3.145   -14.543 1.00 45.94  ? 35  C   A "C1'" 1 
ATOM   755  N  N1    . C   A 1 35 ? -6.213  2.835   -13.096 1.00 48.02  ? 35  C   A N1    1 
ATOM   756  C  C2    . C   A 1 35 ? -5.243  1.942   -12.624 1.00 46.77  ? 35  C   A C2    1 
ATOM   757  O  O2    . C   A 1 35 ? -4.430  1.456   -13.408 1.00 50.90  ? 35  C   A O2    1 
ATOM   758  N  N3    . C   A 1 35 ? -5.183  1.629   -11.317 1.00 47.26  ? 35  C   A N3    1 
ATOM   759  C  C4    . C   A 1 35 ? -6.061  2.160   -10.478 1.00 47.76  ? 35  C   A C4    1 
ATOM   760  N  N4    . C   A 1 35 ? -5.952  1.809   -9.188  1.00 48.35  ? 35  C   A N4    1 
ATOM   761  C  C5    . C   A 1 35 ? -7.076  3.062   -10.918 1.00 46.67  ? 35  C   A C5    1 
ATOM   762  C  C6    . C   A 1 35 ? -7.123  3.373   -12.224 1.00 47.67  ? 35  C   A C6    1 
ATOM   763  P  P     . G   A 1 36 ? -9.955  0.464   -15.971 1.00 52.23  ? 36  G   A P     1 
ATOM   764  O  OP1   . G   A 1 36 ? -10.866 0.256   -17.120 1.00 52.91  ? 36  G   A OP1   1 
ATOM   765  O  OP2   . G   A 1 36 ? -10.492 0.608   -14.589 1.00 59.09  ? 36  G   A OP2   1 
ATOM   766  O  "O5'" . G   A 1 36 ? -8.919  -0.745  -15.983 1.00 44.65  ? 36  G   A "O5'" 1 
ATOM   767  C  "C5'" . G   A 1 36 ? -8.177  -1.034  -17.154 1.00 44.47  ? 36  G   A "C5'" 1 
ATOM   768  C  "C4'" . G   A 1 36 ? -6.949  -1.857  -16.859 1.00 50.79  ? 36  G   A "C4'" 1 
ATOM   769  O  "O4'" . G   A 1 36 ? -6.077  -1.170  -15.920 1.00 45.46  ? 36  G   A "O4'" 1 
ATOM   770  C  "C3'" . G   A 1 36 ? -7.194  -3.193  -16.202 1.00 45.02  ? 36  G   A "C3'" 1 
ATOM   771  O  "O3'" . G   A 1 36 ? -7.653  -4.171  -17.109 1.00 58.15  ? 36  G   A "O3'" 1 
ATOM   772  C  "C2'" . G   A 1 36 ? -5.838  -3.502  -15.587 1.00 46.44  ? 36  G   A "C2'" 1 
ATOM   773  O  "O2'" . G   A 1 36 ? -4.934  -3.955  -16.577 1.00 51.23  ? 36  G   A "O2'" 1 
ATOM   774  C  "C1'" . G   A 1 36 ? -5.398  -2.114  -15.124 1.00 44.33  ? 36  G   A "C1'" 1 
ATOM   775  N  N9    . G   A 1 36 ? -5.772  -1.880  -13.719 1.00 48.63  ? 36  G   A N9    1 
ATOM   776  C  C8    . G   A 1 36 ? -6.812  -1.103  -13.251 1.00 45.64  ? 36  G   A C8    1 
ATOM   777  N  N7    . G   A 1 36 ? -6.906  -1.111  -11.946 1.00 48.27  ? 36  G   A N7    1 
ATOM   778  C  C5    . G   A 1 36 ? -5.874  -1.957  -11.534 1.00 48.12  ? 36  G   A C5    1 
ATOM   779  C  C6    . G   A 1 36 ? -5.472  -2.358  -10.232 1.00 50.67  ? 36  G   A C6    1 
ATOM   780  O  O6    . G   A 1 36 ? -5.973  -2.030  -9.149  1.00 52.41  ? 36  G   A O6    1 
ATOM   781  N  N1    . G   A 1 36 ? -4.381  -3.218  -10.257 1.00 46.82  ? 36  G   A N1    1 
ATOM   782  C  C2    . G   A 1 36 ? -3.761  -3.649  -11.397 1.00 52.83  ? 36  G   A C2    1 
ATOM   783  N  N2    . G   A 1 36 ? -2.727  -4.483  -11.226 1.00 50.20  ? 36  G   A N2    1 
ATOM   784  N  N3    . G   A 1 36 ? -4.120  -3.281  -12.624 1.00 53.03  ? 36  G   A N3    1 
ATOM   785  C  C4    . G   A 1 36 ? -5.177  -2.446  -12.615 1.00 46.10  ? 36  G   A C4    1 
ATOM   786  P  P     . A   A 1 37 ? -8.584  -5.375  -16.583 1.00 52.47  ? 37  A   A P     1 
ATOM   787  O  OP1   . A   A 1 37 ? -9.052  -6.159  -17.757 1.00 56.98  ? 37  A   A OP1   1 
ATOM   788  O  OP2   . A   A 1 37 ? -9.576  -4.768  -15.651 1.00 49.76  ? 37  A   A OP2   1 
ATOM   789  O  "O5'" . A   A 1 37 ? -7.560  -6.308  -15.803 1.00 46.90  ? 37  A   A "O5'" 1 
ATOM   790  C  "C5'" . A   A 1 37 ? -6.541  -6.998  -16.513 1.00 52.99  ? 37  A   A "C5'" 1 
ATOM   791  C  "C4'" . A   A 1 37 ? -5.577  -7.685  -15.578 1.00 54.42  ? 37  A   A "C4'" 1 
ATOM   792  O  "O4'" . A   A 1 37 ? -4.971  -6.703  -14.703 1.00 57.93  ? 37  A   A "O4'" 1 
ATOM   793  C  "C3'" . A   A 1 37 ? -6.179  -8.702  -14.621 1.00 58.13  ? 37  A   A "C3'" 1 
ATOM   794  O  "O3'" . A   A 1 37 ? -6.382  -9.969  -15.217 1.00 64.04  ? 37  A   A "O3'" 1 
ATOM   795  C  "C2'" . A   A 1 37 ? -5.166  -8.718  -13.489 1.00 58.03  ? 37  A   A "C2'" 1 
ATOM   796  O  "O2'" . A   A 1 37 ? -3.996  -9.417  -13.896 1.00 59.00  ? 37  A   A "O2'" 1 
ATOM   797  C  "C1'" . A   A 1 37 ? -4.813  -7.241  -13.406 1.00 59.96  ? 37  A   A "C1'" 1 
ATOM   798  N  N9    . A   A 1 37 ? -5.717  -6.499  -12.505 1.00 58.05  ? 37  A   A N9    1 
ATOM   799  C  C8    . A   A 1 37 ? -6.722  -5.650  -12.913 1.00 56.89  ? 37  A   A C8    1 
ATOM   800  N  N7    . A   A 1 37 ? -7.391  -5.087  -11.937 1.00 53.64  ? 37  A   A N7    1 
ATOM   801  C  C5    . A   A 1 37 ? -6.778  -5.600  -10.803 1.00 54.93  ? 37  A   A C5    1 
ATOM   802  C  C6    . A   A 1 37 ? -7.038  -5.377  -9.447  1.00 53.52  ? 37  A   A C6    1 
ATOM   803  N  N6    . A   A 1 37 ? -8.012  -4.554  -9.033  1.00 53.83  ? 37  A   A N6    1 
ATOM   804  N  N1    . A   A 1 37 ? -6.256  -6.024  -8.547  1.00 56.11  ? 37  A   A N1    1 
ATOM   805  C  C2    . A   A 1 37 ? -5.289  -6.840  -9.001  1.00 53.32  ? 37  A   A C2    1 
ATOM   806  N  N3    . A   A 1 37 ? -4.948  -7.134  -10.258 1.00 56.51  ? 37  A   A N3    1 
ATOM   807  C  C4    . A   A 1 37 ? -5.741  -6.469  -11.125 1.00 58.82  ? 37  A   A C4    1 
ATOM   808  P  P     . C   A 1 38 ? -7.581  -10.918 -14.720 1.00 61.12  ? 38  C   A P     1 
ATOM   809  O  OP1   . C   A 1 38 ? -7.513  -12.138 -15.562 1.00 68.80  ? 38  C   A OP1   1 
ATOM   810  O  OP2   . C   A 1 38 ? -8.820  -10.096 -14.669 1.00 59.17  ? 38  C   A OP2   1 
ATOM   811  O  "O5'" . C   A 1 38 ? -7.165  -11.334 -13.231 1.00 59.27  ? 38  C   A "O5'" 1 
ATOM   812  C  "C5'" . C   A 1 38 ? -6.041  -12.175 -13.003 1.00 58.18  ? 38  C   A "C5'" 1 
ATOM   813  C  "C4'" . C   A 1 38 ? -5.780  -12.380 -11.530 1.00 60.50  ? 38  C   A "C4'" 1 
ATOM   814  O  "O4'" . C   A 1 38 ? -5.481  -11.109 -10.894 1.00 64.84  ? 38  C   A "O4'" 1 
ATOM   815  C  "C3'" . C   A 1 38 ? -6.932  -12.932 -10.702 1.00 60.49  ? 38  C   A "C3'" 1 
ATOM   816  O  "O3'" . C   A 1 38 ? -7.091  -14.332 -10.841 1.00 60.69  ? 38  C   A "O3'" 1 
ATOM   817  C  "C2'" . C   A 1 38 ? -6.549  -12.498 -9.291  1.00 60.51  ? 38  C   A "C2'" 1 
ATOM   818  O  "O2'" . C   A 1 38 ? -5.533  -13.341 -8.756  1.00 60.95  ? 38  C   A "O2'" 1 
ATOM   819  C  "C1'" . C   A 1 38 ? -5.945  -11.119 -9.558  1.00 59.32  ? 38  C   A "C1'" 1 
ATOM   820  N  N1    . C   A 1 38 ? -6.955  -10.050 -9.401  1.00 56.17  ? 38  C   A N1    1 
ATOM   821  C  C2    . C   A 1 38 ? -7.221  -9.604  -8.106  1.00 59.36  ? 38  C   A C2    1 
ATOM   822  O  O2    . C   A 1 38 ? -6.594  -10.105 -7.158  1.00 64.70  ? 38  C   A O2    1 
ATOM   823  N  N3    . C   A 1 38 ? -8.137  -8.629  -7.918  1.00 54.43  ? 38  C   A N3    1 
ATOM   824  C  C4    . C   A 1 38 ? -8.783  -8.118  -8.957  1.00 49.98  ? 38  C   A C4    1 
ATOM   825  N  N4    . C   A 1 38 ? -9.689  -7.173  -8.698  1.00 51.21  ? 38  C   A N4    1 
ATOM   826  C  C5    . C   A 1 38 ? -8.545  -8.566  -10.289 1.00 53.61  ? 38  C   A C5    1 
ATOM   827  C  C6    . C   A 1 38 ? -7.625  -9.525  -10.469 1.00 54.75  ? 38  C   A C6    1 
ATOM   828  P  P     . G   A 1 39 ? -8.557  -14.995 -10.902 1.00 66.32  ? 39  G   A P     1 
ATOM   829  O  OP1   . G   A 1 39 ? -8.275  -16.380 -11.366 1.00 63.49  ? 39  G   A OP1   1 
ATOM   830  O  OP2   . G   A 1 39 ? -9.524  -14.181 -11.688 1.00 65.93  ? 39  G   A OP2   1 
ATOM   831  O  "O5'" . G   A 1 39 ? -9.076  -14.943 -9.388  1.00 55.44  ? 39  G   A "O5'" 1 
ATOM   832  C  "C5'" . G   A 1 39 ? -8.234  -15.335 -8.310  1.00 56.11  ? 39  G   A "C5'" 1 
ATOM   833  C  "C4'" . G   A 1 39 ? -8.827  -15.004 -6.960  1.00 56.11  ? 39  G   A "C4'" 1 
ATOM   834  O  "O4'" . G   A 1 39 ? -8.572  -13.629 -6.591  1.00 58.22  ? 39  G   A "O4'" 1 
ATOM   835  C  "C3'" . G   A 1 39 ? -10.330 -15.141 -6.831  1.00 59.86  ? 39  G   A "C3'" 1 
ATOM   836  O  "O3'" . G   A 1 39 ? -10.711 -16.490 -6.690  1.00 56.71  ? 39  G   A "O3'" 1 
ATOM   837  C  "C2'" . G   A 1 39 ? -10.639 -14.288 -5.603  1.00 58.80  ? 39  G   A "C2'" 1 
ATOM   838  O  "O2'" . G   A 1 39 ? -10.380 -15.007 -4.409  1.00 57.25  ? 39  G   A "O2'" 1 
ATOM   839  C  "C1'" . G   A 1 39 ? -9.603  -13.162 -5.740  1.00 52.40  ? 39  G   A "C1'" 1 
ATOM   840  N  N9    . G   A 1 39 ? -10.214 -11.948 -6.312  1.00 57.36  ? 39  G   A N9    1 
ATOM   841  C  C8    . G   A 1 39 ? -10.372 -11.621 -7.641  1.00 59.82  ? 39  G   A C8    1 
ATOM   842  N  N7    . G   A 1 39 ? -11.002 -10.485 -7.826  1.00 60.17  ? 39  G   A N7    1 
ATOM   843  C  C5    . G   A 1 39 ? -11.277 -10.031 -6.541  1.00 64.03  ? 39  G   A C5    1 
ATOM   844  C  C6    . G   A 1 39 ? -11.941 -8.858  -6.092  1.00 65.04  ? 39  G   A C6    1 
ATOM   845  O  O6    . G   A 1 39 ? -12.445 -7.936  -6.740  1.00 65.25  ? 39  G   A O6    1 
ATOM   846  N  N1    . G   A 1 39 ? -12.008 -8.807  -4.709  1.00 70.35  ? 39  G   A N1    1 
ATOM   847  C  C2    . G   A 1 39 ? -11.499 -9.751  -3.861  1.00 66.20  ? 39  G   A C2    1 
ATOM   848  N  N2    . G   A 1 39 ? -11.668 -9.501  -2.559  1.00 66.91  ? 39  G   A N2    1 
ATOM   849  N  N3    . G   A 1 39 ? -10.879 -10.848 -4.256  1.00 64.84  ? 39  G   A N3    1 
ATOM   850  C  C4    . G   A 1 39 ? -10.809 -10.930 -5.600  1.00 64.88  ? 39  G   A C4    1 
ATOM   851  P  P     . G   A 1 40 ? -12.199 -16.974 -7.028  1.00 55.59  ? 40  G   A P     1 
ATOM   852  O  OP1   . G   A 1 40 ? -13.117 -15.927 -7.525  1.00 57.09  ? 40  G   A OP1   1 
ATOM   853  O  OP2   . G   A 1 40 ? -12.587 -17.677 -5.805  1.00 69.06  ? 40  G   A OP2   1 
ATOM   854  O  "O5'" . G   A 1 40 ? -11.974 -18.044 -8.183  1.00 61.17  ? 40  G   A "O5'" 1 
ATOM   855  C  "C5'" . G   A 1 40 ? -11.426 -17.666 -9.436  1.00 50.41  ? 40  G   A "C5'" 1 
ATOM   856  C  "C4'" . G   A 1 40 ? -12.109 -18.386 -10.573 1.00 53.58  ? 40  G   A "C4'" 1 
ATOM   857  O  "O4'" . G   A 1 40 ? -12.916 -19.481 -10.046 1.00 58.76  ? 40  G   A "O4'" 1 
ATOM   858  C  "C3'" . G   A 1 40 ? -13.092 -17.559 -11.390 1.00 58.28  ? 40  G   A "C3'" 1 
ATOM   859  O  "O3'" . G   A 1 40 ? -12.464 -16.751 -12.376 1.00 59.17  ? 40  G   A "O3'" 1 
ATOM   860  C  "C2'" . G   A 1 40 ? -14.019 -18.623 -11.966 1.00 54.29  ? 40  G   A "C2'" 1 
ATOM   861  O  "O2'" . G   A 1 40 ? -13.411 -19.283 -13.072 1.00 51.60  ? 40  G   A "O2'" 1 
ATOM   862  C  "C1'" . G   A 1 40 ? -14.109 -19.605 -10.791 1.00 53.37  ? 40  G   A "C1'" 1 
ATOM   863  N  N9    . G   A 1 40 ? -15.244 -19.268 -9.910  1.00 44.68  ? 40  G   A N9    1 
ATOM   864  C  C8    . G   A 1 40 ? -15.232 -18.818 -8.615  1.00 45.94  ? 40  G   A C8    1 
ATOM   865  N  N7    . G   A 1 40 ? -16.428 -18.564 -8.155  1.00 47.72  ? 40  G   A N7    1 
ATOM   866  C  C5    . G   A 1 40 ? -17.284 -18.876 -9.209  1.00 47.33  ? 40  G   A C5    1 
ATOM   867  C  C6    . G   A 1 40 ? -18.703 -18.829 -9.308  1.00 52.16  ? 40  G   A C6    1 
ATOM   868  O  O6    . G   A 1 40 ? -19.536 -18.481 -8.451  1.00 49.00  ? 40  G   A O6    1 
ATOM   869  N  N1    . G   A 1 40 ? -19.130 -19.233 -10.575 1.00 54.09  ? 40  G   A N1    1 
ATOM   870  C  C2    . G   A 1 40 ? -18.299 -19.634 -11.599 1.00 53.72  ? 40  G   A C2    1 
ATOM   871  N  N2    . G   A 1 40 ? -18.873 -19.998 -12.753 1.00 54.55  ? 40  G   A N2    1 
ATOM   872  N  N3    . G   A 1 40 ? -16.988 -19.696 -11.509 1.00 49.76  ? 40  G   A N3    1 
ATOM   873  C  C4    . G   A 1 40 ? -16.558 -19.296 -10.298 1.00 47.41  ? 40  G   A C4    1 
ATOM   874  P  P     . A   A 1 41 ? -13.182 -15.409 -12.906 1.00 61.55  ? 41  A   A P     1 
ATOM   875  O  OP1   . A   A 1 41 ? -12.148 -14.656 -13.670 1.00 74.68  ? 41  A   A OP1   1 
ATOM   876  O  OP2   . A   A 1 41 ? -13.964 -14.725 -11.838 1.00 53.31  ? 41  A   A OP2   1 
ATOM   877  O  "O5'" . A   A 1 41 ? -14.327 -15.928 -13.870 1.00 56.13  ? 41  A   A "O5'" 1 
ATOM   878  C  "C5'" . A   A 1 41 ? -14.059 -16.702 -15.027 1.00 60.16  ? 41  A   A "C5'" 1 
ATOM   879  C  "C4'" . A   A 1 41 ? -15.303 -16.763 -15.870 1.00 62.83  ? 41  A   A "C4'" 1 
ATOM   880  O  "O4'" . A   A 1 41 ? -16.279 -17.638 -15.241 1.00 68.02  ? 41  A   A "O4'" 1 
ATOM   881  C  "C3'" . A   A 1 41 ? -16.028 -15.436 -16.001 1.00 63.95  ? 41  A   A "C3'" 1 
ATOM   882  O  "O3'" . A   A 1 41 ? -15.466 -14.622 -17.013 1.00 74.17  ? 41  A   A "O3'" 1 
ATOM   883  C  "C2'" . A   A 1 41 ? -17.464 -15.858 -16.268 1.00 68.69  ? 41  A   A "C2'" 1 
ATOM   884  O  "O2'" . A   A 1 41 ? -17.612 -16.260 -17.621 1.00 74.68  ? 41  A   A "O2'" 1 
ATOM   885  C  "C1'" . A   A 1 41 ? -17.578 -17.106 -15.397 1.00 67.08  ? 41  A   A "C1'" 1 
ATOM   886  N  N9    . A   A 1 41 ? -18.126 -16.821 -14.053 1.00 64.11  ? 41  A   A N9    1 
ATOM   887  C  C8    . A   A 1 41 ? -17.414 -16.661 -12.889 1.00 57.61  ? 41  A   A C8    1 
ATOM   888  N  N7    . A   A 1 41 ? -18.157 -16.420 -11.841 1.00 54.69  ? 41  A   A N7    1 
ATOM   889  C  C5    . A   A 1 41 ? -19.449 -16.429 -12.334 1.00 57.00  ? 41  A   A C5    1 
ATOM   890  C  C6    . A   A 1 41 ? -20.697 -16.255 -11.712 1.00 64.68  ? 41  A   A C6    1 
ATOM   891  N  N6    . A   A 1 41 ? -20.838 -16.015 -10.409 1.00 62.88  ? 41  A   A N6    1 
ATOM   892  N  N1    . A   A 1 41 ? -21.806 -16.323 -12.479 1.00 67.42  ? 41  A   A N1    1 
ATOM   893  C  C2    . A   A 1 41 ? -21.645 -16.564 -13.785 1.00 67.00  ? 41  A   A C2    1 
ATOM   894  N  N3    . A   A 1 41 ? -20.527 -16.750 -14.482 1.00 63.45  ? 41  A   A N3    1 
ATOM   895  C  C4    . A   A 1 41 ? -19.449 -16.673 -13.692 1.00 59.81  ? 41  A   A C4    1 
ATOM   896  P  P     . U   A 1 42 ? -15.412 -13.025 -16.842 1.00 79.99  ? 42  U   A P     1 
ATOM   897  O  OP1   . U   A 1 42 ? -14.601 -12.556 -17.995 1.00 79.61  ? 42  U   A OP1   1 
ATOM   898  O  OP2   . U   A 1 42 ? -14.965 -12.646 -15.470 1.00 67.18  ? 42  U   A OP2   1 
ATOM   899  O  "O5'" . U   A 1 42 ? -16.931 -12.585 -17.065 1.00 72.81  ? 42  U   A "O5'" 1 
ATOM   900  C  "C5'" . U   A 1 42 ? -17.565 -12.897 -18.296 1.00 70.81  ? 42  U   A "C5'" 1 
ATOM   901  C  "C4'" . U   A 1 42 ? -19.011 -12.481 -18.329 1.00 74.27  ? 42  U   A "C4'" 1 
ATOM   902  O  "O4'" . U   A 1 42 ? -19.840 -13.448 -17.636 1.00 78.92  ? 42  U   A "O4'" 1 
ATOM   903  C  "C3'" . U   A 1 42 ? -19.365 -11.163 -17.664 1.00 80.08  ? 42  U   A "C3'" 1 
ATOM   904  O  "O3'" . U   A 1 42 ? -19.013 -10.031 -18.438 1.00 79.07  ? 42  U   A "O3'" 1 
ATOM   905  C  "C2'" . U   A 1 42 ? -20.865 -11.312 -17.447 1.00 81.21  ? 42  U   A "C2'" 1 
ATOM   906  O  "O2'" . U   A 1 42 ? -21.577 -11.093 -18.658 1.00 80.23  ? 42  U   A "O2'" 1 
ATOM   907  C  "C1'" . U   A 1 42 ? -20.966 -12.795 -17.082 1.00 75.74  ? 42  U   A "C1'" 1 
ATOM   908  N  N1    . U   A 1 42 ? -20.948 -12.972 -15.617 1.00 75.60  ? 42  U   A N1    1 
ATOM   909  C  C2    . U   A 1 42 ? -22.158 -12.778 -14.985 1.00 79.45  ? 42  U   A C2    1 
ATOM   910  O  O2    . U   A 1 42 ? -23.182 -12.502 -15.593 1.00 81.37  ? 42  U   A O2    1 
ATOM   911  N  N3    . U   A 1 42 ? -22.124 -12.930 -13.622 1.00 79.90  ? 42  U   A N3    1 
ATOM   912  C  C4    . U   A 1 42 ? -21.018 -13.240 -12.855 1.00 77.78  ? 42  U   A C4    1 
ATOM   913  O  O4    . U   A 1 42 ? -21.158 -13.338 -11.636 1.00 77.05  ? 42  U   A O4    1 
ATOM   914  C  C5    . U   A 1 42 ? -19.796 -13.411 -13.590 1.00 74.23  ? 42  U   A C5    1 
ATOM   915  C  C6    . U   A 1 42 ? -19.799 -13.276 -14.919 1.00 72.63  ? 42  U   A C6    1 
ATOM   916  P  P     . G   A 1 43 ? -18.521 -8.683  -17.715 1.00 83.53  ? 43  G   A P     1 
ATOM   917  O  OP1   . G   A 1 43 ? -17.893 -7.814  -18.746 1.00 95.38  ? 43  G   A OP1   1 
ATOM   918  O  OP2   . G   A 1 43 ? -17.729 -9.046  -16.512 1.00 79.16  ? 43  G   A OP2   1 
ATOM   919  O  "O5'" . G   A 1 43 ? -19.877 -7.992  -17.249 1.00 79.12  ? 43  G   A "O5'" 1 
ATOM   920  C  "C5'" . G   A 1 43 ? -20.925 -7.767  -18.177 1.00 76.37  ? 43  G   A "C5'" 1 
ATOM   921  C  "C4'" . G   A 1 43 ? -22.164 -7.265  -17.489 1.00 77.91  ? 43  G   A "C4'" 1 
ATOM   922  O  "O4'" . G   A 1 43 ? -22.881 -8.374  -16.883 1.00 79.03  ? 43  G   A "O4'" 1 
ATOM   923  C  "C3'" . G   A 1 43 ? -21.935 -6.313  -16.330 1.00 85.64  ? 43  G   A "C3'" 1 
ATOM   924  O  "O3'" . G   A 1 43 ? -21.601 -4.989  -16.721 1.00 82.39  ? 43  G   A "O3'" 1 
ATOM   925  C  "C2'" . G   A 1 43 ? -23.232 -6.444  -15.541 1.00 84.57  ? 43  G   A "C2'" 1 
ATOM   926  O  "O2'" . G   A 1 43 ? -24.291 -5.720  -16.154 1.00 91.82  ? 43  G   A "O2'" 1 
ATOM   927  C  "C1'" . G   A 1 43 ? -23.512 -7.941  -15.692 1.00 84.38  ? 43  G   A "C1'" 1 
ATOM   928  N  N9    . G   A 1 43 ? -22.951 -8.684  -14.545 1.00 86.82  ? 43  G   A N9    1 
ATOM   929  C  C8    . G   A 1 43 ? -21.640 -9.056  -14.338 1.00 84.40  ? 43  G   A C8    1 
ATOM   930  N  N7    . G   A 1 43 ? -21.454 -9.676  -13.202 1.00 85.53  ? 43  G   A N7    1 
ATOM   931  C  C5    . G   A 1 43 ? -22.719 -9.703  -12.616 1.00 87.77  ? 43  G   A C5    1 
ATOM   932  C  C6    . G   A 1 43 ? -23.152 -10.244 -11.374 1.00 85.25  ? 43  G   A C6    1 
ATOM   933  O  O6    . G   A 1 43 ? -22.487 -10.832 -10.509 1.00 85.01  ? 43  G   A O6    1 
ATOM   934  N  N1    . G   A 1 43 ? -24.516 -10.050 -11.179 1.00 85.62  ? 43  G   A N1    1 
ATOM   935  C  C2    . G   A 1 43 ? -25.363 -9.417  -12.055 1.00 87.49  ? 43  G   A C2    1 
ATOM   936  N  N2    . G   A 1 43 ? -26.649 -9.339  -11.671 1.00 86.70  ? 43  G   A N2    1 
ATOM   937  N  N3    . G   A 1 43 ? -24.976 -8.909  -13.217 1.00 83.05  ? 43  G   A N3    1 
ATOM   938  C  C4    . G   A 1 43 ? -23.651 -9.082  -13.428 1.00 84.66  ? 43  G   A C4    1 
ATOM   939  P  P     . G   A 1 44 ? -20.451 -4.201  -15.916 1.00 85.34  ? 44  G   A P     1 
ATOM   940  O  OP1   . G   A 1 44 ? -20.154 -2.916  -16.606 1.00 93.04  ? 44  G   A OP1   1 
ATOM   941  O  OP2   . G   A 1 44 ? -19.323 -5.138  -15.672 1.00 87.22  ? 44  G   A OP2   1 
ATOM   942  O  "O5'" . G   A 1 44 ? -21.143 -3.870  -14.519 1.00 87.38  ? 44  G   A "O5'" 1 
ATOM   943  C  "C5'" . G   A 1 44 ? -22.375 -3.165  -14.474 1.00 90.68  ? 44  G   A "C5'" 1 
ATOM   944  C  "C4'" . G   A 1 44 ? -22.921 -3.058  -13.072 1.00 94.44  ? 44  G   A "C4'" 1 
ATOM   945  O  "O4'" . G   A 1 44 ? -23.453 -4.336  -12.632 1.00 92.48  ? 44  G   A "O4'" 1 
ATOM   946  C  "C3'" . G   A 1 44 ? -21.934 -2.691  -11.977 1.00 96.61  ? 44  G   A "C3'" 1 
ATOM   947  O  "O3'" . G   A 1 44 ? -21.589 -1.315  -11.964 1.00 99.86  ? 44  G   A "O3'" 1 
ATOM   948  C  "C2'" . G   A 1 44 ? -22.658 -3.160  -10.720 1.00 93.21  ? 44  G   A "C2'" 1 
ATOM   949  O  "O2'" . G   A 1 44 ? -23.662 -2.229  -10.334 1.00 96.54  ? 44  G   A "O2'" 1 
ATOM   950  C  "C1'" . G   A 1 44 ? -23.344 -4.433  -11.224 1.00 95.05  ? 44  G   A "C1'" 1 
ATOM   951  N  N9    . G   A 1 44 ? -22.589 -5.654  -10.870 1.00 92.97  ? 44  G   A N9    1 
ATOM   952  C  C8    . G   A 1 44 ? -21.745 -6.382  -11.676 1.00 92.21  ? 44  G   A C8    1 
ATOM   953  N  N7    . G   A 1 44 ? -21.222 -7.418  -11.076 1.00 89.78  ? 44  G   A N7    1 
ATOM   954  C  C5    . G   A 1 44 ? -21.754 -7.374  -9.794  1.00 92.14  ? 44  G   A C5    1 
ATOM   955  C  C6    . G   A 1 44 ? -21.550 -8.245  -8.691  1.00 88.18  ? 44  G   A C6    1 
ATOM   956  O  O6    . G   A 1 44 ? -20.834 -9.250  -8.633  1.00 86.31  ? 44  G   A O6    1 
ATOM   957  N  N1    . G   A 1 44 ? -22.278 -7.840  -7.577  1.00 86.27  ? 44  G   A N1    1 
ATOM   958  C  C2    . G   A 1 44 ? -23.100 -6.739  -7.533  1.00 91.68  ? 44  G   A C2    1 
ATOM   959  N  N2    . G   A 1 44 ? -23.720 -6.511  -6.364  1.00 90.25  ? 44  G   A N2    1 
ATOM   960  N  N3    . G   A 1 44 ? -23.300 -5.919  -8.555  1.00 90.95  ? 44  G   A N3    1 
ATOM   961  C  C4    . G   A 1 44 ? -22.599 -6.294  -9.648  1.00 90.23  ? 44  G   A C4    1 
ATOM   962  P  P     . U   A 1 45 ? -20.088 -0.869  -11.596 1.00 103.01 ? 45  U   A P     1 
ATOM   963  O  OP1   . U   A 1 45 ? -19.823 0.441   -12.250 1.00 102.00 ? 45  U   A OP1   1 
ATOM   964  O  OP2   . U   A 1 45 ? -19.204 -2.028  -11.893 1.00 94.86  ? 45  U   A OP2   1 
ATOM   965  O  "O5'" . U   A 1 45 ? -20.122 -0.660  -10.010 1.00 101.63 ? 45  U   A "O5'" 1 
ATOM   966  C  "C5'" . U   A 1 45 ? -20.969 0.319   -9.421  1.00 97.75  ? 45  U   A "C5'" 1 
ATOM   967  C  "C4'" . U   A 1 45 ? -21.318 0.001   -7.983  1.00 95.46  ? 45  U   A "C4'" 1 
ATOM   968  O  "O4'" . U   A 1 45 ? -22.035 -1.264  -7.899  1.00 96.80  ? 45  U   A "O4'" 1 
ATOM   969  C  "C3'" . U   A 1 45 ? -20.162 -0.187  -7.013  1.00 94.23  ? 45  U   A "C3'" 1 
ATOM   970  O  "O3'" . U   A 1 45 ? -19.550 1.015   -6.591  1.00 97.46  ? 45  U   A "O3'" 1 
ATOM   971  C  "C2'" . U   A 1 45 ? -20.823 -0.955  -5.885  1.00 95.23  ? 45  U   A "C2'" 1 
ATOM   972  O  "O2'" . U   A 1 45 ? -21.657 -0.086  -5.129  1.00 91.10  ? 45  U   A "O2'" 1 
ATOM   973  C  "C1'" . U   A 1 45 ? -21.713 -1.911  -6.680  1.00 94.91  ? 45  U   A "C1'" 1 
ATOM   974  N  N1    . U   A 1 45 ? -21.001 -3.179  -6.981  1.00 94.27  ? 45  U   A N1    1 
ATOM   975  C  C2    . U   A 1 45 ? -20.865 -4.111  -5.966  1.00 92.77  ? 45  U   A C2    1 
ATOM   976  O  O2    . U   A 1 45 ? -21.312 -3.947  -4.844  1.00 95.21  ? 45  U   A O2    1 
ATOM   977  N  N3    . U   A 1 45 ? -20.185 -5.256  -6.304  1.00 91.27  ? 45  U   A N3    1 
ATOM   978  C  C4    . U   A 1 45 ? -19.632 -5.569  -7.527  1.00 91.01  ? 45  U   A C4    1 
ATOM   979  O  O4    . U   A 1 45 ? -19.052 -6.644  -7.671  1.00 94.17  ? 45  U   A O4    1 
ATOM   980  C  C5    . U   A 1 45 ? -19.804 -4.563  -8.525  1.00 91.56  ? 45  U   A C5    1 
ATOM   981  C  C6    . U   A 1 45 ? -20.457 -3.436  -8.220  1.00 93.98  ? 45  U   A C6    1 
ATOM   982  P  P     . U   A 1 46 ? -17.957 1.043   -6.358  1.00 106.21 ? 46  U   A P     1 
ATOM   983  O  OP1   . U   A 1 46 ? -17.549 2.439   -6.041  1.00 100.88 ? 46  U   A OP1   1 
ATOM   984  O  OP2   . U   A 1 46 ? -17.335 0.337   -7.508  1.00 100.48 ? 46  U   A OP2   1 
ATOM   985  O  "O5'" . U   A 1 46 ? -17.738 0.151   -5.053  1.00 97.95  ? 46  U   A "O5'" 1 
ATOM   986  C  "C5'" . U   A 1 46 ? -18.267 0.560   -3.801  1.00 96.67  ? 46  U   A "C5'" 1 
ATOM   987  C  "C4'" . U   A 1 46 ? -18.170 -0.526  -2.755  1.00 92.76  ? 46  U   A "C4'" 1 
ATOM   988  O  "O4'" . U   A 1 46 ? -18.769 -1.757  -3.244  1.00 93.69  ? 46  U   A "O4'" 1 
ATOM   989  C  "C3'" . U   A 1 46 ? -16.773 -0.952  -2.336  1.00 90.00  ? 46  U   A "C3'" 1 
ATOM   990  O  "O3'" . U   A 1 46 ? -16.147 -0.047  -1.441  1.00 88.96  ? 46  U   A "O3'" 1 
ATOM   991  C  "C2'" . U   A 1 46 ? -17.033 -2.317  -1.721  1.00 91.93  ? 46  U   A "C2'" 1 
ATOM   992  O  "O2'" . U   A 1 46 ? -17.595 -2.170  -0.425  1.00 93.37  ? 46  U   A "O2'" 1 
ATOM   993  C  "C1'" . U   A 1 46 ? -18.114 -2.867  -2.654  1.00 90.86  ? 46  U   A "C1'" 1 
ATOM   994  N  N1    . U   A 1 46 ? -17.549 -3.744  -3.712  1.00 90.69  ? 46  U   A N1    1 
ATOM   995  C  C2    . U   A 1 46 ? -16.996 -4.961  -3.333  1.00 85.41  ? 46  U   A C2    1 
ATOM   996  O  O2    . U   A 1 46 ? -16.937 -5.355  -2.183  1.00 86.91  ? 46  U   A O2    1 
ATOM   997  N  N3    . U   A 1 46 ? -16.496 -5.728  -4.351  1.00 83.54  ? 46  U   A N3    1 
ATOM   998  C  C4    . U   A 1 46 ? -16.484 -5.424  -5.693  1.00 85.75  ? 46  U   A C4    1 
ATOM   999  O  O4    . U   A 1 46 ? -15.992 -6.225  -6.491  1.00 81.99  ? 46  U   A O4    1 
ATOM   1000 C  C5    . U   A 1 46 ? -17.070 -4.159  -6.011  1.00 89.30  ? 46  U   A C5    1 
ATOM   1001 C  C6    . U   A 1 46 ? -17.572 -3.384  -5.040  1.00 91.73  ? 46  U   A C6    1 
ATOM   1002 P  P     . C   A 1 47 ? -14.539 0.022   -1.346  1.00 96.34  ? 47  C   A P     1 
ATOM   1003 O  OP1   . C   A 1 47 ? -14.163 1.075   -0.364  1.00 91.02  ? 47  C   A OP1   1 
ATOM   1004 O  OP2   . C   A 1 47 ? -13.979 0.086   -2.720  1.00 93.48  ? 47  C   A OP2   1 
ATOM   1005 O  "O5'" . C   A 1 47 ? -14.121 -1.389  -0.741  1.00 90.32  ? 47  C   A "O5'" 1 
ATOM   1006 C  "C5'" . C   A 1 47 ? -14.572 -1.810  0.537   1.00 86.87  ? 47  C   A "C5'" 1 
ATOM   1007 C  "C4'" . C   A 1 47 ? -14.068 -3.195  0.840   1.00 86.57  ? 47  C   A "C4'" 1 
ATOM   1008 O  "O4'" . C   A 1 47 ? -14.711 -4.165  -0.028  1.00 83.40  ? 47  C   A "O4'" 1 
ATOM   1009 C  "C3'" . C   A 1 47 ? -12.585 -3.401  0.589   1.00 86.05  ? 47  C   A "C3'" 1 
ATOM   1010 O  "O3'" . C   A 1 47 ? -11.787 -2.929  1.656   1.00 83.69  ? 47  C   A "O3'" 1 
ATOM   1011 C  "C2'" . C   A 1 47 ? -12.481 -4.903  0.365   1.00 83.93  ? 47  C   A "C2'" 1 
ATOM   1012 O  "O2'" . C   A 1 47 ? -12.458 -5.601  1.601   1.00 83.39  ? 47  C   A "O2'" 1 
ATOM   1013 C  "C1'" . C   A 1 47 ? -13.802 -5.203  -0.346  1.00 82.86  ? 47  C   A "C1'" 1 
ATOM   1014 N  N1    . C   A 1 47 ? -13.627 -5.272  -1.815  1.00 84.58  ? 47  C   A N1    1 
ATOM   1015 C  C2    . C   A 1 47 ? -13.058 -6.428  -2.355  1.00 79.13  ? 47  C   A C2    1 
ATOM   1016 O  O2    . C   A 1 47 ? -12.736 -7.346  -1.589  1.00 79.30  ? 47  C   A O2    1 
ATOM   1017 N  N3    . C   A 1 47 ? -12.876 -6.523  -3.693  1.00 79.81  ? 47  C   A N3    1 
ATOM   1018 C  C4    . C   A 1 47 ? -13.232 -5.513  -4.488  1.00 83.58  ? 47  C   A C4    1 
ATOM   1019 N  N4    . C   A 1 47 ? -13.034 -5.645  -5.804  1.00 80.04  ? 47  C   A N4    1 
ATOM   1020 C  C5    . C   A 1 47 ? -13.808 -4.319  -3.964  1.00 84.74  ? 47  C   A C5    1 
ATOM   1021 C  C6    . C   A 1 47 ? -13.984 -4.238  -2.638  1.00 87.69  ? 47  C   A C6    1 
ATOM   1022 P  P     . G   A 1 48 ? -10.305 -2.391  1.377   1.00 90.12  ? 48  G   A P     1 
ATOM   1023 O  OP1   . G   A 1 48 ? -9.786  -1.818  2.651   1.00 87.97  ? 48  G   A OP1   1 
ATOM   1024 O  OP2   . G   A 1 48 ? -10.342 -1.570  0.138   1.00 93.95  ? 48  G   A OP2   1 
ATOM   1025 O  "O5'" . G   A 1 48 ? -9.470  -3.712  1.087   1.00 81.49  ? 48  G   A "O5'" 1 
ATOM   1026 C  "C5'" . G   A 1 48 ? -9.396  -4.729  2.071   1.00 82.37  ? 48  G   A "C5'" 1 
ATOM   1027 C  "C4'" . G   A 1 48 ? -8.664  -5.932  1.553   1.00 75.65  ? 48  G   A "C4'" 1 
ATOM   1028 O  "O4'" . G   A 1 48 ? -9.495  -6.639  0.602   1.00 76.41  ? 48  G   A "O4'" 1 
ATOM   1029 C  "C3'" . G   A 1 48 ? -7.398  -5.635  0.778   1.00 78.77  ? 48  G   A "C3'" 1 
ATOM   1030 O  "O3'" . G   A 1 48 ? -6.291  -5.365  1.613   1.00 76.59  ? 48  G   A "O3'" 1 
ATOM   1031 C  "C2'" . G   A 1 48 ? -7.233  -6.884  -0.073  1.00 77.98  ? 48  G   A "C2'" 1 
ATOM   1032 O  "O2'" . G   A 1 48 ? -6.701  -7.944  0.706   1.00 78.24  ? 48  G   A "O2'" 1 
ATOM   1033 C  "C1'" . G   A 1 48 ? -8.687  -7.212  -0.405  1.00 78.48  ? 48  G   A "C1'" 1 
ATOM   1034 N  N9    . G   A 1 48 ? -9.119  -6.683  -1.720  1.00 77.72  ? 48  G   A N9    1 
ATOM   1035 C  C8    . G   A 1 48 ? -9.926  -5.587  -1.951  1.00 78.05  ? 48  G   A C8    1 
ATOM   1036 N  N7    . G   A 1 48 ? -10.169 -5.381  -3.220  1.00 78.00  ? 48  G   A N7    1 
ATOM   1037 C  C5    . G   A 1 48 ? -9.489  -6.407  -3.873  1.00 75.18  ? 48  G   A C5    1 
ATOM   1038 C  C6    . G   A 1 48 ? -9.372  -6.708  -5.258  1.00 70.67  ? 48  G   A C6    1 
ATOM   1039 O  O6    . G   A 1 48 ? -9.862  -6.120  -6.224  1.00 66.27  ? 48  G   A O6    1 
ATOM   1040 N  N1    . G   A 1 48 ? -8.584  -7.831  -5.478  1.00 70.41  ? 48  G   A N1    1 
ATOM   1041 C  C2    . G   A 1 48 ? -7.985  -8.584  -4.498  1.00 69.55  ? 48  G   A C2    1 
ATOM   1042 N  N2    . G   A 1 48 ? -7.261  -9.644  -4.908  1.00 65.89  ? 48  G   A N2    1 
ATOM   1043 N  N3    . G   A 1 48 ? -8.082  -8.309  -3.207  1.00 72.98  ? 48  G   A N3    1 
ATOM   1044 C  C4    . G   A 1 48 ? -8.841  -7.218  -2.963  1.00 73.01  ? 48  G   A C4    1 
ATOM   1045 P  P     . U   A 1 49 ? -5.150  -4.361  1.102   1.00 88.02  ? 49  U   A P     1 
ATOM   1046 O  OP1   . U   A 1 49 ? -4.277  -3.971  2.246   1.00 86.32  ? 49  U   A OP1   1 
ATOM   1047 O  OP2   . U   A 1 49 ? -5.864  -3.309  0.331   1.00 85.32  ? 49  U   A OP2   1 
ATOM   1048 O  "O5'" . U   A 1 49 ? -4.283  -5.253  0.105   1.00 77.14  ? 49  U   A "O5'" 1 
ATOM   1049 C  "C5'" . U   A 1 49 ? -3.728  -6.484  0.542   1.00 75.43  ? 49  U   A "C5'" 1 
ATOM   1050 C  "C4'" . U   A 1 49 ? -3.306  -7.337  -0.621  1.00 73.27  ? 49  U   A "C4'" 1 
ATOM   1051 O  "O4'" . U   A 1 49 ? -4.463  -7.678  -1.424  1.00 74.31  ? 49  U   A "O4'" 1 
ATOM   1052 C  "C3'" . U   A 1 49 ? -2.364  -6.674  -1.604  1.00 76.19  ? 49  U   A "C3'" 1 
ATOM   1053 O  "O3'" . U   A 1 49 ? -1.018  -6.685  -1.173  1.00 73.74  ? 49  U   A "O3'" 1 
ATOM   1054 C  "C2'" . U   A 1 49 ? -2.607  -7.459  -2.883  1.00 73.18  ? 49  U   A "C2'" 1 
ATOM   1055 O  "O2'" . U   A 1 49 ? -1.920  -8.700  -2.844  1.00 69.56  ? 49  U   A "O2'" 1 
ATOM   1056 C  "C1'" . U   A 1 49 ? -4.105  -7.732  -2.788  1.00 70.72  ? 49  U   A "C1'" 1 
ATOM   1057 N  N1    . U   A 1 49 ? -4.926  -6.742  -3.525  1.00 71.49  ? 49  U   A N1    1 
ATOM   1058 C  C2    . U   A 1 49 ? -4.972  -6.772  -4.913  1.00 70.42  ? 49  U   A C2    1 
ATOM   1059 O  O2    . U   A 1 49 ? -4.333  -7.572  -5.585  1.00 71.13  ? 49  U   A O2    1 
ATOM   1060 N  N3    . U   A 1 49 ? -5.789  -5.820  -5.493  1.00 64.93  ? 49  U   A N3    1 
ATOM   1061 C  C4    . U   A 1 49 ? -6.551  -4.862  -4.842  1.00 70.32  ? 49  U   A C4    1 
ATOM   1062 O  O4    . U   A 1 49 ? -7.242  -4.059  -5.482  1.00 67.79  ? 49  U   A O4    1 
ATOM   1063 C  C5    . U   A 1 49 ? -6.455  -4.906  -3.414  1.00 74.06  ? 49  U   A C5    1 
ATOM   1064 C  C6    . U   A 1 49 ? -5.670  -5.819  -2.833  1.00 74.17  ? 49  U   A C6    1 
ATOM   1065 P  P     . C   A 1 50 ? -0.090  -5.428  -1.529  1.00 90.62  ? 50  C   A P     1 
ATOM   1066 O  OP1   . C   A 1 50 ? 1.149   -5.452  -0.702  1.00 91.33  ? 50  C   A OP1   1 
ATOM   1067 O  OP2   . C   A 1 50 ? -0.992  -4.245  -1.472  1.00 74.06  ? 50  C   A OP2   1 
ATOM   1068 O  "O5'" . C   A 1 50 ? 0.331   -5.691  -3.046  1.00 88.28  ? 50  C   A "O5'" 1 
ATOM   1069 C  "C5'" . C   A 1 50 ? 0.905   -6.931  -3.439  1.00 77.12  ? 50  C   A "C5'" 1 
ATOM   1070 C  "C4'" . C   A 1 50 ? 0.730   -7.188  -4.919  1.00 75.26  ? 50  C   A "C4'" 1 
ATOM   1071 O  "O4'" . C   A 1 50 ? -0.683  -7.275  -5.257  1.00 75.59  ? 50  C   A "O4'" 1 
ATOM   1072 C  "C3'" . C   A 1 50 ? 1.255   -6.116  -5.855  1.00 76.81  ? 50  C   A "C3'" 1 
ATOM   1073 O  "O3'" . C   A 1 50 ? 2.660   -6.151  -6.024  1.00 76.43  ? 50  C   A "O3'" 1 
ATOM   1074 C  "C2'" . C   A 1 50 ? 0.467   -6.383  -7.139  1.00 73.60  ? 50  C   A "C2'" 1 
ATOM   1075 O  "O2'" . C   A 1 50 ? 1.007   -7.479  -7.865  1.00 63.72  ? 50  C   A "O2'" 1 
ATOM   1076 C  "C1'" . C   A 1 50 ? -0.891  -6.803  -6.577  1.00 68.57  ? 50  C   A "C1'" 1 
ATOM   1077 N  N1    . C   A 1 50 ? -1.846  -5.670  -6.549  1.00 65.58  ? 50  C   A N1    1 
ATOM   1078 C  C2    . C   A 1 50 ? -2.413  -5.261  -7.765  1.00 62.69  ? 50  C   A C2    1 
ATOM   1079 O  O2    . C   A 1 50 ? -2.107  -5.850  -8.817  1.00 61.05  ? 50  C   A O2    1 
ATOM   1080 N  N3    . C   A 1 50 ? -3.285  -4.228  -7.769  1.00 57.16  ? 50  C   A N3    1 
ATOM   1081 C  C4    . C   A 1 50 ? -3.599  -3.606  -6.634  1.00 57.95  ? 50  C   A C4    1 
ATOM   1082 N  N4    . C   A 1 50 ? -4.468  -2.591  -6.707  1.00 53.14  ? 50  C   A N4    1 
ATOM   1083 C  C5    . C   A 1 50 ? -3.040  -4.007  -5.378  1.00 64.56  ? 50  C   A C5    1 
ATOM   1084 C  C6    . C   A 1 50 ? -2.171  -5.028  -5.385  1.00 66.82  ? 50  C   A C6    1 
ATOM   1085 P  P     . G   A 1 51 ? 3.447   -4.787  -6.340  1.00 80.41  ? 51  G   A P     1 
ATOM   1086 O  OP1   . G   A 1 51 ? 4.903   -5.072  -6.428  1.00 76.42  ? 51  G   A OP1   1 
ATOM   1087 O  OP2   . G   A 1 51 ? 2.931   -3.756  -5.394  1.00 80.66  ? 51  G   A OP2   1 
ATOM   1088 O  "O5'" . G   A 1 51 ? 2.982   -4.419  -7.817  1.00 73.26  ? 51  G   A "O5'" 1 
ATOM   1089 C  "C5'" . G   A 1 51 ? 3.425   -5.184  -8.929  1.00 71.16  ? 51  G   A "C5'" 1 
ATOM   1090 C  "C4'" . G   A 1 51 ? 3.103   -4.492  -10.230 1.00 71.57  ? 51  G   A "C4'" 1 
ATOM   1091 O  "O4'" . G   A 1 51 ? 1.666   -4.476  -10.425 1.00 66.08  ? 51  G   A "O4'" 1 
ATOM   1092 C  "C3'" . G   A 1 51 ? 3.506   -3.027  -10.321 1.00 64.49  ? 51  G   A "C3'" 1 
ATOM   1093 O  "O3'" . G   A 1 51 ? 4.869   -2.852  -10.664 1.00 80.62  ? 51  G   A "O3'" 1 
ATOM   1094 C  "C2'" . G   A 1 51 ? 2.553   -2.480  -11.370 1.00 60.83  ? 51  G   A "C2'" 1 
ATOM   1095 O  "O2'" . G   A 1 51 ? 3.026   -2.815  -12.667 1.00 58.50  ? 51  G   A "O2'" 1 
ATOM   1096 C  "C1'" . G   A 1 51 ? 1.281   -3.286  -11.077 1.00 61.88  ? 51  G   A "C1'" 1 
ATOM   1097 N  N9    . G   A 1 51 ? 0.312   -2.577  -10.208 1.00 56.78  ? 51  G   A N9    1 
ATOM   1098 C  C8    . G   A 1 51 ? 0.256   -2.585  -8.838  1.00 57.47  ? 51  G   A C8    1 
ATOM   1099 N  N7    . G   A 1 51 ? -0.730  -1.870  -8.349  1.00 53.73  ? 51  G   A N7    1 
ATOM   1100 C  C5    . G   A 1 51 ? -1.377  -1.370  -9.466  1.00 48.64  ? 51  G   A C5    1 
ATOM   1101 C  C6    . G   A 1 51 ? -2.509  -0.526  -9.576  1.00 50.80  ? 51  G   A C6    1 
ATOM   1102 O  O6    . G   A 1 51 ? -3.212  -0.047  -8.679  1.00 49.79  ? 51  G   A O6    1 
ATOM   1103 N  N1    . G   A 1 51 ? -2.824  -0.246  -10.898 1.00 48.00  ? 51  G   A N1    1 
ATOM   1104 C  C2    . G   A 1 51 ? -2.143  -0.732  -11.977 1.00 51.14  ? 51  G   A C2    1 
ATOM   1105 N  N2    . G   A 1 51 ? -2.611  -0.343  -13.173 1.00 44.90  ? 51  G   A N2    1 
ATOM   1106 N  N3    . G   A 1 51 ? -1.081  -1.519  -11.893 1.00 47.68  ? 51  G   A N3    1 
ATOM   1107 C  C4    . G   A 1 51 ? -0.755  -1.798  -10.618 1.00 52.24  ? 51  G   A C4    1 
HETATM 1108 MG MG    . MG  B 2 .  ? -10.322 -14.249 -14.242 1.00 66.57  ? 101 MG  A MG    1 
HETATM 1109 MN MN    . MN  C 3 .  ? -14.588 -15.594 -6.094  1.00 58.09  ? 102 MN  A MN    1 
HETATM 1110 MN MN    . MN  D 3 .  ? -1.545  1.643   -5.380  1.00 67.61  ? 103 MN  A MN    1 
HETATM 1111 MN MN    . MN  E 3 .  ? 7.383   20.331  2.506   1.00 42.58  ? 104 MN  A MN    1 
HETATM 1112 MN MN    . MN  F 3 .  ? -18.351 -9.411  -10.918 1.00 104.06 ? 105 MN  A MN    1 
HETATM 1113 MN MN    . MN  G 3 .  ? 2.647   6.782   -8.141  1.00 84.99  ? 106 MN  A MN    1 
HETATM 1114 MN MN    . MN  H 3 .  ? 7.538   17.177  -4.857  1.00 103.22 ? 107 MN  A MN    1 
HETATM 1115 MG MG    . MG  I 2 .  ? 17.448  0.890   4.118   1.00 39.30  ? 108 MG  A MG    1 
HETATM 1116 O  O     . HOH J 4 .  ? 3.599   0.500   20.533  1.00 68.52  ? 201 HOH A O     1 
HETATM 1117 O  O     . HOH J 4 .  ? 5.525   -0.555  3.932   1.00 41.83  ? 202 HOH A O     1 
HETATM 1118 O  O     . HOH J 4 .  ? -14.562 10.840  -4.965  1.00 65.47  ? 203 HOH A O     1 
HETATM 1119 O  O     . HOH J 4 .  ? 17.883  -7.300  8.932   1.00 45.60  ? 204 HOH A O     1 
HETATM 1120 O  O     . HOH J 4 .  ? 21.956  -7.489  15.131  1.00 60.82  ? 205 HOH A O     1 
HETATM 1121 O  O     . HOH J 4 .  ? 10.200  -6.047  2.277   1.00 53.88  ? 206 HOH A O     1 
HETATM 1122 O  O     . HOH J 4 .  ? -2.225  12.686  5.266   1.00 57.40  ? 207 HOH A O     1 
HETATM 1123 O  O     . HOH J 4 .  ? 3.132   -11.612 13.632  1.00 45.26  ? 208 HOH A O     1 
HETATM 1124 O  O     . HOH J 4 .  ? -3.484  0.709   -6.293  1.00 49.26  ? 209 HOH A O     1 
HETATM 1125 O  O     . HOH J 4 .  ? 6.120   9.051   -2.063  1.00 39.99  ? 210 HOH A O     1 
HETATM 1126 O  O     . HOH J 4 .  ? 9.769   0.879   1.371   1.00 36.90  ? 211 HOH A O     1 
HETATM 1127 O  O     . HOH J 4 .  ? 4.783   3.109   -2.385  1.00 73.23  ? 212 HOH A O     1 
HETATM 1128 O  O     . HOH J 4 .  ? 8.873   -4.251  13.283  1.00 56.07  ? 213 HOH A O     1 
HETATM 1129 O  O     . HOH J 4 .  ? 9.309   -5.289  16.132  1.00 53.05  ? 214 HOH A O     1 
HETATM 1130 O  O     . HOH J 4 .  ? -24.571 -11.448 -17.688 0.50 59.26  ? 215 HOH A O     1 
HETATM 1131 O  O     . HOH J 4 .  ? 3.464   17.980  7.207   1.00 43.38  ? 216 HOH A O     1 
HETATM 1132 O  O     . HOH J 4 .  ? -1.343  7.382   -1.015  1.00 41.47  ? 217 HOH A O     1 
HETATM 1133 O  O     . HOH J 4 .  ? 5.876   15.714  -4.144  1.00 54.16  ? 218 HOH A O     1 
HETATM 1134 O  O     . HOH J 4 .  ? 4.532   12.842  -5.232  1.00 43.51  ? 219 HOH A O     1 
HETATM 1135 O  O     . HOH J 4 .  ? 7.181   19.475  0.695   1.00 31.66  ? 220 HOH A O     1 
HETATM 1136 O  O     . HOH J 4 .  ? 14.921  4.970   10.030  1.00 35.89  ? 221 HOH A O     1 
HETATM 1137 O  O     . HOH J 4 .  ? 6.667   11.079  -5.151  1.00 46.29  ? 222 HOH A O     1 
HETATM 1138 O  O     . HOH J 4 .  ? 16.067  -4.563  9.569   1.00 31.43  ? 223 HOH A O     1 
HETATM 1139 O  O     . HOH J 4 .  ? -0.179  -2.546  -14.378 1.00 57.49  ? 224 HOH A O     1 
HETATM 1140 O  O     . HOH J 4 .  ? 3.848   9.885   -4.044  1.00 43.41  ? 225 HOH A O     1 
HETATM 1141 O  O     . HOH J 4 .  ? -2.317  5.118   -15.155 1.00 50.80  ? 226 HOH A O     1 
HETATM 1142 O  O     . HOH J 4 .  ? -14.068 8.911   -6.404  1.00 70.05  ? 227 HOH A O     1 
HETATM 1143 O  O     . HOH J 4 .  ? -0.153  7.800   -3.115  1.00 52.81  ? 228 HOH A O     1 
HETATM 1144 O  O     . HOH J 4 .  ? 1.459   22.454  -1.966  1.00 56.12  ? 229 HOH A O     1 
HETATM 1145 O  O     . HOH J 4 .  ? 11.232  16.520  2.191   1.00 44.76  ? 230 HOH A O     1 
HETATM 1146 O  O     . HOH J 4 .  ? 13.570  7.546   10.317  1.00 45.07  ? 231 HOH A O     1 
HETATM 1147 O  O     . HOH J 4 .  ? 0.332   1.209   7.092   1.00 54.28  ? 232 HOH A O     1 
HETATM 1148 O  O     . HOH J 4 .  ? 8.329   -0.128  3.137   1.00 39.80  ? 233 HOH A O     1 
HETATM 1149 O  O     . HOH J 4 .  ? 5.503   11.701  8.135   1.00 46.32  ? 234 HOH A O     1 
HETATM 1150 O  O     . HOH J 4 .  ? -8.323  5.471   -5.389  1.00 50.57  ? 235 HOH A O     1 
HETATM 1151 O  O     . HOH J 4 .  ? -0.498  13.952  4.741   1.00 62.74  ? 236 HOH A O     1 
HETATM 1152 O  O     . HOH J 4 .  ? 17.815  1.521   2.383   1.00 47.71  ? 237 HOH A O     1 
HETATM 1153 O  O     . HOH J 4 .  ? -27.380 -8.734  -15.255 0.50 71.73  ? 238 HOH A O     1 
HETATM 1154 O  O     . HOH J 4 .  ? 3.521   10.164  -6.495  1.00 50.94  ? 239 HOH A O     1 
HETATM 1155 O  O     . HOH J 4 .  ? 8.106   4.824   -5.210  1.00 63.89  ? 240 HOH A O     1 
HETATM 1156 O  O     . HOH J 4 .  ? -2.666  6.466   -2.521  1.00 48.43  ? 241 HOH A O     1 
HETATM 1157 O  O     . HOH J 4 .  ? -0.755  6.158   -2.249  1.00 45.94  ? 242 HOH A O     1 
HETATM 1158 O  O     . HOH J 4 .  ? 8.661   -3.501  1.766   1.00 67.55  ? 243 HOH A O     1 
HETATM 1159 O  O     . HOH J 4 .  ? -1.016  13.072  7.836   1.00 48.45  ? 244 HOH A O     1 
HETATM 1160 O  O     . HOH J 4 .  ? 5.123   9.722   10.587  1.00 53.71  ? 245 HOH A O     1 
HETATM 1161 O  O     . HOH J 4 .  ? 19.326  -0.015  3.726   1.00 45.67  ? 246 HOH A O     1 
# 
loop_
_pdbx_poly_seq_scheme.asym_id 
_pdbx_poly_seq_scheme.entity_id 
_pdbx_poly_seq_scheme.seq_id 
_pdbx_poly_seq_scheme.mon_id 
_pdbx_poly_seq_scheme.ndb_seq_num 
_pdbx_poly_seq_scheme.pdb_seq_num 
_pdbx_poly_seq_scheme.auth_seq_num 
_pdbx_poly_seq_scheme.pdb_mon_id 
_pdbx_poly_seq_scheme.auth_mon_id 
_pdbx_poly_seq_scheme.pdb_strand_id 
_pdbx_poly_seq_scheme.pdb_ins_code 
_pdbx_poly_seq_scheme.hetero 
A 1 1  GTP 1  1  1  GTP GTP A . n 
A 1 2  G   2  2  2  G   G   A . n 
A 1 3  A   3  3  3  A   A   A . n 
A 1 4  C   4  4  4  C   C   A . n 
A 1 5  G   5  5  5  G   G   A . n 
A 1 6  G   6  6  6  G   G   A . n 
A 1 7  G   7  7  7  G   G   A . n 
A 1 8  A   8  8  8  A   A   A . n 
A 1 9  G   9  9  9  G   G   A . n 
A 1 10 C   10 10 10 C   C   A . n 
A 1 11 U   11 11 11 U   U   A . n 
A 1 12 G   12 12 12 G   G   A . n 
A 1 13 A   13 13 13 A   A   A . n 
A 1 14 A   14 14 14 A   A   A . n 
A 1 15 C   15 15 15 C   C   A . n 
A 1 16 C   16 16 16 C   C   A . n 
A 1 17 A   17 17 17 A   A   A . n 
A 1 18 U   18 18 18 U   U   A . n 
A 1 19 C   19 19 19 C   C   A . n 
A 1 20 C   20 20 20 C   C   A . n 
A 1 21 A   21 21 21 A   A   A . n 
A 1 22 G   22 22 22 G   G   A . n 
A 1 23 C   23 23 23 C   C   A . n 
A 1 24 G   24 24 24 G   G   A . n 
A 1 25 A   25 25 25 A   A   A . n 
A 1 26 A   26 26 26 A   A   A . n 
A 1 27 G   27 27 27 G   G   A . n 
A 1 28 A   28 28 28 A   A   A . n 
A 1 29 A   29 29 29 A   A   A . n 
A 1 30 C   30 30 30 C   C   A . n 
A 1 31 G   31 31 31 G   G   A . n 
A 1 32 U   32 32 32 U   U   A . n 
A 1 33 C   33 33 33 C   C   A . n 
A 1 34 C   34 34 34 C   C   A . n 
A 1 35 C   35 35 35 C   C   A . n 
A 1 36 G   36 36 36 G   G   A . n 
A 1 37 A   37 37 37 A   A   A . n 
A 1 38 C   38 38 38 C   C   A . n 
A 1 39 G   39 39 39 G   G   A . n 
A 1 40 G   40 40 40 G   G   A . n 
A 1 41 A   41 41 41 A   A   A . n 
A 1 42 U   42 42 42 U   U   A . n 
A 1 43 G   43 43 43 G   G   A . n 
A 1 44 G   44 44 44 G   G   A . n 
A 1 45 U   45 45 45 U   U   A . n 
A 1 46 U   46 46 46 U   U   A . n 
A 1 47 C   47 47 47 C   C   A . n 
A 1 48 G   48 48 48 G   G   A . n 
A 1 49 U   49 49 49 U   U   A . n 
A 1 50 C   50 50 50 C   C   A . n 
A 1 51 G   51 51 51 G   G   A . n 
# 
loop_
_pdbx_nonpoly_scheme.asym_id 
_pdbx_nonpoly_scheme.entity_id 
_pdbx_nonpoly_scheme.mon_id 
_pdbx_nonpoly_scheme.ndb_seq_num 
_pdbx_nonpoly_scheme.pdb_seq_num 
_pdbx_nonpoly_scheme.auth_seq_num 
_pdbx_nonpoly_scheme.pdb_mon_id 
_pdbx_nonpoly_scheme.auth_mon_id 
_pdbx_nonpoly_scheme.pdb_strand_id 
_pdbx_nonpoly_scheme.pdb_ins_code 
B 2 MG  1  101 60 MG  MG  A . 
C 3 MN  1  102 61 MN  MN  A . 
D 3 MN  1  103 62 MN  MN  A . 
E 3 MN  1  104 63 MN  MN  A . 
F 3 MN  1  105 64 MN  MN  A . 
G 3 MN  1  106 65 MN  MN  A . 
H 3 MN  1  107 66 MN  MN  A . 
I 2 MG  1  108 67 MG  MG  A . 
J 4 HOH 1  201 43 HOH HOH A . 
J 4 HOH 2  202 8  HOH HOH A . 
J 4 HOH 3  203 30 HOH HOH A . 
J 4 HOH 4  204 16 HOH HOH A . 
J 4 HOH 5  205 23 HOH HOH A . 
J 4 HOH 6  206 44 HOH HOH A . 
J 4 HOH 7  207 29 HOH HOH A . 
J 4 HOH 8  208 36 HOH HOH A . 
J 4 HOH 9  209 35 HOH HOH A . 
J 4 HOH 10 210 10 HOH HOH A . 
J 4 HOH 11 211 4  HOH HOH A . 
J 4 HOH 12 212 42 HOH HOH A . 
J 4 HOH 13 213 26 HOH HOH A . 
J 4 HOH 14 214 31 HOH HOH A . 
J 4 HOH 15 215 11 HOH HOH A . 
J 4 HOH 16 216 40 HOH HOH A . 
J 4 HOH 17 217 15 HOH HOH A . 
J 4 HOH 18 218 34 HOH HOH A . 
J 4 HOH 19 219 6  HOH HOH A . 
J 4 HOH 20 220 3  HOH HOH A . 
J 4 HOH 21 221 1  HOH HOH A . 
J 4 HOH 22 222 28 HOH HOH A . 
J 4 HOH 23 223 2  HOH HOH A . 
J 4 HOH 24 224 27 HOH HOH A . 
J 4 HOH 25 225 19 HOH HOH A . 
J 4 HOH 26 226 21 HOH HOH A . 
J 4 HOH 27 227 46 HOH HOH A . 
J 4 HOH 28 228 41 HOH HOH A . 
J 4 HOH 29 229 39 HOH HOH A . 
J 4 HOH 30 230 12 HOH HOH A . 
J 4 HOH 31 231 18 HOH HOH A . 
J 4 HOH 32 232 20 HOH HOH A . 
J 4 HOH 33 233 7  HOH HOH A . 
J 4 HOH 34 234 22 HOH HOH A . 
J 4 HOH 35 235 13 HOH HOH A . 
J 4 HOH 36 236 24 HOH HOH A . 
J 4 HOH 37 237 33 HOH HOH A . 
J 4 HOH 38 238 32 HOH HOH A . 
J 4 HOH 39 239 9  HOH HOH A . 
J 4 HOH 40 240 38 HOH HOH A . 
J 4 HOH 41 241 5  HOH HOH A . 
J 4 HOH 42 242 17 HOH HOH A . 
J 4 HOH 43 243 45 HOH HOH A . 
J 4 HOH 44 244 25 HOH HOH A . 
J 4 HOH 45 245 14 HOH HOH A . 
J 4 HOH 46 246 37 HOH HOH A . 
# 
_pdbx_struct_assembly.id                   1 
_pdbx_struct_assembly.details              author_and_software_defined_assembly 
_pdbx_struct_assembly.method_details       PISA 
_pdbx_struct_assembly.oligomeric_details   dimeric 
_pdbx_struct_assembly.oligomeric_count     2 
# 
_pdbx_struct_assembly_gen.assembly_id       1 
_pdbx_struct_assembly_gen.oper_expression   1,2 
_pdbx_struct_assembly_gen.asym_id_list      A,B,C,D,E,F,G,H,I,J 
# 
loop_
_pdbx_struct_assembly_prop.biol_id 
_pdbx_struct_assembly_prop.type 
_pdbx_struct_assembly_prop.value 
_pdbx_struct_assembly_prop.details 
1 'ABSA (A^2)' 5270  ? 
1 MORE         -100  ? 
1 'SSA (A^2)'  16690 ? 
# 
loop_
_pdbx_struct_oper_list.id 
_pdbx_struct_oper_list.type 
_pdbx_struct_oper_list.name 
_pdbx_struct_oper_list.symmetry_operation 
_pdbx_struct_oper_list.matrix[1][1] 
_pdbx_struct_oper_list.matrix[1][2] 
_pdbx_struct_oper_list.matrix[1][3] 
_pdbx_struct_oper_list.vector[1] 
_pdbx_struct_oper_list.matrix[2][1] 
_pdbx_struct_oper_list.matrix[2][2] 
_pdbx_struct_oper_list.matrix[2][3] 
_pdbx_struct_oper_list.vector[2] 
_pdbx_struct_oper_list.matrix[3][1] 
_pdbx_struct_oper_list.matrix[3][2] 
_pdbx_struct_oper_list.matrix[3][3] 
_pdbx_struct_oper_list.vector[3] 
1 'identity operation'         1_555 x,y,z  1.0000000000  0.0000000000  0.0000000000  0.0000000000   0.0000000000  1.0000000000  0.0000000000 0.0000000000   0.0000000000  0.0000000000 1.0000000000  0.0000000000  
2 'crystal symmetry operation' 7_555 y,x,-z -0.2546936228 -0.7201028871 -0.6454324059 -14.9000328245 -0.7201028871 -0.3042483148 0.6236062820 -24.4452688815 -0.6454324059 0.6236062820 -0.4410580624 10.0676990377 
# 
loop_
_pdbx_struct_special_symmetry.id 
_pdbx_struct_special_symmetry.PDB_model_num 
_pdbx_struct_special_symmetry.auth_asym_id 
_pdbx_struct_special_symmetry.auth_comp_id 
_pdbx_struct_special_symmetry.auth_seq_id 
_pdbx_struct_special_symmetry.PDB_ins_code 
_pdbx_struct_special_symmetry.label_asym_id 
_pdbx_struct_special_symmetry.label_comp_id 
_pdbx_struct_special_symmetry.label_seq_id 
1 1 A HOH 215 ? J HOH . 
2 1 A HOH 238 ? J HOH . 
# 
loop_
_pdbx_struct_conn_angle.id 
_pdbx_struct_conn_angle.ptnr1_label_atom_id 
_pdbx_struct_conn_angle.ptnr1_label_alt_id 
_pdbx_struct_conn_angle.ptnr1_label_asym_id 
_pdbx_struct_conn_angle.ptnr1_label_comp_id 
_pdbx_struct_conn_angle.ptnr1_label_seq_id 
_pdbx_struct_conn_angle.ptnr1_auth_atom_id 
_pdbx_struct_conn_angle.ptnr1_auth_asym_id 
_pdbx_struct_conn_angle.ptnr1_auth_comp_id 
_pdbx_struct_conn_angle.ptnr1_auth_seq_id 
_pdbx_struct_conn_angle.ptnr1_PDB_ins_code 
_pdbx_struct_conn_angle.ptnr1_symmetry 
_pdbx_struct_conn_angle.ptnr2_label_atom_id 
_pdbx_struct_conn_angle.ptnr2_label_alt_id 
_pdbx_struct_conn_angle.ptnr2_label_asym_id 
_pdbx_struct_conn_angle.ptnr2_label_comp_id 
_pdbx_struct_conn_angle.ptnr2_label_seq_id 
_pdbx_struct_conn_angle.ptnr2_auth_atom_id 
_pdbx_struct_conn_angle.ptnr2_auth_asym_id 
_pdbx_struct_conn_angle.ptnr2_auth_comp_id 
_pdbx_struct_conn_angle.ptnr2_auth_seq_id 
_pdbx_struct_conn_angle.ptnr2_PDB_ins_code 
_pdbx_struct_conn_angle.ptnr2_symmetry 
_pdbx_struct_conn_angle.ptnr3_label_atom_id 
_pdbx_struct_conn_angle.ptnr3_label_alt_id 
_pdbx_struct_conn_angle.ptnr3_label_asym_id 
_pdbx_struct_conn_angle.ptnr3_label_comp_id 
_pdbx_struct_conn_angle.ptnr3_label_seq_id 
_pdbx_struct_conn_angle.ptnr3_auth_atom_id 
_pdbx_struct_conn_angle.ptnr3_auth_asym_id 
_pdbx_struct_conn_angle.ptnr3_auth_comp_id 
_pdbx_struct_conn_angle.ptnr3_auth_seq_id 
_pdbx_struct_conn_angle.ptnr3_PDB_ins_code 
_pdbx_struct_conn_angle.ptnr3_symmetry 
_pdbx_struct_conn_angle.value 
_pdbx_struct_conn_angle.value_esd 
1  N7  ? A GTP 1  ? A GTP 1   ? 1_555 MN ? D MN . ? A MN 103 ? 1_555 O   ? J HOH .  ? A HOH 209 ? 1_555 78.1  ? 
2  OP2 ? A G   7  ? A G   7   ? 1_555 MN ? E MN . ? A MN 104 ? 1_555 O   ? J HOH .  ? A HOH 220 ? 1_555 87.2  ? 
3  OP2 ? A G   7  ? A G   7   ? 1_555 MN ? E MN . ? A MN 104 ? 1_555 O   ? J HOH .  ? A HOH 223 ? 5_444 94.8  ? 
4  O   ? J HOH .  ? A HOH 220 ? 1_555 MN ? E MN . ? A MN 104 ? 1_555 O   ? J HOH .  ? A HOH 223 ? 5_444 176.0 ? 
5  OP1 ? A A   13 ? A A   13  ? 1_555 MN ? C MN . ? A MN 102 ? 7_555 OP1 ? A G   40 ? A G   40  ? 1_555 40.1  ? 
6  OP1 ? A A   13 ? A A   13  ? 1_555 MN ? C MN . ? A MN 102 ? 7_555 O   ? J HOH .  ? A HOH 208 ? 7_555 36.4  ? 
7  OP1 ? A G   40 ? A G   40  ? 1_555 MN ? C MN . ? A MN 102 ? 7_555 O   ? J HOH .  ? A HOH 208 ? 7_555 8.6   ? 
8  OP2 ? A G   39 ? A G   39  ? 1_555 MG ? B MG . ? A MG 101 ? 1_555 OP1 ? A A   41 ? A A   41  ? 1_555 90.3  ? 
9  O   ? J HOH .  ? A HOH 216 ? 5_454 MG ? I MG . ? A MG 108 ? 1_555 O   ? J HOH .  ? A HOH 237 ? 1_555 168.4 ? 
10 O   ? J HOH .  ? A HOH 216 ? 5_454 MG ? I MG . ? A MG 108 ? 1_555 O   ? J HOH .  ? A HOH 246 ? 1_555 91.0  ? 
11 O   ? J HOH .  ? A HOH 237 ? 1_555 MG ? I MG . ? A MG 108 ? 1_555 O   ? J HOH .  ? A HOH 246 ? 1_555 78.5  ? 
# 
loop_
_pdbx_audit_revision_history.ordinal 
_pdbx_audit_revision_history.data_content_type 
_pdbx_audit_revision_history.major_revision 
_pdbx_audit_revision_history.minor_revision 
_pdbx_audit_revision_history.revision_date 
1 'Structure model' 1 0 2021-09-08 
2 'Structure model' 1 1 2021-10-06 
3 'Structure model' 1 2 2023-10-18 
# 
_pdbx_audit_revision_details.ordinal             1 
_pdbx_audit_revision_details.revision_ordinal    1 
_pdbx_audit_revision_details.data_content_type   'Structure model' 
_pdbx_audit_revision_details.provider            repository 
_pdbx_audit_revision_details.type                'Initial release' 
_pdbx_audit_revision_details.description         ? 
_pdbx_audit_revision_details.details             ? 
# 
loop_
_pdbx_audit_revision_group.ordinal 
_pdbx_audit_revision_group.revision_ordinal 
_pdbx_audit_revision_group.data_content_type 
_pdbx_audit_revision_group.group 
1 2 'Structure model' 'Database references'    
2 3 'Structure model' 'Data collection'        
3 3 'Structure model' 'Refinement description' 
# 
loop_
_pdbx_audit_revision_category.ordinal 
_pdbx_audit_revision_category.revision_ordinal 
_pdbx_audit_revision_category.data_content_type 
_pdbx_audit_revision_category.category 
1 2 'Structure model' citation                      
2 2 'Structure model' citation_author               
3 3 'Structure model' chem_comp_atom                
4 3 'Structure model' chem_comp_bond                
5 3 'Structure model' pdbx_initial_refinement_model 
# 
loop_
_pdbx_audit_revision_item.ordinal 
_pdbx_audit_revision_item.revision_ordinal 
_pdbx_audit_revision_item.data_content_type 
_pdbx_audit_revision_item.item 
1  2 'Structure model' '_citation.country'                 
2  2 'Structure model' '_citation.journal_abbrev'          
3  2 'Structure model' '_citation.journal_id_CSD'          
4  2 'Structure model' '_citation.journal_id_ISSN'         
5  2 'Structure model' '_citation.journal_volume'          
6  2 'Structure model' '_citation.page_first'              
7  2 'Structure model' '_citation.page_last'               
8  2 'Structure model' '_citation.pdbx_database_id_DOI'    
9  2 'Structure model' '_citation.pdbx_database_id_PubMed' 
10 2 'Structure model' '_citation.title'                   
11 2 'Structure model' '_citation.year'                    
12 2 'Structure model' '_citation_author.identifier_ORCID' 
# 
loop_
_software.citation_id 
_software.classification 
_software.compiler_name 
_software.compiler_version 
_software.contact_author 
_software.contact_author_email 
_software.date 
_software.description 
_software.dependencies 
_software.hardware 
_software.language 
_software.location 
_software.mods 
_software.name 
_software.os 
_software.os_version 
_software.type 
_software.version 
_software.pdbx_ordinal 
? refinement       ? ? ? ? ? ? ? ? ? ? ? PHENIX   ? ? ? 1.11.1_2575 1 
? 'data reduction' ? ? ? ? ? ? ? ? ? ? ? HKL-2000 ? ? ? 718         2 
? 'data scaling'   ? ? ? ? ? ? ? ? ? ? ? HKL-2000 ? ? ? 718         3 
? phasing          ? ? ? ? ? ? ? ? ? ? ? PHENIX   ? ? ? 1.11.1_2575 4 
# 
_pdbx_entry_details.entry_id                 7JRR 
_pdbx_entry_details.nonpolymer_details       ? 
_pdbx_entry_details.sequence_details         ? 
_pdbx_entry_details.compound_details         ? 
_pdbx_entry_details.source_details           ? 
_pdbx_entry_details.has_ligand_of_interest   N 
# 
loop_
_pdbx_validate_close_contact.id 
_pdbx_validate_close_contact.PDB_model_num 
_pdbx_validate_close_contact.auth_atom_id_1 
_pdbx_validate_close_contact.auth_asym_id_1 
_pdbx_validate_close_contact.auth_comp_id_1 
_pdbx_validate_close_contact.auth_seq_id_1 
_pdbx_validate_close_contact.PDB_ins_code_1 
_pdbx_validate_close_contact.label_alt_id_1 
_pdbx_validate_close_contact.auth_atom_id_2 
_pdbx_validate_close_contact.auth_asym_id_2 
_pdbx_validate_close_contact.auth_comp_id_2 
_pdbx_validate_close_contact.auth_seq_id_2 
_pdbx_validate_close_contact.PDB_ins_code_2 
_pdbx_validate_close_contact.label_alt_id_2 
_pdbx_validate_close_contact.dist 
1 1 O     A HOH 217 ? ? O A HOH 242 ? ? 1.83 
2 1 OP1   A C   16  ? ? O A HOH 201 ? ? 1.90 
3 1 O     A HOH 228 ? ? O A HOH 242 ? ? 1.95 
4 1 O     A HOH 241 ? ? O A HOH 242 ? ? 1.95 
5 1 "O2'" A C   10  ? ? O A HOH 202 ? ? 2.01 
6 1 OP1   A C   33  ? ? O A HOH 203 ? ? 2.15 
# 
loop_
_pdbx_validate_rmsd_angle.id 
_pdbx_validate_rmsd_angle.PDB_model_num 
_pdbx_validate_rmsd_angle.auth_atom_id_1 
_pdbx_validate_rmsd_angle.auth_asym_id_1 
_pdbx_validate_rmsd_angle.auth_comp_id_1 
_pdbx_validate_rmsd_angle.auth_seq_id_1 
_pdbx_validate_rmsd_angle.PDB_ins_code_1 
_pdbx_validate_rmsd_angle.label_alt_id_1 
_pdbx_validate_rmsd_angle.auth_atom_id_2 
_pdbx_validate_rmsd_angle.auth_asym_id_2 
_pdbx_validate_rmsd_angle.auth_comp_id_2 
_pdbx_validate_rmsd_angle.auth_seq_id_2 
_pdbx_validate_rmsd_angle.PDB_ins_code_2 
_pdbx_validate_rmsd_angle.label_alt_id_2 
_pdbx_validate_rmsd_angle.auth_atom_id_3 
_pdbx_validate_rmsd_angle.auth_asym_id_3 
_pdbx_validate_rmsd_angle.auth_comp_id_3 
_pdbx_validate_rmsd_angle.auth_seq_id_3 
_pdbx_validate_rmsd_angle.PDB_ins_code_3 
_pdbx_validate_rmsd_angle.label_alt_id_3 
_pdbx_validate_rmsd_angle.angle_value 
_pdbx_validate_rmsd_angle.angle_target_value 
_pdbx_validate_rmsd_angle.angle_deviation 
_pdbx_validate_rmsd_angle.angle_standard_deviation 
_pdbx_validate_rmsd_angle.linker_flag 
1 1 "C3'" A GTP 1  ? ? "O3'" A GTP 1  ? ? P     A G 2  ? ? 143.20 119.70 23.50  1.20 Y 
2 1 "O3'" A GTP 1  ? ? P     A G   2  ? ? "O5'" A G 2  ? ? 79.69  104.00 -24.31 1.90 Y 
3 1 "O3'" A GTP 1  ? ? P     A G   2  ? ? OP2   A G 2  ? ? 72.74  105.20 -32.46 2.20 Y 
4 1 "O3'" A GTP 1  ? ? P     A G   2  ? ? OP1   A G 2  ? ? 74.52  105.20 -30.68 2.20 Y 
5 1 N1    A A   25 ? ? C6    A A   25 ? ? N6    A A 25 ? ? 122.22 118.60 3.62   0.60 N 
# 
loop_
_chem_comp_atom.comp_id 
_chem_comp_atom.atom_id 
_chem_comp_atom.type_symbol 
_chem_comp_atom.pdbx_aromatic_flag 
_chem_comp_atom.pdbx_stereo_config 
_chem_comp_atom.pdbx_ordinal 
A   OP3    O  N N 1   
A   P      P  N N 2   
A   OP1    O  N N 3   
A   OP2    O  N N 4   
A   "O5'"  O  N N 5   
A   "C5'"  C  N N 6   
A   "C4'"  C  N R 7   
A   "O4'"  O  N N 8   
A   "C3'"  C  N S 9   
A   "O3'"  O  N N 10  
A   "C2'"  C  N R 11  
A   "O2'"  O  N N 12  
A   "C1'"  C  N R 13  
A   N9     N  Y N 14  
A   C8     C  Y N 15  
A   N7     N  Y N 16  
A   C5     C  Y N 17  
A   C6     C  Y N 18  
A   N6     N  N N 19  
A   N1     N  Y N 20  
A   C2     C  Y N 21  
A   N3     N  Y N 22  
A   C4     C  Y N 23  
A   HOP3   H  N N 24  
A   HOP2   H  N N 25  
A   "H5'"  H  N N 26  
A   "H5''" H  N N 27  
A   "H4'"  H  N N 28  
A   "H3'"  H  N N 29  
A   "HO3'" H  N N 30  
A   "H2'"  H  N N 31  
A   "HO2'" H  N N 32  
A   "H1'"  H  N N 33  
A   H8     H  N N 34  
A   H61    H  N N 35  
A   H62    H  N N 36  
A   H2     H  N N 37  
C   OP3    O  N N 38  
C   P      P  N N 39  
C   OP1    O  N N 40  
C   OP2    O  N N 41  
C   "O5'"  O  N N 42  
C   "C5'"  C  N N 43  
C   "C4'"  C  N R 44  
C   "O4'"  O  N N 45  
C   "C3'"  C  N S 46  
C   "O3'"  O  N N 47  
C   "C2'"  C  N R 48  
C   "O2'"  O  N N 49  
C   "C1'"  C  N R 50  
C   N1     N  N N 51  
C   C2     C  N N 52  
C   O2     O  N N 53  
C   N3     N  N N 54  
C   C4     C  N N 55  
C   N4     N  N N 56  
C   C5     C  N N 57  
C   C6     C  N N 58  
C   HOP3   H  N N 59  
C   HOP2   H  N N 60  
C   "H5'"  H  N N 61  
C   "H5''" H  N N 62  
C   "H4'"  H  N N 63  
C   "H3'"  H  N N 64  
C   "HO3'" H  N N 65  
C   "H2'"  H  N N 66  
C   "HO2'" H  N N 67  
C   "H1'"  H  N N 68  
C   H41    H  N N 69  
C   H42    H  N N 70  
C   H5     H  N N 71  
C   H6     H  N N 72  
G   OP3    O  N N 73  
G   P      P  N N 74  
G   OP1    O  N N 75  
G   OP2    O  N N 76  
G   "O5'"  O  N N 77  
G   "C5'"  C  N N 78  
G   "C4'"  C  N R 79  
G   "O4'"  O  N N 80  
G   "C3'"  C  N S 81  
G   "O3'"  O  N N 82  
G   "C2'"  C  N R 83  
G   "O2'"  O  N N 84  
G   "C1'"  C  N R 85  
G   N9     N  Y N 86  
G   C8     C  Y N 87  
G   N7     N  Y N 88  
G   C5     C  Y N 89  
G   C6     C  N N 90  
G   O6     O  N N 91  
G   N1     N  N N 92  
G   C2     C  N N 93  
G   N2     N  N N 94  
G   N3     N  N N 95  
G   C4     C  Y N 96  
G   HOP3   H  N N 97  
G   HOP2   H  N N 98  
G   "H5'"  H  N N 99  
G   "H5''" H  N N 100 
G   "H4'"  H  N N 101 
G   "H3'"  H  N N 102 
G   "HO3'" H  N N 103 
G   "H2'"  H  N N 104 
G   "HO2'" H  N N 105 
G   "H1'"  H  N N 106 
G   H8     H  N N 107 
G   H1     H  N N 108 
G   H21    H  N N 109 
G   H22    H  N N 110 
GTP PG     P  N N 111 
GTP O1G    O  N N 112 
GTP O2G    O  N N 113 
GTP O3G    O  N N 114 
GTP O3B    O  N N 115 
GTP PB     P  N N 116 
GTP O1B    O  N N 117 
GTP O2B    O  N N 118 
GTP O3A    O  N N 119 
GTP PA     P  N N 120 
GTP O1A    O  N N 121 
GTP O2A    O  N N 122 
GTP "O5'"  O  N N 123 
GTP "C5'"  C  N N 124 
GTP "C4'"  C  N R 125 
GTP "O4'"  O  N N 126 
GTP "C3'"  C  N S 127 
GTP "O3'"  O  N N 128 
GTP "C2'"  C  N R 129 
GTP "O2'"  O  N N 130 
GTP "C1'"  C  N R 131 
GTP N9     N  Y N 132 
GTP C8     C  Y N 133 
GTP N7     N  Y N 134 
GTP C5     C  Y N 135 
GTP C6     C  N N 136 
GTP O6     O  N N 137 
GTP N1     N  N N 138 
GTP C2     C  N N 139 
GTP N2     N  N N 140 
GTP N3     N  N N 141 
GTP C4     C  Y N 142 
GTP HOG2   H  N N 143 
GTP HOG3   H  N N 144 
GTP HOB2   H  N N 145 
GTP HOA2   H  N N 146 
GTP "H5'"  H  N N 147 
GTP "H5''" H  N N 148 
GTP "H4'"  H  N N 149 
GTP "H3'"  H  N N 150 
GTP "HO3'" H  N N 151 
GTP "H2'"  H  N N 152 
GTP "HO2'" H  N N 153 
GTP "H1'"  H  N N 154 
GTP H8     H  N N 155 
GTP HN1    H  N N 156 
GTP HN21   H  N N 157 
GTP HN22   H  N N 158 
HOH O      O  N N 159 
HOH H1     H  N N 160 
HOH H2     H  N N 161 
MG  MG     MG N N 162 
MN  MN     MN N N 163 
U   OP3    O  N N 164 
U   P      P  N N 165 
U   OP1    O  N N 166 
U   OP2    O  N N 167 
U   "O5'"  O  N N 168 
U   "C5'"  C  N N 169 
U   "C4'"  C  N R 170 
U   "O4'"  O  N N 171 
U   "C3'"  C  N S 172 
U   "O3'"  O  N N 173 
U   "C2'"  C  N R 174 
U   "O2'"  O  N N 175 
U   "C1'"  C  N R 176 
U   N1     N  N N 177 
U   C2     C  N N 178 
U   O2     O  N N 179 
U   N3     N  N N 180 
U   C4     C  N N 181 
U   O4     O  N N 182 
U   C5     C  N N 183 
U   C6     C  N N 184 
U   HOP3   H  N N 185 
U   HOP2   H  N N 186 
U   "H5'"  H  N N 187 
U   "H5''" H  N N 188 
U   "H4'"  H  N N 189 
U   "H3'"  H  N N 190 
U   "HO3'" H  N N 191 
U   "H2'"  H  N N 192 
U   "HO2'" H  N N 193 
U   "H1'"  H  N N 194 
U   H3     H  N N 195 
U   H5     H  N N 196 
U   H6     H  N N 197 
# 
loop_
_chem_comp_bond.comp_id 
_chem_comp_bond.atom_id_1 
_chem_comp_bond.atom_id_2 
_chem_comp_bond.value_order 
_chem_comp_bond.pdbx_aromatic_flag 
_chem_comp_bond.pdbx_stereo_config 
_chem_comp_bond.pdbx_ordinal 
A   OP3   P      sing N N 1   
A   OP3   HOP3   sing N N 2   
A   P     OP1    doub N N 3   
A   P     OP2    sing N N 4   
A   P     "O5'"  sing N N 5   
A   OP2   HOP2   sing N N 6   
A   "O5'" "C5'"  sing N N 7   
A   "C5'" "C4'"  sing N N 8   
A   "C5'" "H5'"  sing N N 9   
A   "C5'" "H5''" sing N N 10  
A   "C4'" "O4'"  sing N N 11  
A   "C4'" "C3'"  sing N N 12  
A   "C4'" "H4'"  sing N N 13  
A   "O4'" "C1'"  sing N N 14  
A   "C3'" "O3'"  sing N N 15  
A   "C3'" "C2'"  sing N N 16  
A   "C3'" "H3'"  sing N N 17  
A   "O3'" "HO3'" sing N N 18  
A   "C2'" "O2'"  sing N N 19  
A   "C2'" "C1'"  sing N N 20  
A   "C2'" "H2'"  sing N N 21  
A   "O2'" "HO2'" sing N N 22  
A   "C1'" N9     sing N N 23  
A   "C1'" "H1'"  sing N N 24  
A   N9    C8     sing Y N 25  
A   N9    C4     sing Y N 26  
A   C8    N7     doub Y N 27  
A   C8    H8     sing N N 28  
A   N7    C5     sing Y N 29  
A   C5    C6     sing Y N 30  
A   C5    C4     doub Y N 31  
A   C6    N6     sing N N 32  
A   C6    N1     doub Y N 33  
A   N6    H61    sing N N 34  
A   N6    H62    sing N N 35  
A   N1    C2     sing Y N 36  
A   C2    N3     doub Y N 37  
A   C2    H2     sing N N 38  
A   N3    C4     sing Y N 39  
C   OP3   P      sing N N 40  
C   OP3   HOP3   sing N N 41  
C   P     OP1    doub N N 42  
C   P     OP2    sing N N 43  
C   P     "O5'"  sing N N 44  
C   OP2   HOP2   sing N N 45  
C   "O5'" "C5'"  sing N N 46  
C   "C5'" "C4'"  sing N N 47  
C   "C5'" "H5'"  sing N N 48  
C   "C5'" "H5''" sing N N 49  
C   "C4'" "O4'"  sing N N 50  
C   "C4'" "C3'"  sing N N 51  
C   "C4'" "H4'"  sing N N 52  
C   "O4'" "C1'"  sing N N 53  
C   "C3'" "O3'"  sing N N 54  
C   "C3'" "C2'"  sing N N 55  
C   "C3'" "H3'"  sing N N 56  
C   "O3'" "HO3'" sing N N 57  
C   "C2'" "O2'"  sing N N 58  
C   "C2'" "C1'"  sing N N 59  
C   "C2'" "H2'"  sing N N 60  
C   "O2'" "HO2'" sing N N 61  
C   "C1'" N1     sing N N 62  
C   "C1'" "H1'"  sing N N 63  
C   N1    C2     sing N N 64  
C   N1    C6     sing N N 65  
C   C2    O2     doub N N 66  
C   C2    N3     sing N N 67  
C   N3    C4     doub N N 68  
C   C4    N4     sing N N 69  
C   C4    C5     sing N N 70  
C   N4    H41    sing N N 71  
C   N4    H42    sing N N 72  
C   C5    C6     doub N N 73  
C   C5    H5     sing N N 74  
C   C6    H6     sing N N 75  
G   OP3   P      sing N N 76  
G   OP3   HOP3   sing N N 77  
G   P     OP1    doub N N 78  
G   P     OP2    sing N N 79  
G   P     "O5'"  sing N N 80  
G   OP2   HOP2   sing N N 81  
G   "O5'" "C5'"  sing N N 82  
G   "C5'" "C4'"  sing N N 83  
G   "C5'" "H5'"  sing N N 84  
G   "C5'" "H5''" sing N N 85  
G   "C4'" "O4'"  sing N N 86  
G   "C4'" "C3'"  sing N N 87  
G   "C4'" "H4'"  sing N N 88  
G   "O4'" "C1'"  sing N N 89  
G   "C3'" "O3'"  sing N N 90  
G   "C3'" "C2'"  sing N N 91  
G   "C3'" "H3'"  sing N N 92  
G   "O3'" "HO3'" sing N N 93  
G   "C2'" "O2'"  sing N N 94  
G   "C2'" "C1'"  sing N N 95  
G   "C2'" "H2'"  sing N N 96  
G   "O2'" "HO2'" sing N N 97  
G   "C1'" N9     sing N N 98  
G   "C1'" "H1'"  sing N N 99  
G   N9    C8     sing Y N 100 
G   N9    C4     sing Y N 101 
G   C8    N7     doub Y N 102 
G   C8    H8     sing N N 103 
G   N7    C5     sing Y N 104 
G   C5    C6     sing N N 105 
G   C5    C4     doub Y N 106 
G   C6    O6     doub N N 107 
G   C6    N1     sing N N 108 
G   N1    C2     sing N N 109 
G   N1    H1     sing N N 110 
G   C2    N2     sing N N 111 
G   C2    N3     doub N N 112 
G   N2    H21    sing N N 113 
G   N2    H22    sing N N 114 
G   N3    C4     sing N N 115 
GTP PG    O1G    doub N N 116 
GTP PG    O2G    sing N N 117 
GTP PG    O3G    sing N N 118 
GTP PG    O3B    sing N N 119 
GTP O2G   HOG2   sing N N 120 
GTP O3G   HOG3   sing N N 121 
GTP O3B   PB     sing N N 122 
GTP PB    O1B    doub N N 123 
GTP PB    O2B    sing N N 124 
GTP PB    O3A    sing N N 125 
GTP O2B   HOB2   sing N N 126 
GTP O3A   PA     sing N N 127 
GTP PA    O1A    doub N N 128 
GTP PA    O2A    sing N N 129 
GTP PA    "O5'"  sing N N 130 
GTP O2A   HOA2   sing N N 131 
GTP "O5'" "C5'"  sing N N 132 
GTP "C5'" "C4'"  sing N N 133 
GTP "C5'" "H5'"  sing N N 134 
GTP "C5'" "H5''" sing N N 135 
GTP "C4'" "O4'"  sing N N 136 
GTP "C4'" "C3'"  sing N N 137 
GTP "C4'" "H4'"  sing N N 138 
GTP "O4'" "C1'"  sing N N 139 
GTP "C3'" "O3'"  sing N N 140 
GTP "C3'" "C2'"  sing N N 141 
GTP "C3'" "H3'"  sing N N 142 
GTP "O3'" "HO3'" sing N N 143 
GTP "C2'" "O2'"  sing N N 144 
GTP "C2'" "C1'"  sing N N 145 
GTP "C2'" "H2'"  sing N N 146 
GTP "O2'" "HO2'" sing N N 147 
GTP "C1'" N9     sing N N 148 
GTP "C1'" "H1'"  sing N N 149 
GTP N9    C8     sing Y N 150 
GTP N9    C4     sing Y N 151 
GTP C8    N7     doub Y N 152 
GTP C8    H8     sing N N 153 
GTP N7    C5     sing Y N 154 
GTP C5    C6     sing N N 155 
GTP C5    C4     doub Y N 156 
GTP C6    O6     doub N N 157 
GTP C6    N1     sing N N 158 
GTP N1    C2     sing N N 159 
GTP N1    HN1    sing N N 160 
GTP C2    N2     sing N N 161 
GTP C2    N3     doub N N 162 
GTP N2    HN21   sing N N 163 
GTP N2    HN22   sing N N 164 
GTP N3    C4     sing N N 165 
HOH O     H1     sing N N 166 
HOH O     H2     sing N N 167 
U   OP3   P      sing N N 168 
U   OP3   HOP3   sing N N 169 
U   P     OP1    doub N N 170 
U   P     OP2    sing N N 171 
U   P     "O5'"  sing N N 172 
U   OP2   HOP2   sing N N 173 
U   "O5'" "C5'"  sing N N 174 
U   "C5'" "C4'"  sing N N 175 
U   "C5'" "H5'"  sing N N 176 
U   "C5'" "H5''" sing N N 177 
U   "C4'" "O4'"  sing N N 178 
U   "C4'" "C3'"  sing N N 179 
U   "C4'" "H4'"  sing N N 180 
U   "O4'" "C1'"  sing N N 181 
U   "C3'" "O3'"  sing N N 182 
U   "C3'" "C2'"  sing N N 183 
U   "C3'" "H3'"  sing N N 184 
U   "O3'" "HO3'" sing N N 185 
U   "C2'" "O2'"  sing N N 186 
U   "C2'" "C1'"  sing N N 187 
U   "C2'" "H2'"  sing N N 188 
U   "O2'" "HO2'" sing N N 189 
U   "C1'" N1     sing N N 190 
U   "C1'" "H1'"  sing N N 191 
U   N1    C2     sing N N 192 
U   N1    C6     sing N N 193 
U   C2    O2     doub N N 194 
U   C2    N3     sing N N 195 
U   N3    C4     sing N N 196 
U   N3    H3     sing N N 197 
U   C4    O4     doub N N 198 
U   C4    C5     sing N N 199 
U   C5    C6     doub N N 200 
U   C5    H5     sing N N 201 
U   C6    H6     sing N N 202 
# 
loop_
_ndb_struct_conf_na.entry_id 
_ndb_struct_conf_na.feature 
7JRR 'double helix'         
7JRR 'a-form double helix'  
7JRR 'hairpin loop'         
7JRR 'mismatched base pair' 
7JRR 'triple helix'         
# 
loop_
_ndb_struct_na_base_pair.model_number 
_ndb_struct_na_base_pair.i_label_asym_id 
_ndb_struct_na_base_pair.i_label_comp_id 
_ndb_struct_na_base_pair.i_label_seq_id 
_ndb_struct_na_base_pair.i_symmetry 
_ndb_struct_na_base_pair.j_label_asym_id 
_ndb_struct_na_base_pair.j_label_comp_id 
_ndb_struct_na_base_pair.j_label_seq_id 
_ndb_struct_na_base_pair.j_symmetry 
_ndb_struct_na_base_pair.shear 
_ndb_struct_na_base_pair.stretch 
_ndb_struct_na_base_pair.stagger 
_ndb_struct_na_base_pair.buckle 
_ndb_struct_na_base_pair.propeller 
_ndb_struct_na_base_pair.opening 
_ndb_struct_na_base_pair.pair_number 
_ndb_struct_na_base_pair.pair_name 
_ndb_struct_na_base_pair.i_auth_asym_id 
_ndb_struct_na_base_pair.i_auth_seq_id 
_ndb_struct_na_base_pair.i_PDB_ins_code 
_ndb_struct_na_base_pair.j_auth_asym_id 
_ndb_struct_na_base_pair.j_auth_seq_id 
_ndb_struct_na_base_pair.j_PDB_ins_code 
_ndb_struct_na_base_pair.hbond_type_28 
_ndb_struct_na_base_pair.hbond_type_12 
1 A G 27 1_555 A A   8  1_555 6.531  -4.531 0.349  17.514  23.153  4.495  1  A_G27:A8_A   A 27 ? A 8  ? 11 10 
1 A A 28 1_555 A G   7  1_555 -6.454 -4.751 0.653  -22.838 -3.073  1.910  2  A_A28:G7_A   A 28 ? A 7  ? 11 10 
1 A A 29 1_555 A G   6  1_555 -6.639 -3.999 0.097  6.628   -10.521 -2.588 3  A_A29:G6_A   A 29 ? A 6  ? 11 10 
1 A C 30 1_555 A G   5  1_555 -0.231 -0.209 -0.285 5.992   -13.329 -0.370 4  A_C30:G5_A   A 30 ? A 5  ? 19 1  
1 A G 31 1_555 A C   4  1_555 -0.251 -0.242 0.101  5.463   -6.744  1.016  5  A_G31:C4_A   A 31 ? A 4  ? 19 1  
1 A U 32 1_555 A A   3  1_555 -0.058 -0.162 0.172  4.009   -9.700  6.708  6  A_U32:A3_A   A 32 ? A 3  ? 20 1  
1 A C 33 1_555 A G   2  1_555 0.239  -0.166 -0.281 6.352   -12.482 6.420  7  A_C33:G2_A   A 33 ? A 2  ? 19 1  
1 A C 34 1_555 A GTP 1  1_555 0.683  -0.211 -0.041 -2.935  -8.076  -5.839 8  A_C34:GTP1_A A 34 ? A 1  ? 19 1  
1 A C 35 1_555 A G   51 1_555 0.593  0.055  0.137  -5.272  -6.491  8.616  9  A_C35:G51_A  A 35 ? A 51 ? 19 1  
1 A G 36 1_555 A C   50 1_555 -0.011 -0.100 0.056  -1.783  -15.599 -0.410 10 A_G36:C50_A  A 36 ? A 50 ? 19 1  
1 A A 37 1_555 A U   49 1_555 0.227  0.222  0.505  -1.251  -10.303 8.918  11 A_A37:U49_A  A 37 ? A 49 ? 20 1  
1 A C 38 1_555 A G   48 1_555 0.076  -0.374 0.089  -2.098  -8.944  2.734  12 A_C38:G48_A  A 38 ? A 48 ? 19 1  
1 A G 39 1_555 A C   47 1_555 -0.061 -0.412 0.319  -2.380  -6.685  -2.583 13 A_G39:C47_A  A 39 ? A 47 ? 19 1  
1 A G 9  1_555 A C   23 1_555 -0.147 -0.287 -0.351 -1.535  -1.433  -0.660 14 A_G9:C23_A   A 9  ? A 23 ? 19 1  
1 A C 10 1_555 A G   22 1_555 0.372  -0.259 -0.436 3.357   -8.456  -0.431 15 A_C10:G22_A  A 10 ? A 22 ? 19 1  
1 A U 11 1_555 A A   21 1_555 0.185  -0.078 0.090  -6.619  -11.422 9.512  16 A_U11:A21_A  A 11 ? A 21 ? 20 1  
1 A G 12 1_555 A C   20 1_555 -0.128 -0.109 0.022  -0.544  -15.760 -0.408 17 A_G12:C20_A  A 12 ? A 20 ? 19 1  
# 
loop_
_ndb_struct_na_base_pair_step.model_number 
_ndb_struct_na_base_pair_step.i_label_asym_id_1 
_ndb_struct_na_base_pair_step.i_label_comp_id_1 
_ndb_struct_na_base_pair_step.i_label_seq_id_1 
_ndb_struct_na_base_pair_step.i_symmetry_1 
_ndb_struct_na_base_pair_step.j_label_asym_id_1 
_ndb_struct_na_base_pair_step.j_label_comp_id_1 
_ndb_struct_na_base_pair_step.j_label_seq_id_1 
_ndb_struct_na_base_pair_step.j_symmetry_1 
_ndb_struct_na_base_pair_step.i_label_asym_id_2 
_ndb_struct_na_base_pair_step.i_label_comp_id_2 
_ndb_struct_na_base_pair_step.i_label_seq_id_2 
_ndb_struct_na_base_pair_step.i_symmetry_2 
_ndb_struct_na_base_pair_step.j_label_asym_id_2 
_ndb_struct_na_base_pair_step.j_label_comp_id_2 
_ndb_struct_na_base_pair_step.j_label_seq_id_2 
_ndb_struct_na_base_pair_step.j_symmetry_2 
_ndb_struct_na_base_pair_step.shift 
_ndb_struct_na_base_pair_step.slide 
_ndb_struct_na_base_pair_step.rise 
_ndb_struct_na_base_pair_step.tilt 
_ndb_struct_na_base_pair_step.roll 
_ndb_struct_na_base_pair_step.twist 
_ndb_struct_na_base_pair_step.x_displacement 
_ndb_struct_na_base_pair_step.y_displacement 
_ndb_struct_na_base_pair_step.helical_rise 
_ndb_struct_na_base_pair_step.inclination 
_ndb_struct_na_base_pair_step.tip 
_ndb_struct_na_base_pair_step.helical_twist 
_ndb_struct_na_base_pair_step.step_number 
_ndb_struct_na_base_pair_step.step_name 
_ndb_struct_na_base_pair_step.i_auth_asym_id_1 
_ndb_struct_na_base_pair_step.i_auth_seq_id_1 
_ndb_struct_na_base_pair_step.i_PDB_ins_code_1 
_ndb_struct_na_base_pair_step.j_auth_asym_id_1 
_ndb_struct_na_base_pair_step.j_auth_seq_id_1 
_ndb_struct_na_base_pair_step.j_PDB_ins_code_1 
_ndb_struct_na_base_pair_step.i_auth_asym_id_2 
_ndb_struct_na_base_pair_step.i_auth_seq_id_2 
_ndb_struct_na_base_pair_step.i_PDB_ins_code_2 
_ndb_struct_na_base_pair_step.j_auth_asym_id_2 
_ndb_struct_na_base_pair_step.j_auth_seq_id_2 
_ndb_struct_na_base_pair_step.j_PDB_ins_code_2 
1 A G 27 1_555 A A   8  1_555 A A 28 1_555 A G   7  1_555 -0.903 -1.440 4.467 -4.773  -9.011 -10.608 14.668  -8.316 2.055 38.868 
-20.589 -14.704 1  AA_G27A28:G7A8_AA    A 27 ? A 8  ? A 28 ? A 7  ? 
1 A A 28 1_555 A G   7  1_555 A A 29 1_555 A G   6  1_555 0.048  -1.002 2.883 -10.534 4.577  29.585  -2.560  -1.755 2.539 8.568  
19.718  31.690  2  AA_A28A29:G6G7_AA    A 28 ? A 7  ? A 29 ? A 6  ? 
1 A A 29 1_555 A G   6  1_555 A C 30 1_555 A G   5  1_555 0.503  -0.725 3.447 0.125   6.627  62.663  -1.003  -0.475 3.364 6.353  
-0.120  62.977  3  AA_A29C30:G5G6_AA    A 29 ? A 6  ? A 30 ? A 5  ? 
1 A C 30 1_555 A G   5  1_555 A G 31 1_555 A C   4  1_555 -0.623 -1.874 3.317 -4.032  11.726 25.083  -6.410  0.422  2.298 25.133 
8.642   27.937  4  AA_C30G31:C4G5_AA    A 30 ? A 5  ? A 31 ? A 4  ? 
1 A G 31 1_555 A C   4  1_555 A U 32 1_555 A A   3  1_555 -0.083 -1.453 3.379 -3.110  10.130 31.364  -4.213  -0.363 2.784 18.104 
5.557   33.063  5  AA_G31U32:A3C4_AA    A 31 ? A 4  ? A 32 ? A 3  ? 
1 A U 32 1_555 A A   3  1_555 A C 33 1_555 A G   2  1_555 0.369  -1.469 3.077 3.788   8.465  33.413  -3.632  -0.099 2.662 14.382 
-6.436  34.641  6  AA_U32C33:G2A3_AA    A 32 ? A 3  ? A 33 ? A 2  ? 
1 A C 33 1_555 A G   2  1_555 A C 34 1_555 A GTP 1  1_555 0.185  -1.802 3.381 2.950   8.997  36.899  -3.875  0.081  2.884 13.934 
-4.569  38.054  7  AA_C33C34:GTP1G2_AA  A 33 ? A 2  ? A 34 ? A 1  ? 
1 A C 34 1_555 A GTP 1  1_555 A C 35 1_555 A G   51 1_555 -1.139 -2.551 3.246 0.962   9.494  10.761  -16.097 5.150  0.677 41.462 
-4.202  14.373  8  AA_C34C35:G51GTP1_AA A 34 ? A 1  ? A 35 ? A 51 ? 
1 A C 35 1_555 A G   51 1_555 A G 36 1_555 A C   50 1_555 -0.226 -1.750 3.095 -0.429  10.148 29.996  -4.829  0.346  2.393 18.935 
0.800   31.632  9  AA_C35G36:C50G51_AA  A 35 ? A 51 ? A 36 ? A 50 ? 
1 A G 36 1_555 A C   50 1_555 A A 37 1_555 A U   49 1_555 0.189  -1.360 3.113 -1.674  0.459  34.127  -2.384  -0.573 3.082 0.782  
2.850   34.169  10 AA_G36A37:U49C50_AA  A 36 ? A 50 ? A 37 ? A 49 ? 
1 A A 37 1_555 A U   49 1_555 A C 38 1_555 A G   48 1_555 -0.191 -1.549 3.235 4.537   4.079  30.834  -3.592  1.165  2.953 7.580  
-8.430  31.417  11 AA_A37C38:G48U49_AA  A 37 ? A 49 ? A 38 ? A 48 ? 
1 A C 38 1_555 A G   48 1_555 A G 39 1_555 A C   47 1_555 0.215  -1.719 3.076 3.449   15.364 30.563  -4.910  0.084  2.019 27.013 
-6.064  34.294  12 AA_C38G39:C47G48_AA  A 38 ? A 48 ? A 39 ? A 47 ? 
1 A G 9  1_555 A C   23 1_555 A C 10 1_555 A G   22 1_555 -0.373 -2.258 3.244 0.825   2.295  29.844  -4.829  0.886  3.055 4.447  
-1.598  29.941  13 AA_G9C10:G22C23_AA   A 9  ? A 23 ? A 10 ? A 22 ? 
1 A C 10 1_555 A G   22 1_555 A U 11 1_555 A A   21 1_555 -0.080 -1.787 3.579 -3.124  8.647  28.692  -5.243  -0.497 2.921 16.909 
6.109   30.100  14 AA_C10U11:A21G22_AA  A 10 ? A 22 ? A 11 ? A 21 ? 
1 A U 11 1_555 A A   21 1_555 A G 12 1_555 A C   20 1_555 -0.688 -1.454 3.210 3.345   8.114  28.459  -4.378  1.977  2.609 16.029 
-6.609  29.755  15 AA_U11G12:C20A21_AA  A 11 ? A 21 ? A 12 ? A 20 ? 
# 
_pdbx_audit_support.funding_organization   'National Science Foundation (NSF, United States)' 
_pdbx_audit_support.country                'United States' 
_pdbx_audit_support.grant_number           1555361 
_pdbx_audit_support.ordinal                1 
# 
loop_
_pdbx_entity_nonpoly.entity_id 
_pdbx_entity_nonpoly.name 
_pdbx_entity_nonpoly.comp_id 
2 'MAGNESIUM ION'      MG  
3 'MANGANESE (II) ION' MN  
4 water                HOH 
# 
_pdbx_initial_refinement_model.id               1 
_pdbx_initial_refinement_model.entity_id_list   ? 
_pdbx_initial_refinement_model.type             'experimental model' 
_pdbx_initial_refinement_model.source_name      PDB 
_pdbx_initial_refinement_model.accession_code   2NOK 
_pdbx_initial_refinement_model.details          'PDB ID: 2NOK' 
# 
_pdbx_struct_assembly_auth_evidence.id                     1 
_pdbx_struct_assembly_auth_evidence.assembly_id            1 
_pdbx_struct_assembly_auth_evidence.experimental_support   'native gel electrophoresis' 
_pdbx_struct_assembly_auth_evidence.details                ? 
# 
